data_5ECK
#
_entry.id   5ECK
#
_cell.length_a   53.857
_cell.length_b   53.853
_cell.length_c   196.399
_cell.angle_alpha   92.330
_cell.angle_beta   97.160
_cell.angle_gamma   113.480
#
_symmetry.space_group_name_H-M   'P 1'
#
loop_
_entity.id
_entity.type
_entity.pdbx_description
1 polymer 'Jasmonic acid-amido synthetase JAR1'
2 polymer 'Glutathione S-transferase U20'
3 non-polymer ISOLEUCINE
4 non-polymer "ADENOSINE-5'-TRIPHOSPHATE"
5 non-polymer '{(1R,2R)-3-oxo-2-[(2Z)-pent-2-en-1-yl]cyclopentyl}acetic acid'
6 non-polymer GLUTATHIONE
7 water water
#
loop_
_entity_poly.entity_id
_entity_poly.type
_entity_poly.pdbx_seq_one_letter_code
_entity_poly.pdbx_strand_id
1 'polypeptide(L)'
;MLEKVETFDMNRVIDEFDEMTRNAHQVQKQTLKEILLKNQSAIYLQNCGLNGNATDPEEAFKSMVPLVTDVELEPYIKRM
VDGDTSPILTGHPVPAISLSSGTSQGRPKFIPFTDELMENTLQLFRTAFAFRNRDFPIDDNGKALQFIFSSKQYISTGGV
PVGTATTNVYRNPNFKAGMKSITSPSCSPDEVIFSPDVHQALYCHLLSGILFRDQVQYVFAVFAHGLVHAFRTFEQVWEE
IVTDIKDGVLSNRITVPSVRTAMSKLLTPNPELAETIRTKCMSLSNWYGLIPALFPNAKYVYGIMTGSMEPYVPKLRHYA
GDLPLVSHDYGSSEGWIAANVTPRLSPEEATFAVIPNLGYFEFLPVSETGEGEEKPVGLTQVKIGEEYEVVITNYAGLYR
YRLGDVVKVIGFYNNTPQLKFICRRNLILSINIDKNTERDLQLSVESAAKRLSEEKIEVIDFSSYIDVSTDPGHYAIFWE
ISGETNEDVLQDCCNCLDRAFIDAGYVSSRKCKTIGALELRVVAKGTFRKIQEHFLGLGSSAGQFKMPRCVKPSNAKVLQ
ILCENVVSSYFSTAF
;
A,D
2 'polypeptide(L)'
;HHHHHHMANLPILLDYWPSMFGMRARVALREKGVEFEYREEDFSNKSPLLLQSNPIHKKIPVLVHNGKPVCESLNVVQYV
DEAWPEKNPFFPSDPYGRAQARFWADFVDKKFTDAQFKVWGKKGEEQEAGKKEFIEAVKILESELGDKPYFGGDSFGYVD
ISLITFSSWFQAYEKFGNFSIESESPKLIAWAKRCMEKESVSKSLPDSEKIVAYAAEYRKNNL
;
B,C,E,F
#
# COMPACT_ATOMS: atom_id res chain seq x y z
N THR A 7 -67.55 -63.34 26.14
CA THR A 7 -66.64 -63.53 27.25
C THR A 7 -65.43 -64.35 26.80
N PHE A 8 -64.26 -63.74 26.85
CA PHE A 8 -63.03 -64.38 26.35
C PHE A 8 -62.55 -65.55 27.23
N ASP A 9 -62.39 -66.74 26.66
CA ASP A 9 -61.73 -67.86 27.35
C ASP A 9 -60.86 -68.58 26.33
N MET A 10 -59.83 -69.26 26.82
CA MET A 10 -58.82 -69.90 26.00
C MET A 10 -59.25 -71.17 25.25
N ASN A 11 -59.68 -72.18 26.01
CA ASN A 11 -59.98 -73.50 25.47
C ASN A 11 -61.18 -73.56 24.52
N ARG A 12 -62.29 -72.98 24.92
CA ARG A 12 -63.50 -73.01 24.10
C ARG A 12 -63.33 -72.22 22.82
N VAL A 13 -62.61 -71.10 22.89
CA VAL A 13 -62.48 -70.23 21.72
C VAL A 13 -61.61 -70.91 20.67
N ILE A 14 -60.59 -71.62 21.10
CA ILE A 14 -59.66 -72.24 20.17
C ILE A 14 -60.33 -73.47 19.58
N ASP A 15 -61.20 -74.11 20.37
CA ASP A 15 -61.87 -75.33 19.95
C ASP A 15 -62.89 -75.00 18.89
N GLU A 16 -63.72 -74.00 19.15
CA GLU A 16 -64.65 -73.53 18.14
C GLU A 16 -63.88 -73.09 16.89
N PHE A 17 -62.66 -72.59 17.09
CA PHE A 17 -61.82 -72.13 15.99
C PHE A 17 -61.35 -73.34 15.20
N ASP A 18 -60.87 -74.33 15.93
CA ASP A 18 -60.41 -75.58 15.36
C ASP A 18 -61.54 -76.20 14.54
N GLU A 19 -62.70 -76.36 15.16
CA GLU A 19 -63.92 -76.86 14.50
C GLU A 19 -64.35 -75.99 13.30
N MET A 20 -64.20 -74.69 13.43
CA MET A 20 -64.57 -73.73 12.38
C MET A 20 -63.66 -73.89 11.18
N THR A 21 -62.42 -74.22 11.45
CA THR A 21 -61.39 -74.30 10.42
C THR A 21 -61.51 -75.59 9.60
N ARG A 22 -61.83 -76.68 10.27
CA ARG A 22 -62.05 -77.95 9.57
C ARG A 22 -63.38 -77.82 8.84
N ASN A 23 -64.30 -77.08 9.45
CA ASN A 23 -65.54 -76.72 8.82
C ASN A 23 -65.36 -75.76 7.66
N ALA A 24 -64.10 -75.42 7.34
CA ALA A 24 -63.76 -74.36 6.39
C ALA A 24 -64.73 -74.18 5.24
N HIS A 25 -65.15 -75.29 4.62
CA HIS A 25 -66.04 -75.26 3.48
C HIS A 25 -67.47 -74.87 3.84
N GLN A 26 -68.03 -75.46 4.91
CA GLN A 26 -69.39 -75.08 5.32
C GLN A 26 -69.48 -73.60 5.58
N VAL A 27 -68.47 -73.12 6.29
CA VAL A 27 -68.48 -71.76 6.82
C VAL A 27 -68.13 -70.74 5.73
N GLN A 28 -67.17 -71.07 4.88
CA GLN A 28 -66.89 -70.28 3.67
C GLN A 28 -68.16 -70.18 2.84
N LYS A 29 -68.75 -71.34 2.56
CA LYS A 29 -69.93 -71.45 1.71
C LYS A 29 -71.12 -70.78 2.36
N GLN A 30 -71.28 -70.98 3.67
CA GLN A 30 -72.34 -70.29 4.42
C GLN A 30 -72.03 -68.79 4.51
N THR A 31 -70.75 -68.43 4.58
CA THR A 31 -70.36 -67.03 4.64
C THR A 31 -70.80 -66.33 3.37
N LEU A 32 -70.73 -67.05 2.25
CA LEU A 32 -71.20 -66.51 0.98
C LEU A 32 -72.71 -66.31 1.03
N LYS A 33 -73.41 -67.25 1.66
CA LYS A 33 -74.86 -67.18 1.74
C LYS A 33 -75.32 -66.00 2.55
N GLU A 34 -74.73 -65.82 3.74
CA GLU A 34 -75.21 -64.73 4.57
C GLU A 34 -74.73 -63.38 4.05
N ILE A 35 -73.64 -63.33 3.27
CA ILE A 35 -73.19 -62.05 2.74
C ILE A 35 -74.19 -61.66 1.68
N LEU A 36 -74.74 -62.63 0.98
CA LEU A 36 -75.69 -62.26 -0.07
C LEU A 36 -77.14 -62.36 0.39
N LEU A 37 -77.39 -63.07 1.49
CA LEU A 37 -78.72 -63.04 2.11
C LEU A 37 -78.88 -61.69 2.72
N LYS A 38 -77.83 -61.24 3.41
CA LYS A 38 -77.83 -59.88 3.97
C LYS A 38 -78.05 -58.91 2.83
N ASN A 39 -77.47 -59.22 1.68
CA ASN A 39 -77.59 -58.31 0.55
C ASN A 39 -77.87 -58.97 -0.78
N GLN A 40 -79.10 -59.45 -0.96
CA GLN A 40 -79.53 -59.91 -2.26
C GLN A 40 -79.97 -58.72 -3.11
N SER A 41 -79.85 -57.54 -2.52
CA SER A 41 -80.38 -56.36 -3.18
C SER A 41 -79.37 -55.47 -3.86
N ALA A 42 -78.09 -55.87 -3.96
CA ALA A 42 -77.10 -55.06 -4.67
C ALA A 42 -77.49 -54.75 -6.14
N ILE A 43 -77.42 -53.47 -6.50
CA ILE A 43 -77.72 -53.03 -7.84
C ILE A 43 -76.72 -53.66 -8.79
N TYR A 44 -75.47 -53.80 -8.33
CA TYR A 44 -74.41 -54.41 -9.10
C TYR A 44 -74.82 -55.85 -9.48
N LEU A 45 -75.42 -56.55 -8.52
CA LEU A 45 -75.83 -57.93 -8.71
C LEU A 45 -77.06 -58.04 -9.64
N GLN A 46 -77.88 -57.00 -9.65
CA GLN A 46 -79.00 -56.92 -10.60
C GLN A 46 -78.50 -56.99 -12.05
N ASN A 47 -77.42 -56.27 -12.32
CA ASN A 47 -76.79 -56.33 -13.62
C ASN A 47 -76.01 -57.63 -13.81
N CYS A 48 -75.87 -58.40 -12.73
CA CYS A 48 -75.36 -59.75 -12.85
C CYS A 48 -76.53 -60.75 -12.88
N GLY A 49 -77.69 -60.36 -12.35
CA GLY A 49 -78.88 -61.20 -12.40
C GLY A 49 -79.08 -62.12 -11.19
N LEU A 50 -78.71 -61.64 -10.01
CA LEU A 50 -78.88 -62.43 -8.80
C LEU A 50 -80.23 -62.27 -8.13
N ASN A 51 -80.69 -63.34 -7.49
CA ASN A 51 -81.87 -63.27 -6.64
C ASN A 51 -81.63 -64.03 -5.34
N GLY A 52 -80.57 -64.83 -5.31
CA GLY A 52 -80.20 -65.59 -4.12
C GLY A 52 -80.75 -67.00 -4.14
N ASN A 53 -80.72 -67.64 -2.98
CA ASN A 53 -81.22 -69.02 -2.83
C ASN A 53 -80.70 -69.93 -3.94
N ALA A 54 -81.62 -70.51 -4.72
CA ALA A 54 -81.28 -71.48 -5.78
C ALA A 54 -80.52 -72.69 -5.25
N THR A 55 -80.19 -73.62 -6.14
CA THR A 55 -79.34 -74.75 -5.73
C THR A 55 -78.06 -74.80 -6.55
N ASP A 56 -77.86 -73.79 -7.40
CA ASP A 56 -76.55 -73.60 -8.00
C ASP A 56 -76.02 -72.21 -7.64
N PRO A 57 -76.13 -71.83 -6.36
CA PRO A 57 -75.99 -70.43 -5.95
C PRO A 57 -74.56 -69.94 -6.02
N GLU A 58 -73.65 -70.75 -5.49
CA GLU A 58 -72.22 -70.54 -5.53
C GLU A 58 -71.71 -70.49 -6.94
N GLU A 59 -72.08 -71.50 -7.71
CA GLU A 59 -71.72 -71.61 -9.11
C GLU A 59 -72.31 -70.42 -9.85
N ALA A 60 -73.56 -70.07 -9.52
CA ALA A 60 -74.21 -68.89 -10.08
C ALA A 60 -73.40 -67.62 -9.90
N PHE A 61 -72.79 -67.46 -8.75
CA PHE A 61 -72.01 -66.25 -8.49
C PHE A 61 -70.72 -66.25 -9.29
N LYS A 62 -70.14 -67.44 -9.49
CA LYS A 62 -68.84 -67.53 -10.10
C LYS A 62 -68.93 -67.54 -11.62
N SER A 63 -70.12 -67.83 -12.13
CA SER A 63 -70.36 -67.86 -13.57
C SER A 63 -70.97 -66.55 -14.10
N MET A 64 -71.74 -65.88 -13.25
CA MET A 64 -72.50 -64.69 -13.66
C MET A 64 -71.85 -63.37 -13.26
N VAL A 65 -71.06 -63.41 -12.19
CA VAL A 65 -70.60 -62.18 -11.57
C VAL A 65 -69.13 -61.92 -11.86
N PRO A 66 -68.87 -61.00 -12.79
CA PRO A 66 -67.55 -60.71 -13.33
C PRO A 66 -66.61 -60.01 -12.35
N LEU A 67 -65.31 -60.26 -12.53
CA LEU A 67 -64.28 -59.66 -11.70
C LEU A 67 -64.25 -58.13 -11.89
N VAL A 68 -63.81 -57.41 -10.85
CA VAL A 68 -63.94 -55.95 -10.84
C VAL A 68 -62.65 -55.26 -10.35
N THR A 69 -62.49 -53.95 -10.64
CA THR A 69 -61.31 -53.19 -10.19
C THR A 69 -61.66 -52.00 -9.33
N ASP A 70 -60.64 -51.23 -8.97
CA ASP A 70 -60.81 -50.00 -8.19
C ASP A 70 -61.49 -48.87 -8.98
N VAL A 71 -61.28 -48.82 -10.30
CA VAL A 71 -61.94 -47.83 -11.15
C VAL A 71 -63.44 -48.09 -11.23
N GLU A 72 -63.83 -49.36 -11.26
CA GLU A 72 -65.23 -49.70 -11.48
C GLU A 72 -66.02 -49.61 -10.18
N LEU A 73 -65.34 -49.75 -9.04
CA LEU A 73 -65.99 -49.64 -7.73
C LEU A 73 -65.92 -48.23 -7.18
N GLU A 74 -65.03 -47.43 -7.76
CA GLU A 74 -64.85 -46.03 -7.37
C GLU A 74 -66.12 -45.19 -7.52
N PRO A 75 -66.79 -45.24 -8.70
CA PRO A 75 -67.99 -44.39 -8.86
C PRO A 75 -69.11 -44.73 -7.86
N TYR A 76 -69.35 -46.02 -7.61
CA TYR A 76 -70.48 -46.43 -6.78
C TYR A 76 -70.25 -46.05 -5.31
N ILE A 77 -69.11 -46.46 -4.78
CA ILE A 77 -68.87 -46.21 -3.38
C ILE A 77 -68.62 -44.72 -3.22
N LYS A 78 -68.26 -44.04 -4.30
CA LYS A 78 -68.24 -42.57 -4.27
C LYS A 78 -69.66 -42.04 -4.25
N ARG A 79 -70.60 -42.77 -4.87
CA ARG A 79 -72.01 -42.40 -4.81
C ARG A 79 -72.48 -42.41 -3.37
N MET A 80 -71.95 -43.35 -2.59
CA MET A 80 -72.24 -43.44 -1.15
C MET A 80 -71.84 -42.22 -0.32
N VAL A 81 -70.67 -41.68 -0.60
CA VAL A 81 -69.99 -40.80 0.33
C VAL A 81 -70.38 -39.31 0.23
N ASP A 82 -70.74 -38.83 -0.95
CA ASP A 82 -70.85 -37.37 -1.17
C ASP A 82 -72.25 -36.70 -1.27
N GLY A 83 -73.05 -36.71 -0.20
CA GLY A 83 -74.32 -36.00 -0.24
C GLY A 83 -75.44 -36.82 -0.84
N ASP A 84 -75.05 -37.74 -1.70
CA ASP A 84 -75.93 -38.83 -2.05
C ASP A 84 -75.61 -39.86 -0.98
N THR A 85 -76.40 -39.87 0.08
CA THR A 85 -76.14 -40.81 1.17
C THR A 85 -76.52 -42.24 0.74
N SER A 86 -76.54 -42.44 -0.57
CA SER A 86 -77.07 -43.61 -1.22
C SER A 86 -76.18 -44.87 -1.14
N PRO A 87 -76.80 -46.04 -0.99
CA PRO A 87 -76.30 -47.42 -1.08
C PRO A 87 -76.10 -48.01 -2.51
N ILE A 88 -75.07 -48.84 -2.68
CA ILE A 88 -74.71 -49.31 -4.04
C ILE A 88 -74.26 -50.76 -4.21
N LEU A 89 -72.96 -51.01 -4.05
CA LEU A 89 -72.34 -52.30 -4.35
C LEU A 89 -72.51 -53.37 -3.28
N THR A 90 -72.14 -53.08 -2.04
CA THR A 90 -72.61 -53.93 -0.99
C THR A 90 -74.04 -53.53 -0.82
N GLY A 91 -74.29 -52.51 -0.03
CA GLY A 91 -75.65 -52.08 0.19
C GLY A 91 -75.75 -50.86 1.05
N HIS A 92 -76.32 -51.02 2.24
CA HIS A 92 -76.62 -49.95 3.20
C HIS A 92 -75.53 -48.87 3.24
N PRO A 93 -75.92 -47.60 3.29
CA PRO A 93 -75.05 -46.44 3.55
C PRO A 93 -74.20 -46.73 4.78
N VAL A 94 -72.98 -47.16 4.54
CA VAL A 94 -72.12 -47.63 5.60
C VAL A 94 -71.74 -46.50 6.56
N PRO A 95 -71.60 -46.83 7.86
CA PRO A 95 -71.13 -45.85 8.85
C PRO A 95 -69.82 -45.18 8.47
N ALA A 96 -68.99 -45.87 7.69
CA ALA A 96 -67.74 -45.26 7.21
C ALA A 96 -67.22 -45.85 5.91
N ILE A 97 -66.10 -45.31 5.42
CA ILE A 97 -65.60 -45.68 4.09
C ILE A 97 -64.08 -45.82 4.03
N SER A 98 -63.60 -46.48 2.98
CA SER A 98 -62.19 -46.92 2.88
C SER A 98 -61.30 -46.32 1.79
N LEU A 99 -60.00 -46.59 1.92
CA LEU A 99 -59.00 -46.23 0.89
C LEU A 99 -58.04 -47.39 0.74
N SER A 100 -57.38 -47.47 -0.43
CA SER A 100 -56.55 -48.61 -0.77
C SER A 100 -55.21 -48.19 -1.37
N SER A 101 -54.15 -48.90 -1.01
CA SER A 101 -52.78 -48.54 -1.36
C SER A 101 -52.50 -48.98 -2.76
N GLY A 102 -51.50 -48.36 -3.38
CA GLY A 102 -51.47 -48.32 -4.83
C GLY A 102 -52.70 -47.48 -5.10
N THR A 103 -53.17 -47.47 -6.33
CA THR A 103 -54.27 -46.56 -6.64
C THR A 103 -55.27 -47.06 -7.68
N SER A 104 -56.37 -46.32 -7.79
CA SER A 104 -57.35 -46.54 -8.84
C SER A 104 -56.95 -45.68 -10.01
N GLN A 105 -55.82 -46.02 -10.63
CA GLN A 105 -55.20 -45.25 -11.74
C GLN A 105 -54.41 -44.04 -11.28
N GLY A 106 -53.70 -44.17 -10.17
CA GLY A 106 -53.09 -43.00 -9.52
C GLY A 106 -54.14 -42.35 -8.63
N ARG A 107 -55.37 -42.87 -8.72
CA ARG A 107 -56.52 -42.23 -8.11
C ARG A 107 -57.11 -43.02 -6.94
N PRO A 108 -57.85 -42.32 -6.10
CA PRO A 108 -58.64 -42.82 -4.97
C PRO A 108 -59.63 -43.98 -5.19
N LYS A 109 -59.70 -44.88 -4.20
CA LYS A 109 -60.64 -46.01 -4.16
C LYS A 109 -61.38 -46.07 -2.82
N PHE A 110 -62.69 -45.85 -2.87
CA PHE A 110 -63.53 -45.96 -1.68
C PHE A 110 -63.96 -47.39 -1.38
N ILE A 111 -64.05 -47.80 -0.11
CA ILE A 111 -64.73 -49.06 0.21
C ILE A 111 -65.52 -49.04 1.51
N PRO A 112 -66.74 -49.60 1.49
CA PRO A 112 -67.72 -49.58 2.58
C PRO A 112 -67.27 -50.13 3.95
N PHE A 113 -67.81 -49.57 5.04
CA PHE A 113 -67.62 -50.09 6.39
C PHE A 113 -68.93 -50.41 7.10
N THR A 114 -69.10 -51.64 7.55
CA THR A 114 -70.23 -51.89 8.44
C THR A 114 -69.68 -52.48 9.72
N ASP A 115 -70.48 -52.44 10.78
CA ASP A 115 -70.14 -53.04 12.08
C ASP A 115 -69.62 -54.45 11.98
N GLU A 116 -70.04 -55.22 10.97
CA GLU A 116 -69.56 -56.59 10.78
C GLU A 116 -68.04 -56.70 10.83
N LEU A 117 -67.40 -55.68 10.26
CA LEU A 117 -65.95 -55.60 10.22
C LEU A 117 -65.38 -55.38 11.61
N MET A 118 -66.26 -54.98 12.53
CA MET A 118 -65.92 -54.85 13.94
C MET A 118 -65.97 -56.21 14.63
N GLU A 119 -67.03 -56.97 14.34
CA GLU A 119 -67.18 -58.35 14.80
C GLU A 119 -65.94 -59.16 14.43
N ASN A 120 -65.57 -59.05 13.15
CA ASN A 120 -64.41 -59.77 12.62
C ASN A 120 -63.18 -59.39 13.39
N THR A 121 -63.08 -58.09 13.67
CA THR A 121 -61.99 -57.54 14.47
C THR A 121 -61.90 -58.14 15.86
N LEU A 122 -62.98 -57.93 16.62
CA LEU A 122 -63.04 -58.36 18.00
C LEU A 122 -62.79 -59.87 18.09
N GLN A 123 -63.38 -60.61 17.15
CA GLN A 123 -63.24 -62.07 17.10
C GLN A 123 -61.82 -62.48 16.72
N LEU A 124 -61.24 -61.80 15.74
CA LEU A 124 -59.95 -62.27 15.24
C LEU A 124 -58.86 -61.90 16.21
N PHE A 125 -59.10 -60.83 16.96
CA PHE A 125 -58.17 -60.49 18.02
C PHE A 125 -58.44 -61.34 19.25
N ARG A 126 -59.68 -61.74 19.41
CA ARG A 126 -60.07 -62.67 20.47
C ARG A 126 -59.30 -63.95 20.30
N THR A 127 -59.25 -64.42 19.06
CA THR A 127 -58.64 -65.69 18.68
C THR A 127 -57.12 -65.60 18.63
N ALA A 128 -56.59 -64.49 18.07
CA ALA A 128 -55.16 -64.25 17.98
C ALA A 128 -54.52 -64.12 19.37
N PHE A 129 -55.19 -63.37 20.24
CA PHE A 129 -54.69 -63.19 21.61
C PHE A 129 -54.75 -64.47 22.40
N ALA A 130 -55.85 -65.20 22.26
CA ALA A 130 -56.00 -66.47 22.96
C ALA A 130 -54.88 -67.43 22.58
N PHE A 131 -54.74 -67.70 21.28
CA PHE A 131 -53.71 -68.62 20.81
C PHE A 131 -52.31 -68.16 21.21
N ARG A 132 -52.07 -66.84 21.23
CA ARG A 132 -50.76 -66.35 21.68
C ARG A 132 -50.60 -66.39 23.23
N ASN A 133 -51.64 -66.08 24.00
CA ASN A 133 -51.52 -66.23 25.44
C ASN A 133 -51.38 -67.72 25.79
N ARG A 134 -51.77 -68.59 24.87
CA ARG A 134 -51.44 -70.01 25.00
C ARG A 134 -49.91 -70.11 24.89
N ASP A 135 -49.35 -69.47 23.86
CA ASP A 135 -47.89 -69.45 23.66
C ASP A 135 -47.17 -68.45 24.56
N PHE A 136 -47.75 -67.25 24.74
CA PHE A 136 -47.11 -66.24 25.57
C PHE A 136 -48.05 -65.75 26.66
N PRO A 137 -48.33 -66.60 27.66
CA PRO A 137 -49.25 -66.28 28.78
C PRO A 137 -48.96 -64.96 29.47
N ILE A 138 -50.01 -64.17 29.69
CA ILE A 138 -49.88 -62.90 30.38
C ILE A 138 -50.58 -62.88 31.72
N ASP A 139 -50.15 -61.92 32.54
CA ASP A 139 -50.75 -61.68 33.83
C ASP A 139 -52.09 -60.98 33.68
N ASP A 140 -53.04 -61.40 34.51
CA ASP A 140 -54.41 -60.96 34.44
C ASP A 140 -54.57 -59.53 34.94
N ASN A 141 -53.53 -59.02 35.62
CA ASN A 141 -53.59 -57.65 36.17
C ASN A 141 -52.54 -56.68 35.57
N GLY A 142 -51.82 -57.16 34.57
CA GLY A 142 -50.76 -56.38 33.93
C GLY A 142 -51.22 -55.32 32.94
N LYS A 143 -50.33 -54.83 32.08
CA LYS A 143 -50.75 -53.90 31.03
C LYS A 143 -49.92 -54.07 29.76
N ALA A 144 -50.02 -53.12 28.83
CA ALA A 144 -49.24 -53.25 27.59
C ALA A 144 -48.84 -51.91 26.99
N LEU A 145 -47.67 -51.87 26.35
CA LEU A 145 -47.28 -50.69 25.59
C LEU A 145 -47.82 -50.81 24.15
N GLN A 146 -49.01 -50.26 23.91
CA GLN A 146 -49.59 -50.28 22.57
C GLN A 146 -49.33 -48.94 21.87
N PHE A 147 -48.36 -48.91 20.97
CA PHE A 147 -48.17 -47.77 20.08
C PHE A 147 -49.31 -47.64 19.06
N ILE A 148 -50.52 -47.51 19.59
CA ILE A 148 -51.70 -47.49 18.76
C ILE A 148 -52.32 -46.12 18.85
N PHE A 149 -52.85 -45.68 17.71
CA PHE A 149 -53.42 -44.37 17.59
C PHE A 149 -54.59 -44.37 16.62
N SER A 150 -55.50 -43.43 16.82
CA SER A 150 -56.60 -43.27 15.92
C SER A 150 -57.29 -42.00 16.26
N SER A 151 -56.50 -40.95 16.44
CA SER A 151 -57.00 -39.75 17.07
C SER A 151 -57.71 -38.79 16.13
N LYS A 152 -58.01 -39.26 14.93
CA LYS A 152 -58.55 -38.37 13.91
C LYS A 152 -59.86 -38.88 13.31
N GLN A 153 -60.85 -37.99 13.14
CA GLN A 153 -62.11 -38.34 12.51
C GLN A 153 -62.62 -37.23 11.59
N TYR A 154 -62.79 -37.50 10.30
CA TYR A 154 -63.31 -36.48 9.39
C TYR A 154 -64.67 -36.88 8.82
N ILE A 155 -65.47 -35.86 8.47
CA ILE A 155 -66.81 -36.08 7.93
C ILE A 155 -66.89 -35.69 6.48
N SER A 156 -67.19 -36.66 5.61
CA SER A 156 -67.16 -36.41 4.17
C SER A 156 -68.24 -35.41 3.75
N THR A 157 -68.17 -34.95 2.52
CA THR A 157 -68.91 -33.77 2.03
C THR A 157 -70.43 -33.88 2.15
N GLY A 158 -70.93 -35.09 2.36
CA GLY A 158 -72.37 -35.27 2.47
C GLY A 158 -72.85 -35.39 3.90
N GLY A 159 -71.93 -35.19 4.83
CA GLY A 159 -72.24 -35.37 6.24
C GLY A 159 -71.94 -36.81 6.64
N VAL A 160 -71.48 -37.62 5.68
CA VAL A 160 -71.24 -39.04 5.91
C VAL A 160 -69.79 -39.23 6.34
N PRO A 161 -69.58 -39.96 7.45
CA PRO A 161 -68.23 -40.32 7.89
C PRO A 161 -67.57 -41.36 6.99
N VAL A 162 -66.27 -41.17 6.73
CA VAL A 162 -65.48 -42.19 6.04
C VAL A 162 -64.27 -42.46 6.92
N GLY A 163 -63.89 -43.72 7.09
CA GLY A 163 -62.94 -44.02 8.16
C GLY A 163 -61.86 -45.04 7.91
N THR A 164 -60.80 -44.91 8.71
CA THR A 164 -59.65 -45.79 8.73
C THR A 164 -59.92 -47.00 9.58
N ALA A 165 -59.25 -48.09 9.28
CA ALA A 165 -59.45 -49.30 10.04
C ALA A 165 -59.06 -49.04 11.49
N THR A 166 -57.93 -48.35 11.73
CA THR A 166 -57.54 -47.90 13.07
C THR A 166 -58.65 -47.18 13.83
N THR A 167 -59.05 -46.03 13.29
CA THR A 167 -59.93 -45.10 13.97
C THR A 167 -61.30 -45.67 14.21
N ASN A 168 -61.80 -46.43 13.26
CA ASN A 168 -63.13 -46.97 13.42
C ASN A 168 -63.18 -48.10 14.45
N VAL A 169 -62.09 -48.86 14.69
CA VAL A 169 -62.12 -49.82 15.79
C VAL A 169 -62.25 -48.99 17.04
N TYR A 170 -61.29 -48.09 17.18
CA TYR A 170 -60.95 -47.41 18.42
C TYR A 170 -62.01 -46.44 18.91
N ARG A 171 -62.64 -45.71 18.00
CA ARG A 171 -63.70 -44.77 18.35
C ARG A 171 -65.09 -45.39 18.22
N ASN A 172 -65.09 -46.69 17.87
CA ASN A 172 -66.33 -47.43 17.77
C ASN A 172 -66.94 -47.48 19.15
N PRO A 173 -68.27 -47.51 19.23
CA PRO A 173 -68.94 -47.67 20.51
C PRO A 173 -68.62 -49.01 21.21
N ASN A 174 -68.28 -50.05 20.45
CA ASN A 174 -67.97 -51.36 21.05
C ASN A 174 -66.48 -51.68 21.21
N PHE A 175 -65.62 -50.69 21.03
CA PHE A 175 -64.19 -50.94 21.09
C PHE A 175 -63.77 -51.33 22.50
N LYS A 176 -64.10 -50.47 23.47
CA LYS A 176 -63.63 -50.60 24.85
C LYS A 176 -64.20 -51.80 25.58
N ALA A 177 -65.52 -51.98 25.47
CA ALA A 177 -66.21 -53.07 26.18
C ALA A 177 -65.84 -54.43 25.59
N GLY A 178 -65.62 -54.46 24.28
CA GLY A 178 -65.23 -55.67 23.58
C GLY A 178 -63.77 -56.04 23.79
N MET A 179 -62.99 -55.04 24.17
CA MET A 179 -61.56 -55.19 24.27
C MET A 179 -61.09 -55.47 25.69
N LYS A 180 -61.95 -55.20 26.68
CA LYS A 180 -61.56 -55.25 28.09
C LYS A 180 -60.88 -56.55 28.53
N SER A 181 -61.43 -57.65 28.06
CA SER A 181 -61.04 -58.95 28.54
C SER A 181 -59.80 -59.56 27.87
N ILE A 182 -59.45 -59.09 26.66
CA ILE A 182 -58.44 -59.81 25.87
C ILE A 182 -57.19 -58.99 25.62
N THR A 183 -57.06 -57.86 26.30
CA THR A 183 -55.79 -57.18 26.35
C THR A 183 -55.51 -56.84 27.80
N SER A 184 -54.23 -56.66 28.11
CA SER A 184 -53.88 -56.06 29.38
C SER A 184 -54.06 -54.56 29.17
N PRO A 185 -54.67 -53.86 30.14
CA PRO A 185 -55.17 -52.47 30.01
C PRO A 185 -54.16 -51.48 29.42
N SER A 186 -54.68 -50.50 28.70
CA SER A 186 -53.82 -49.63 27.90
C SER A 186 -53.14 -48.55 28.73
N CYS A 187 -51.83 -48.45 28.57
CA CYS A 187 -51.04 -47.51 29.38
C CYS A 187 -51.46 -46.06 29.14
N SER A 188 -52.08 -45.85 28.00
CA SER A 188 -52.48 -44.55 27.58
C SER A 188 -53.96 -44.37 27.90
N PRO A 189 -54.30 -43.31 28.66
CA PRO A 189 -55.68 -42.80 28.72
C PRO A 189 -56.19 -42.66 27.31
N ASP A 190 -57.49 -42.86 27.06
CA ASP A 190 -57.96 -42.83 25.68
C ASP A 190 -57.76 -41.46 25.01
N GLU A 191 -57.93 -40.38 25.77
CA GLU A 191 -57.85 -39.04 25.19
C GLU A 191 -56.44 -38.68 24.69
N VAL A 192 -55.38 -39.30 25.21
CA VAL A 192 -54.06 -39.10 24.62
C VAL A 192 -53.89 -39.98 23.38
N ILE A 193 -54.48 -41.17 23.41
CA ILE A 193 -54.55 -42.05 22.24
C ILE A 193 -55.32 -41.34 21.16
N PHE A 194 -56.46 -40.76 21.55
CA PHE A 194 -57.27 -39.93 20.66
C PHE A 194 -56.96 -38.42 20.77
N SER A 195 -55.73 -38.04 21.13
CA SER A 195 -55.33 -36.63 21.21
C SER A 195 -55.17 -35.98 19.85
N PRO A 196 -55.70 -34.77 19.70
CA PRO A 196 -55.49 -34.02 18.46
C PRO A 196 -54.01 -33.86 18.06
N ASP A 197 -53.09 -34.33 18.90
CA ASP A 197 -51.67 -34.34 18.56
C ASP A 197 -50.99 -35.71 18.80
N VAL A 198 -51.10 -36.66 17.87
CA VAL A 198 -50.53 -37.99 18.13
C VAL A 198 -49.00 -38.05 18.00
N HIS A 199 -48.36 -36.96 17.57
CA HIS A 199 -46.90 -36.88 17.56
C HIS A 199 -46.47 -36.63 19.00
N GLN A 200 -47.10 -35.64 19.62
CA GLN A 200 -46.94 -35.40 21.04
C GLN A 200 -47.56 -36.55 21.82
N ALA A 201 -48.66 -37.09 21.32
CA ALA A 201 -49.25 -38.23 22.00
C ALA A 201 -48.39 -39.48 21.92
N LEU A 202 -47.64 -39.64 20.84
CA LEU A 202 -46.75 -40.80 20.73
C LEU A 202 -45.62 -40.64 21.74
N TYR A 203 -45.19 -39.40 21.94
CA TYR A 203 -44.29 -39.05 23.04
C TYR A 203 -44.94 -39.40 24.38
N CYS A 204 -46.23 -39.08 24.50
CA CYS A 204 -46.98 -39.40 25.71
C CYS A 204 -47.36 -40.88 25.74
N HIS A 205 -47.22 -41.53 24.59
CA HIS A 205 -47.51 -42.97 24.49
C HIS A 205 -46.31 -43.76 24.94
N LEU A 206 -45.13 -43.35 24.48
CA LEU A 206 -43.88 -43.83 25.05
C LEU A 206 -44.00 -43.68 26.56
N LEU A 207 -44.17 -42.43 26.98
CA LEU A 207 -44.30 -42.03 28.40
C LEU A 207 -45.34 -42.88 29.11
N SER A 208 -46.42 -43.26 28.40
CA SER A 208 -47.46 -44.11 28.97
C SER A 208 -47.00 -45.57 29.10
N GLY A 209 -46.44 -46.14 28.04
CA GLY A 209 -45.92 -47.49 28.09
C GLY A 209 -44.83 -47.57 29.11
N ILE A 210 -44.04 -46.50 29.15
CA ILE A 210 -42.98 -46.43 30.10
C ILE A 210 -43.60 -46.34 31.52
N LEU A 211 -44.86 -45.92 31.67
CA LEU A 211 -45.45 -45.70 32.99
C LEU A 211 -45.67 -46.95 33.85
N PHE A 212 -46.23 -48.02 33.31
CA PHE A 212 -46.45 -49.18 34.17
C PHE A 212 -45.56 -50.32 33.72
N ARG A 213 -44.30 -50.01 33.45
CA ARG A 213 -43.36 -50.93 32.78
C ARG A 213 -43.30 -52.35 33.36
N ASP A 214 -43.34 -52.46 34.68
CA ASP A 214 -43.09 -53.73 35.32
C ASP A 214 -44.26 -54.68 35.09
N GLN A 215 -45.47 -54.13 34.95
CA GLN A 215 -46.58 -55.01 34.67
C GLN A 215 -46.77 -55.17 33.15
N VAL A 216 -46.20 -54.27 32.36
CA VAL A 216 -46.34 -54.29 30.91
C VAL A 216 -45.96 -55.67 30.37
N GLN A 217 -46.84 -56.22 29.54
CA GLN A 217 -46.64 -57.60 29.13
C GLN A 217 -46.19 -57.76 27.70
N TYR A 218 -46.23 -56.67 26.92
CA TYR A 218 -45.65 -56.69 25.58
C TYR A 218 -45.48 -55.29 24.98
N VAL A 219 -44.64 -55.23 23.96
CA VAL A 219 -44.39 -54.02 23.23
C VAL A 219 -45.09 -54.23 21.90
N PHE A 220 -46.00 -53.34 21.54
CA PHE A 220 -46.77 -53.53 20.33
C PHE A 220 -46.71 -52.37 19.34
N ALA A 221 -46.75 -52.75 18.08
CA ALA A 221 -47.21 -51.87 17.02
C ALA A 221 -47.72 -52.83 15.98
N VAL A 222 -48.54 -52.35 15.07
CA VAL A 222 -48.98 -53.21 14.02
C VAL A 222 -47.74 -53.65 13.26
N PHE A 223 -46.77 -52.74 13.19
CA PHE A 223 -45.54 -52.97 12.46
C PHE A 223 -44.27 -52.87 13.28
N ALA A 224 -43.22 -53.48 12.72
CA ALA A 224 -41.87 -53.29 13.22
C ALA A 224 -41.37 -51.86 12.98
N HIS A 225 -41.86 -51.23 11.91
CA HIS A 225 -41.40 -49.87 11.56
C HIS A 225 -42.03 -48.86 12.49
N GLY A 226 -43.24 -49.18 12.92
CA GLY A 226 -43.92 -48.39 13.93
C GLY A 226 -43.11 -48.48 15.19
N LEU A 227 -42.68 -49.70 15.53
CA LEU A 227 -41.87 -49.96 16.71
C LEU A 227 -40.51 -49.29 16.58
N VAL A 228 -39.92 -49.44 15.41
CA VAL A 228 -38.61 -48.86 15.15
C VAL A 228 -38.69 -47.33 15.22
N HIS A 229 -39.79 -46.78 14.72
CA HIS A 229 -39.97 -45.33 14.74
C HIS A 229 -40.01 -44.81 16.16
N ALA A 230 -40.62 -45.61 17.04
CA ALA A 230 -40.75 -45.29 18.45
C ALA A 230 -39.41 -45.38 19.20
N PHE A 231 -38.65 -46.43 18.91
CA PHE A 231 -37.37 -46.62 19.60
C PHE A 231 -36.21 -45.84 18.98
N ARG A 232 -36.34 -45.44 17.72
CA ARG A 232 -35.34 -44.52 17.16
C ARG A 232 -35.59 -43.15 17.80
N THR A 233 -36.87 -42.83 17.99
CA THR A 233 -37.28 -41.59 18.57
C THR A 233 -36.96 -41.61 20.06
N PHE A 234 -37.06 -42.80 20.68
CA PHE A 234 -36.75 -43.00 22.11
C PHE A 234 -35.27 -42.82 22.37
N GLU A 235 -34.45 -43.17 21.39
CA GLU A 235 -33.01 -42.86 21.44
C GLU A 235 -32.80 -41.35 21.43
N GLN A 236 -33.58 -40.65 20.61
CA GLN A 236 -33.48 -39.19 20.52
C GLN A 236 -33.77 -38.38 21.79
N VAL A 237 -34.85 -38.74 22.46
CA VAL A 237 -35.46 -37.86 23.45
C VAL A 237 -35.47 -38.34 24.91
N TRP A 238 -34.68 -39.35 25.25
CA TRP A 238 -34.82 -39.91 26.58
C TRP A 238 -34.44 -38.90 27.66
N GLU A 239 -33.39 -38.12 27.45
CA GLU A 239 -32.99 -37.11 28.45
C GLU A 239 -34.11 -36.11 28.66
N GLU A 240 -34.66 -35.60 27.58
CA GLU A 240 -35.79 -34.69 27.64
C GLU A 240 -36.97 -35.31 28.37
N ILE A 241 -37.12 -36.63 28.23
CA ILE A 241 -38.26 -37.34 28.81
C ILE A 241 -38.01 -37.43 30.29
N VAL A 242 -36.78 -37.71 30.72
CA VAL A 242 -36.50 -37.79 32.16
C VAL A 242 -36.81 -36.43 32.78
N THR A 243 -36.43 -35.34 32.12
CA THR A 243 -36.77 -34.00 32.60
C THR A 243 -38.29 -33.80 32.77
N ASP A 244 -39.07 -34.26 31.80
CA ASP A 244 -40.53 -34.08 31.80
C ASP A 244 -41.23 -34.74 32.98
N ILE A 245 -40.96 -36.02 33.17
CA ILE A 245 -41.64 -36.74 34.23
C ILE A 245 -41.07 -36.28 35.55
N LYS A 246 -39.87 -35.67 35.55
CA LYS A 246 -39.08 -35.37 36.75
C LYS A 246 -39.59 -34.34 37.74
N ASP A 247 -39.76 -33.11 37.24
CA ASP A 247 -40.12 -31.96 38.08
C ASP A 247 -41.62 -31.96 38.38
N GLY A 248 -42.34 -32.92 37.80
CA GLY A 248 -43.78 -32.91 37.86
C GLY A 248 -44.36 -32.08 36.76
N VAL A 249 -43.50 -31.57 35.87
CA VAL A 249 -43.95 -30.68 34.82
C VAL A 249 -43.58 -31.23 33.46
N LEU A 250 -44.59 -31.36 32.61
CA LEU A 250 -44.40 -31.88 31.27
C LEU A 250 -43.69 -30.86 30.37
N SER A 251 -43.07 -31.33 29.30
CA SER A 251 -42.28 -30.43 28.47
C SER A 251 -43.08 -29.37 27.72
N ASN A 252 -42.43 -28.25 27.49
CA ASN A 252 -43.03 -27.13 26.78
C ASN A 252 -43.30 -27.44 25.32
N ARG A 253 -42.88 -28.64 24.93
CA ARG A 253 -43.16 -29.22 23.60
C ARG A 253 -44.64 -29.54 23.37
N ILE A 254 -45.38 -29.77 24.46
CA ILE A 254 -46.76 -30.25 24.41
C ILE A 254 -47.75 -29.10 24.44
N THR A 255 -48.49 -28.92 23.35
CA THR A 255 -49.27 -27.71 23.13
C THR A 255 -50.81 -27.85 23.27
N VAL A 256 -51.37 -29.04 23.11
CA VAL A 256 -52.84 -29.24 23.23
C VAL A 256 -53.36 -29.38 24.66
N PRO A 257 -54.42 -28.62 24.99
CA PRO A 257 -54.91 -28.49 26.38
C PRO A 257 -55.59 -29.74 26.97
N SER A 258 -56.28 -30.54 26.17
CA SER A 258 -56.96 -31.75 26.69
C SER A 258 -55.94 -32.78 27.15
N VAL A 259 -54.86 -32.90 26.39
CA VAL A 259 -53.88 -33.93 26.73
C VAL A 259 -52.92 -33.41 27.81
N ARG A 260 -52.73 -32.10 27.84
CA ARG A 260 -51.97 -31.42 28.87
C ARG A 260 -52.74 -31.47 30.18
N THR A 261 -54.07 -31.41 30.07
CA THR A 261 -54.96 -31.60 31.20
C THR A 261 -54.77 -33.03 31.67
N ALA A 262 -54.66 -33.95 30.72
CA ALA A 262 -54.43 -35.36 31.04
C ALA A 262 -53.09 -35.62 31.75
N MET A 263 -52.00 -35.09 31.21
CA MET A 263 -50.67 -35.29 31.79
C MET A 263 -50.50 -34.57 33.13
N SER A 264 -51.06 -33.38 33.28
CA SER A 264 -50.98 -32.69 34.59
C SER A 264 -51.84 -33.43 35.61
N LYS A 265 -52.87 -34.12 35.14
CA LYS A 265 -53.60 -35.04 36.02
C LYS A 265 -52.73 -36.23 36.43
N LEU A 266 -51.51 -36.31 35.89
CA LEU A 266 -50.65 -37.45 36.09
C LEU A 266 -49.31 -37.14 36.73
N LEU A 267 -48.96 -35.86 36.93
CA LEU A 267 -47.60 -35.50 37.39
C LEU A 267 -47.40 -34.90 38.79
N THR A 268 -46.22 -35.16 39.38
CA THR A 268 -45.72 -34.61 40.67
C THR A 268 -44.19 -34.66 40.68
N PRO A 269 -43.51 -33.72 41.35
CA PRO A 269 -42.01 -33.62 41.32
C PRO A 269 -41.25 -34.77 41.98
N ASN A 270 -40.63 -35.60 41.15
CA ASN A 270 -39.96 -36.83 41.60
C ASN A 270 -38.57 -37.02 41.01
N PRO A 271 -37.51 -36.75 41.80
CA PRO A 271 -36.09 -36.72 41.36
C PRO A 271 -35.29 -38.04 41.32
N GLU A 272 -35.72 -39.04 42.06
CA GLU A 272 -34.90 -40.24 42.22
C GLU A 272 -34.71 -41.06 40.97
N LEU A 273 -35.78 -41.13 40.17
CA LEU A 273 -35.79 -42.04 39.05
C LEU A 273 -34.97 -41.51 37.89
N ALA A 274 -34.64 -40.21 37.94
CA ALA A 274 -33.87 -39.55 36.87
C ALA A 274 -32.44 -40.02 36.91
N GLU A 275 -31.99 -40.17 38.15
CA GLU A 275 -30.72 -40.78 38.46
C GLU A 275 -30.65 -42.18 37.87
N THR A 276 -31.70 -42.96 38.10
CA THR A 276 -31.83 -44.33 37.60
C THR A 276 -31.73 -44.43 36.08
N ILE A 277 -32.61 -43.69 35.42
CA ILE A 277 -32.86 -43.82 33.98
C ILE A 277 -31.65 -43.39 33.21
N ARG A 278 -31.01 -42.32 33.70
CA ARG A 278 -29.77 -41.86 33.13
C ARG A 278 -28.71 -42.94 33.18
N THR A 279 -28.62 -43.62 34.33
CA THR A 279 -27.66 -44.70 34.49
C THR A 279 -27.87 -45.80 33.45
N LYS A 280 -29.12 -46.27 33.30
CA LYS A 280 -29.39 -47.41 32.42
C LYS A 280 -29.30 -47.02 30.95
N CYS A 281 -29.87 -45.86 30.61
CA CYS A 281 -29.92 -45.48 29.22
C CYS A 281 -28.49 -45.28 28.72
N MET A 282 -27.54 -44.98 29.60
CA MET A 282 -26.19 -44.75 29.07
C MET A 282 -25.24 -45.95 29.20
N SER A 283 -25.74 -47.06 29.70
CA SER A 283 -24.89 -48.26 29.83
C SER A 283 -24.93 -49.14 28.58
N LEU A 284 -25.91 -48.89 27.71
CA LEU A 284 -26.20 -49.78 26.61
C LEU A 284 -25.32 -49.57 25.38
N SER A 285 -25.23 -50.62 24.56
CA SER A 285 -24.47 -50.58 23.31
C SER A 285 -25.37 -50.25 22.13
N ASN A 286 -25.28 -48.99 21.70
CA ASN A 286 -26.07 -48.46 20.60
C ASN A 286 -27.55 -48.82 20.76
N TRP A 287 -27.98 -48.97 22.00
CA TRP A 287 -29.37 -49.29 22.36
C TRP A 287 -29.84 -50.67 21.91
N TYR A 288 -28.90 -51.62 21.82
CA TYR A 288 -29.28 -53.01 21.53
C TYR A 288 -29.93 -53.63 22.78
N GLY A 289 -31.00 -54.39 22.56
CA GLY A 289 -31.68 -55.04 23.67
C GLY A 289 -32.46 -54.02 24.46
N LEU A 290 -32.83 -52.91 23.82
CA LEU A 290 -33.48 -51.81 24.51
C LEU A 290 -34.85 -52.16 25.06
N ILE A 291 -35.61 -52.95 24.30
CA ILE A 291 -36.99 -53.21 24.67
C ILE A 291 -37.06 -54.03 25.96
N PRO A 292 -36.29 -55.13 26.05
CA PRO A 292 -36.36 -55.79 27.35
C PRO A 292 -35.65 -54.94 28.41
N ALA A 293 -34.87 -53.96 27.97
CA ALA A 293 -34.24 -53.06 28.93
C ALA A 293 -35.31 -52.23 29.62
N LEU A 294 -36.36 -51.88 28.89
CA LEU A 294 -37.43 -51.07 29.44
C LEU A 294 -38.39 -51.89 30.32
N PHE A 295 -39.15 -52.76 29.68
CA PHE A 295 -40.01 -53.65 30.44
C PHE A 295 -39.55 -55.07 30.29
N PRO A 296 -38.58 -55.46 31.12
CA PRO A 296 -37.76 -56.68 31.02
C PRO A 296 -38.58 -57.92 30.92
N ASN A 297 -39.84 -57.75 31.30
CA ASN A 297 -40.63 -58.88 31.64
C ASN A 297 -41.79 -59.03 30.69
N ALA A 298 -41.69 -58.33 29.57
CA ALA A 298 -42.60 -58.59 28.47
C ALA A 298 -42.11 -59.84 27.82
N LYS A 299 -43.03 -60.75 27.53
CA LYS A 299 -42.68 -62.01 26.86
C LYS A 299 -42.40 -61.82 25.38
N TYR A 300 -43.01 -60.83 24.75
CA TYR A 300 -42.92 -60.75 23.29
C TYR A 300 -43.03 -59.34 22.71
N VAL A 301 -42.41 -59.17 21.54
CA VAL A 301 -42.59 -58.02 20.68
C VAL A 301 -43.58 -58.43 19.59
N TYR A 302 -44.69 -57.73 19.43
CA TYR A 302 -45.73 -58.15 18.51
C TYR A 302 -45.97 -57.16 17.38
N GLY A 303 -45.96 -57.66 16.14
CA GLY A 303 -46.27 -56.85 14.99
C GLY A 303 -46.12 -57.67 13.71
N ILE A 304 -46.64 -57.13 12.62
CA ILE A 304 -46.46 -57.73 11.32
C ILE A 304 -45.00 -57.67 10.98
N MET A 305 -44.42 -58.81 10.60
CA MET A 305 -42.99 -58.86 10.38
C MET A 305 -42.65 -59.28 8.96
N THR A 306 -43.65 -59.76 8.23
CA THR A 306 -43.37 -60.35 6.93
C THR A 306 -43.56 -59.39 5.77
N GLY A 307 -43.08 -59.80 4.60
CA GLY A 307 -43.19 -59.00 3.40
C GLY A 307 -42.37 -57.72 3.36
N SER A 308 -43.08 -56.61 3.14
CA SER A 308 -42.44 -55.32 2.99
C SER A 308 -41.90 -54.76 4.30
N MET A 309 -42.22 -55.42 5.40
CA MET A 309 -41.76 -54.99 6.71
C MET A 309 -40.69 -55.91 7.25
N GLU A 310 -40.29 -56.90 6.45
CA GLU A 310 -39.11 -57.67 6.81
C GLU A 310 -37.89 -56.79 7.05
N PRO A 311 -37.66 -55.76 6.21
CA PRO A 311 -36.45 -54.96 6.48
C PRO A 311 -36.55 -54.16 7.79
N TYR A 312 -37.72 -54.14 8.42
CA TYR A 312 -37.84 -53.40 9.70
C TYR A 312 -37.79 -54.35 10.90
N VAL A 313 -37.67 -55.64 10.61
CA VAL A 313 -37.54 -56.66 11.63
C VAL A 313 -36.17 -56.63 12.33
N PRO A 314 -35.08 -56.44 11.56
CA PRO A 314 -33.77 -56.43 12.21
C PRO A 314 -33.47 -55.19 13.02
N LYS A 315 -33.79 -53.99 12.50
CA LYS A 315 -33.58 -52.79 13.33
C LYS A 315 -34.36 -52.94 14.61
N LEU A 316 -35.59 -53.45 14.48
CA LEU A 316 -36.38 -53.83 15.63
C LEU A 316 -35.74 -54.99 16.44
N ARG A 317 -35.14 -55.96 15.77
CA ARG A 317 -34.45 -57.03 16.50
C ARG A 317 -33.35 -56.39 17.32
N HIS A 318 -32.66 -55.44 16.70
CA HIS A 318 -31.60 -54.67 17.38
C HIS A 318 -32.15 -54.08 18.64
N TYR A 319 -33.37 -53.55 18.50
CA TYR A 319 -34.12 -52.99 19.61
C TYR A 319 -34.61 -54.08 20.56
N ALA A 320 -35.08 -55.20 19.98
CA ALA A 320 -35.75 -56.25 20.76
C ALA A 320 -34.81 -57.10 21.58
N GLY A 321 -33.51 -56.99 21.29
CA GLY A 321 -32.52 -57.82 21.95
C GLY A 321 -32.62 -59.26 21.52
N ASP A 322 -32.96 -60.11 22.47
CA ASP A 322 -33.10 -61.53 22.24
C ASP A 322 -34.58 -61.85 22.39
N LEU A 323 -35.38 -60.83 22.71
CA LEU A 323 -36.84 -60.99 22.82
C LEU A 323 -37.45 -61.54 21.53
N PRO A 324 -38.23 -62.63 21.67
CA PRO A 324 -38.92 -63.24 20.54
C PRO A 324 -39.83 -62.25 19.80
N LEU A 325 -39.72 -62.19 18.48
CA LEU A 325 -40.64 -61.35 17.68
C LEU A 325 -41.80 -62.15 17.10
N VAL A 326 -43.01 -61.84 17.55
CA VAL A 326 -44.15 -62.61 17.08
C VAL A 326 -44.86 -61.86 15.97
N SER A 327 -45.33 -62.60 14.98
CA SER A 327 -45.94 -62.04 13.75
C SER A 327 -47.44 -61.80 13.89
N HIS A 328 -47.91 -60.63 13.49
CA HIS A 328 -49.34 -60.37 13.58
C HIS A 328 -50.11 -61.04 12.45
N ASP A 329 -51.43 -61.18 12.64
CA ASP A 329 -52.34 -61.80 11.67
C ASP A 329 -52.65 -60.97 10.42
N TYR A 330 -53.64 -61.41 9.65
CA TYR A 330 -53.80 -60.86 8.31
C TYR A 330 -55.24 -60.59 7.83
N GLY A 331 -55.55 -59.31 7.61
CA GLY A 331 -56.84 -58.90 7.06
C GLY A 331 -57.05 -57.39 7.15
N SER A 332 -58.12 -56.86 6.55
CA SER A 332 -58.48 -55.46 6.80
C SER A 332 -59.94 -55.15 6.71
N SER A 333 -60.22 -53.85 6.68
CA SER A 333 -61.56 -53.36 6.36
C SER A 333 -62.05 -53.96 5.08
N GLU A 334 -61.14 -54.07 4.12
CA GLU A 334 -61.40 -54.76 2.87
C GLU A 334 -61.52 -56.27 3.08
N GLY A 335 -61.61 -56.71 4.34
CA GLY A 335 -61.82 -58.12 4.64
C GLY A 335 -60.66 -58.78 5.37
N TRP A 336 -60.96 -59.36 6.52
CA TRP A 336 -59.95 -60.15 7.19
C TRP A 336 -59.69 -61.47 6.48
N ILE A 337 -58.43 -61.93 6.50
CA ILE A 337 -58.11 -63.22 5.89
C ILE A 337 -57.57 -64.19 6.91
N ALA A 338 -56.39 -63.93 7.45
CA ALA A 338 -55.66 -64.98 8.17
C ALA A 338 -55.21 -64.64 9.61
N ALA A 339 -55.03 -65.66 10.45
CA ALA A 339 -54.53 -65.42 11.81
C ALA A 339 -53.36 -66.33 12.17
N ASN A 340 -52.58 -65.89 13.17
CA ASN A 340 -51.47 -66.67 13.67
C ASN A 340 -51.85 -67.46 14.91
N VAL A 341 -52.20 -68.73 14.74
CA VAL A 341 -52.66 -69.52 15.88
C VAL A 341 -51.45 -70.25 16.43
N THR A 342 -50.35 -70.13 15.70
CA THR A 342 -49.04 -70.58 16.17
C THR A 342 -48.03 -69.43 16.19
N PRO A 343 -48.27 -68.40 17.02
CA PRO A 343 -47.46 -67.19 17.07
C PRO A 343 -46.00 -67.42 17.43
N ARG A 344 -45.65 -68.63 17.87
CA ARG A 344 -44.31 -68.88 18.40
C ARG A 344 -43.30 -69.07 17.28
N LEU A 345 -43.77 -69.19 16.04
CA LEU A 345 -42.85 -69.37 14.94
C LEU A 345 -42.17 -68.05 14.56
N SER A 346 -40.97 -68.18 14.01
CA SER A 346 -40.10 -67.03 13.73
C SER A 346 -40.65 -66.21 12.56
N PRO A 347 -40.31 -64.93 12.51
CA PRO A 347 -40.83 -64.02 11.46
C PRO A 347 -40.40 -64.37 10.04
N GLU A 348 -39.41 -65.23 9.90
CA GLU A 348 -38.97 -65.62 8.55
C GLU A 348 -39.63 -66.94 8.20
N GLU A 349 -40.09 -67.66 9.22
CA GLU A 349 -40.92 -68.84 8.98
C GLU A 349 -42.37 -68.50 9.28
N ALA A 350 -42.67 -67.20 9.32
CA ALA A 350 -43.97 -66.71 9.75
C ALA A 350 -45.07 -66.91 8.72
N THR A 351 -46.19 -67.50 9.16
CA THR A 351 -47.34 -67.77 8.29
C THR A 351 -48.67 -67.51 9.01
N PHE A 352 -49.71 -67.11 8.28
CA PHE A 352 -51.00 -66.75 8.88
C PHE A 352 -52.14 -67.55 8.25
N ALA A 353 -53.07 -68.04 9.06
CA ALA A 353 -54.11 -68.96 8.60
C ALA A 353 -55.49 -68.33 8.55
N VAL A 354 -56.22 -68.63 7.49
CA VAL A 354 -57.49 -67.96 7.20
C VAL A 354 -58.62 -68.21 8.24
N ILE A 355 -59.39 -67.17 8.52
CA ILE A 355 -60.57 -67.28 9.38
C ILE A 355 -61.76 -67.09 8.48
N PRO A 356 -62.62 -68.13 8.43
CA PRO A 356 -63.53 -68.30 7.29
C PRO A 356 -64.83 -67.46 7.20
N ASN A 357 -65.51 -67.13 8.30
CA ASN A 357 -66.82 -66.48 8.16
C ASN A 357 -66.72 -64.98 7.89
N LEU A 358 -65.48 -64.50 7.79
CA LEU A 358 -65.23 -63.09 7.54
C LEU A 358 -65.57 -62.72 6.10
N GLY A 359 -65.51 -63.70 5.20
CA GLY A 359 -65.83 -63.44 3.81
C GLY A 359 -65.67 -64.66 2.93
N TYR A 360 -65.98 -64.49 1.65
CA TYR A 360 -65.89 -65.57 0.67
C TYR A 360 -64.75 -65.31 -0.32
N PHE A 361 -63.62 -65.96 -0.11
CA PHE A 361 -62.41 -65.59 -0.86
C PHE A 361 -62.02 -66.58 -1.96
N GLU A 362 -61.59 -66.05 -3.11
CA GLU A 362 -61.22 -66.88 -4.25
C GLU A 362 -59.86 -66.42 -4.76
N PHE A 363 -59.10 -67.31 -5.41
CA PHE A 363 -57.70 -66.98 -5.72
C PHE A 363 -57.34 -67.20 -7.20
N LEU A 364 -56.49 -66.32 -7.73
CA LEU A 364 -56.04 -66.37 -9.14
C LEU A 364 -54.68 -67.06 -9.27
N PRO A 365 -54.64 -68.23 -9.91
CA PRO A 365 -53.33 -68.88 -10.08
C PRO A 365 -52.45 -68.12 -11.09
N VAL A 366 -51.18 -67.93 -10.77
CA VAL A 366 -50.24 -67.23 -11.67
C VAL A 366 -49.45 -68.26 -12.49
N SER A 367 -49.84 -69.52 -12.38
CA SER A 367 -49.05 -70.61 -12.98
C SER A 367 -49.34 -70.83 -14.47
N GLU A 368 -48.34 -70.48 -15.29
CA GLU A 368 -48.38 -70.63 -16.76
C GLU A 368 -47.16 -69.94 -17.34
N THR A 369 -46.94 -68.74 -16.81
CA THR A 369 -45.84 -67.87 -17.19
C THR A 369 -46.02 -66.70 -16.24
N GLY A 370 -46.13 -65.49 -16.78
CA GLY A 370 -46.72 -64.38 -16.06
C GLY A 370 -47.44 -63.53 -17.09
N GLU A 371 -48.76 -63.44 -16.98
CA GLU A 371 -49.53 -63.99 -15.86
C GLU A 371 -50.05 -65.43 -16.02
N GLY A 372 -50.98 -65.66 -16.96
CA GLY A 372 -51.57 -66.99 -17.11
C GLY A 372 -53.09 -67.01 -17.02
N GLU A 373 -53.75 -67.53 -18.06
CA GLU A 373 -55.20 -67.36 -18.19
C GLU A 373 -56.08 -68.36 -17.45
N GLU A 374 -55.85 -68.54 -16.14
CA GLU A 374 -56.58 -69.58 -15.40
C GLU A 374 -57.72 -69.02 -14.56
N LYS A 375 -58.81 -69.76 -14.49
CA LYS A 375 -59.91 -69.39 -13.59
C LYS A 375 -59.60 -69.70 -12.12
N PRO A 376 -60.24 -68.95 -11.20
CA PRO A 376 -60.07 -69.21 -9.76
C PRO A 376 -60.67 -70.53 -9.23
N VAL A 377 -59.93 -71.17 -8.31
CA VAL A 377 -60.38 -72.40 -7.69
C VAL A 377 -60.72 -72.15 -6.22
N GLY A 378 -61.39 -73.12 -5.59
CA GLY A 378 -61.81 -73.00 -4.20
C GLY A 378 -60.67 -72.69 -3.26
N LEU A 379 -61.02 -72.26 -2.05
CA LEU A 379 -60.04 -71.82 -1.06
C LEU A 379 -59.10 -72.97 -0.71
N THR A 380 -59.69 -74.15 -0.51
CA THR A 380 -58.91 -75.34 -0.18
C THR A 380 -58.64 -76.12 -1.45
N GLN A 381 -59.08 -75.55 -2.56
CA GLN A 381 -58.73 -76.09 -3.87
C GLN A 381 -57.46 -75.42 -4.36
N VAL A 382 -56.91 -74.57 -3.51
CA VAL A 382 -55.64 -73.91 -3.79
C VAL A 382 -54.51 -74.87 -3.46
N LYS A 383 -53.43 -74.80 -4.23
CA LYS A 383 -52.38 -75.82 -4.19
C LYS A 383 -51.25 -75.41 -3.26
N ILE A 384 -50.73 -76.39 -2.53
CA ILE A 384 -49.64 -76.17 -1.57
C ILE A 384 -48.35 -75.84 -2.33
N GLY A 385 -47.65 -74.81 -1.85
CA GLY A 385 -46.40 -74.41 -2.47
C GLY A 385 -46.56 -73.44 -3.62
N GLU A 386 -47.72 -73.43 -4.26
CA GLU A 386 -47.94 -72.53 -5.39
C GLU A 386 -48.41 -71.16 -4.91
N GLU A 387 -48.40 -70.21 -5.83
CA GLU A 387 -48.70 -68.84 -5.47
C GLU A 387 -49.85 -68.22 -6.25
N TYR A 388 -50.91 -67.83 -5.55
CA TYR A 388 -52.10 -67.23 -6.16
C TYR A 388 -52.33 -65.81 -5.65
N GLU A 389 -53.04 -65.01 -6.43
CA GLU A 389 -53.53 -63.71 -6.00
C GLU A 389 -54.87 -63.84 -5.25
N VAL A 390 -55.18 -62.89 -4.37
CA VAL A 390 -56.42 -62.96 -3.61
C VAL A 390 -57.52 -62.09 -4.21
N VAL A 391 -58.72 -62.66 -4.30
CA VAL A 391 -59.90 -61.93 -4.74
C VAL A 391 -60.97 -62.02 -3.66
N ILE A 392 -61.54 -60.87 -3.29
CA ILE A 392 -62.23 -60.79 -2.01
C ILE A 392 -63.72 -60.55 -2.13
N THR A 393 -64.50 -61.35 -1.41
CA THR A 393 -65.94 -61.14 -1.29
C THR A 393 -66.26 -61.05 0.19
N ASN A 394 -67.00 -60.01 0.59
CA ASN A 394 -67.58 -59.92 1.93
C ASN A 394 -68.55 -58.75 2.12
N TYR A 395 -68.69 -58.32 3.39
CA TYR A 395 -69.61 -57.25 3.77
C TYR A 395 -69.03 -55.87 3.52
N ALA A 396 -67.79 -55.86 3.06
CA ALA A 396 -67.03 -54.61 2.99
C ALA A 396 -67.12 -53.89 1.66
N GLY A 397 -67.97 -54.36 0.76
CA GLY A 397 -68.12 -53.74 -0.54
C GLY A 397 -67.35 -54.45 -1.63
N LEU A 398 -66.62 -55.48 -1.22
CA LEU A 398 -65.91 -56.28 -2.22
C LEU A 398 -66.69 -57.54 -2.53
N TYR A 399 -67.00 -57.74 -3.82
CA TYR A 399 -67.63 -58.97 -4.27
C TYR A 399 -66.84 -59.47 -5.44
N ARG A 400 -66.12 -60.57 -5.26
CA ARG A 400 -65.30 -61.10 -6.36
C ARG A 400 -64.38 -60.01 -6.89
N TYR A 401 -63.68 -59.31 -6.00
CA TYR A 401 -62.84 -58.16 -6.36
C TYR A 401 -61.33 -58.48 -6.33
N ARG A 402 -60.57 -57.93 -7.27
CA ARG A 402 -59.13 -58.17 -7.34
C ARG A 402 -58.36 -57.12 -6.57
N LEU A 403 -57.73 -57.50 -5.45
CA LEU A 403 -56.94 -56.55 -4.67
C LEU A 403 -55.52 -56.36 -5.25
N GLY A 404 -55.06 -57.38 -5.97
CA GLY A 404 -53.87 -57.24 -6.81
C GLY A 404 -52.52 -57.68 -6.25
N ASP A 405 -52.45 -58.83 -5.59
CA ASP A 405 -51.23 -59.23 -4.87
C ASP A 405 -51.10 -60.76 -4.63
N VAL A 406 -49.86 -61.25 -4.59
CA VAL A 406 -49.56 -62.69 -4.63
C VAL A 406 -49.24 -63.38 -3.28
N VAL A 407 -49.91 -64.49 -2.95
CA VAL A 407 -49.67 -65.21 -1.68
C VAL A 407 -49.30 -66.68 -1.90
N LYS A 408 -48.42 -67.22 -1.04
CA LYS A 408 -47.98 -68.60 -1.13
C LYS A 408 -48.67 -69.55 -0.11
N VAL A 409 -49.13 -70.72 -0.55
CA VAL A 409 -49.65 -71.72 0.38
C VAL A 409 -48.52 -72.63 0.93
N ILE A 410 -47.97 -72.29 2.09
CA ILE A 410 -46.89 -73.09 2.68
C ILE A 410 -47.42 -74.40 3.26
N GLY A 411 -48.60 -74.36 3.89
CA GLY A 411 -49.14 -75.50 4.62
C GLY A 411 -50.58 -75.37 5.07
N PHE A 412 -51.02 -76.34 5.87
CA PHE A 412 -52.41 -76.42 6.36
C PHE A 412 -52.45 -76.55 7.86
N TYR A 413 -53.30 -75.75 8.52
CA TYR A 413 -53.67 -76.03 9.91
C TYR A 413 -54.98 -76.80 9.91
N ASN A 414 -54.91 -78.10 10.14
CA ASN A 414 -56.07 -79.00 9.96
C ASN A 414 -56.58 -78.93 8.53
N ASN A 415 -57.78 -78.41 8.33
CA ASN A 415 -58.31 -78.35 6.97
C ASN A 415 -58.28 -76.92 6.41
N THR A 416 -57.61 -76.02 7.12
CA THR A 416 -57.52 -74.64 6.65
C THR A 416 -56.06 -74.25 6.37
N PRO A 417 -55.80 -73.68 5.18
CA PRO A 417 -54.45 -73.49 4.61
C PRO A 417 -53.66 -72.26 5.12
N GLN A 418 -52.41 -72.51 5.51
CA GLN A 418 -51.49 -71.48 5.96
C GLN A 418 -50.91 -70.72 4.76
N LEU A 419 -50.92 -69.40 4.84
CA LEU A 419 -50.51 -68.57 3.71
C LEU A 419 -49.26 -67.73 4.00
N LYS A 420 -48.48 -67.41 2.96
CA LYS A 420 -47.24 -66.63 3.09
C LYS A 420 -47.12 -65.41 2.16
N PHE A 421 -46.49 -64.36 2.65
CA PHE A 421 -46.39 -63.13 1.88
C PHE A 421 -44.93 -62.73 1.69
N ILE A 422 -44.55 -62.57 0.43
CA ILE A 422 -43.24 -62.08 0.04
C ILE A 422 -43.46 -60.81 -0.72
N CYS A 423 -44.44 -60.01 -0.30
CA CYS A 423 -44.91 -58.94 -1.16
C CYS A 423 -44.67 -57.57 -0.59
N ARG A 424 -45.04 -56.57 -1.38
CA ARG A 424 -44.56 -55.20 -1.24
C ARG A 424 -45.53 -54.21 -1.86
N ARG A 425 -45.52 -54.18 -3.20
CA ARG A 425 -46.31 -53.22 -3.97
C ARG A 425 -47.27 -53.94 -4.92
N ASN A 426 -48.57 -53.67 -4.75
CA ASN A 426 -49.60 -54.10 -5.68
C ASN A 426 -49.42 -53.47 -7.05
N LEU A 427 -48.23 -53.59 -7.63
CA LEU A 427 -47.84 -52.54 -8.55
C LEU A 427 -47.97 -52.81 -10.04
N ILE A 428 -48.91 -52.05 -10.58
CA ILE A 428 -48.74 -51.38 -11.86
C ILE A 428 -49.35 -50.08 -11.41
N LEU A 429 -49.22 -49.02 -12.19
CA LEU A 429 -49.95 -47.82 -11.87
C LEU A 429 -50.64 -47.40 -13.13
N SER A 430 -51.43 -46.35 -13.05
CA SER A 430 -52.05 -45.79 -14.24
C SER A 430 -51.92 -44.28 -14.11
N ILE A 431 -52.69 -43.50 -14.87
CA ILE A 431 -52.38 -42.08 -14.93
C ILE A 431 -53.35 -41.26 -14.10
N ASN A 432 -52.76 -40.33 -13.34
CA ASN A 432 -53.40 -39.69 -12.22
C ASN A 432 -54.32 -38.54 -12.62
N ILE A 433 -54.98 -37.88 -11.65
CA ILE A 433 -55.48 -36.48 -11.78
C ILE A 433 -55.47 -35.81 -10.41
N ASP A 434 -55.01 -36.52 -9.38
CA ASP A 434 -54.79 -35.84 -8.13
C ASP A 434 -53.36 -35.27 -8.16
N LYS A 435 -52.89 -34.99 -9.37
CA LYS A 435 -51.55 -34.43 -9.61
C LYS A 435 -51.63 -33.54 -10.88
N ASN A 436 -50.80 -32.50 -11.07
CA ASN A 436 -49.68 -32.08 -10.22
C ASN A 436 -48.66 -33.18 -10.03
N THR A 437 -47.98 -33.55 -11.13
CA THR A 437 -47.06 -34.68 -11.21
C THR A 437 -46.53 -35.16 -9.87
N GLU A 438 -46.65 -36.45 -9.59
CA GLU A 438 -46.12 -37.01 -8.34
C GLU A 438 -44.76 -36.41 -7.99
N ARG A 439 -43.96 -36.25 -9.03
CA ARG A 439 -42.68 -35.61 -8.89
C ARG A 439 -42.78 -34.17 -8.42
N ASP A 440 -43.86 -33.47 -8.79
CA ASP A 440 -44.13 -32.09 -8.39
C ASP A 440 -44.59 -32.05 -6.95
N LEU A 441 -45.42 -33.01 -6.56
CA LEU A 441 -45.92 -33.10 -5.20
C LEU A 441 -44.82 -33.47 -4.21
N GLN A 442 -44.02 -34.48 -4.58
CA GLN A 442 -42.87 -34.88 -3.75
C GLN A 442 -41.94 -33.70 -3.66
N LEU A 443 -41.76 -33.04 -4.81
CA LEU A 443 -40.91 -31.86 -4.85
C LEU A 443 -41.49 -30.75 -4.01
N SER A 444 -42.81 -30.66 -3.99
CA SER A 444 -43.50 -29.65 -3.21
C SER A 444 -43.16 -29.78 -1.73
N VAL A 445 -43.41 -30.97 -1.16
CA VAL A 445 -43.06 -31.27 0.19
C VAL A 445 -41.58 -31.04 0.36
N GLU A 446 -40.77 -31.52 -0.57
CA GLU A 446 -39.33 -31.41 -0.43
C GLU A 446 -38.90 -29.94 -0.33
N SER A 447 -39.56 -29.10 -1.10
CA SER A 447 -39.26 -27.68 -1.13
C SER A 447 -39.53 -26.94 0.18
N ALA A 448 -40.74 -26.96 0.71
CA ALA A 448 -41.01 -26.25 1.96
C ALA A 448 -40.45 -26.96 3.19
N ALA A 449 -40.37 -28.28 3.11
CA ALA A 449 -39.93 -29.07 4.25
C ALA A 449 -38.56 -28.69 4.75
N LYS A 450 -37.70 -28.15 3.89
CA LYS A 450 -36.38 -27.80 4.41
C LYS A 450 -36.45 -26.58 5.31
N ARG A 451 -37.50 -25.77 5.18
CA ARG A 451 -37.80 -24.77 6.20
C ARG A 451 -37.86 -25.48 7.55
N LEU A 452 -38.34 -26.74 7.58
CA LEU A 452 -38.34 -27.54 8.81
C LEU A 452 -36.96 -28.14 9.09
N SER A 453 -36.24 -28.49 8.02
CA SER A 453 -34.91 -29.09 8.15
C SER A 453 -33.95 -28.15 8.86
N GLU A 454 -34.34 -26.88 8.92
CA GLU A 454 -33.62 -25.88 9.69
C GLU A 454 -33.60 -26.23 11.17
N GLU A 455 -34.49 -27.13 11.56
CA GLU A 455 -34.74 -27.40 12.96
C GLU A 455 -34.22 -28.77 13.29
N LYS A 456 -33.27 -29.22 12.47
CA LYS A 456 -32.70 -30.57 12.63
C LYS A 456 -33.75 -31.64 12.55
N ILE A 457 -34.85 -31.36 11.88
CA ILE A 457 -35.88 -32.36 11.71
C ILE A 457 -35.83 -32.79 10.27
N GLU A 458 -36.54 -33.87 9.97
CA GLU A 458 -36.74 -34.32 8.61
C GLU A 458 -38.20 -34.65 8.42
N VAL A 459 -38.66 -34.61 7.18
CA VAL A 459 -40.04 -34.95 6.91
C VAL A 459 -40.15 -36.45 6.69
N ILE A 460 -41.12 -37.10 7.31
CA ILE A 460 -41.15 -38.55 7.27
C ILE A 460 -42.17 -38.97 6.23
N ASP A 461 -43.33 -38.30 6.14
CA ASP A 461 -44.33 -38.64 5.12
C ASP A 461 -45.40 -37.56 4.85
N PHE A 462 -46.11 -37.70 3.72
CA PHE A 462 -47.06 -36.68 3.25
C PHE A 462 -48.28 -37.20 2.45
N SER A 463 -49.33 -36.39 2.38
CA SER A 463 -50.53 -36.70 1.57
C SER A 463 -51.29 -35.44 1.16
N SER A 464 -52.28 -35.57 0.27
CA SER A 464 -53.00 -34.38 -0.21
C SER A 464 -54.47 -34.63 -0.62
N TYR A 465 -55.29 -33.57 -0.62
CA TYR A 465 -56.77 -33.69 -0.77
C TYR A 465 -57.48 -32.58 -1.59
N ILE A 466 -58.54 -32.96 -2.31
CA ILE A 466 -59.37 -32.03 -3.09
C ILE A 466 -60.77 -31.89 -2.47
N ASP A 467 -61.02 -30.73 -1.86
CA ASP A 467 -62.27 -30.43 -1.16
C ASP A 467 -63.27 -29.67 -2.03
N VAL A 468 -64.29 -30.34 -2.58
CA VAL A 468 -65.24 -29.57 -3.38
C VAL A 468 -66.61 -29.43 -2.71
N SER A 469 -66.62 -29.44 -1.38
CA SER A 469 -67.78 -29.01 -0.65
C SER A 469 -67.67 -27.50 -0.54
N THR A 470 -66.43 -27.05 -0.45
CA THR A 470 -66.11 -25.65 -0.19
C THR A 470 -66.17 -24.74 -1.41
N ASP A 471 -66.13 -23.43 -1.16
CA ASP A 471 -66.18 -22.48 -2.25
C ASP A 471 -65.24 -21.30 -1.97
N PRO A 472 -64.19 -21.17 -2.79
CA PRO A 472 -63.90 -22.19 -3.79
C PRO A 472 -63.24 -23.38 -3.14
N GLY A 473 -63.27 -24.53 -3.81
CA GLY A 473 -62.74 -25.72 -3.21
C GLY A 473 -61.25 -25.52 -3.01
N HIS A 474 -60.67 -26.21 -2.02
CA HIS A 474 -59.25 -26.02 -1.76
C HIS A 474 -58.50 -27.33 -1.69
N TYR A 475 -57.18 -27.23 -1.78
CA TYR A 475 -56.31 -28.39 -1.60
C TYR A 475 -55.90 -28.52 -0.14
N ALA A 476 -55.61 -29.75 0.27
CA ALA A 476 -55.05 -29.97 1.60
C ALA A 476 -53.76 -30.76 1.51
N ILE A 477 -52.67 -30.31 2.14
CA ILE A 477 -51.45 -31.12 2.19
C ILE A 477 -51.22 -31.55 3.62
N PHE A 478 -50.78 -32.79 3.77
CA PHE A 478 -50.52 -33.32 5.10
C PHE A 478 -49.06 -33.73 5.26
N TRP A 479 -48.46 -33.35 6.37
CA TRP A 479 -47.06 -33.70 6.67
C TRP A 479 -46.84 -34.43 7.98
N GLU A 480 -46.22 -35.60 7.88
CA GLU A 480 -45.79 -36.37 9.06
C GLU A 480 -44.31 -36.13 9.22
N ILE A 481 -43.87 -35.85 10.45
CA ILE A 481 -42.50 -35.38 10.65
C ILE A 481 -41.92 -35.82 11.97
N SER A 482 -40.82 -35.19 12.38
CA SER A 482 -40.16 -35.65 13.61
C SER A 482 -40.59 -34.94 14.90
N GLY A 483 -41.36 -33.87 14.80
CA GLY A 483 -41.83 -33.30 16.05
C GLY A 483 -42.55 -31.97 16.03
N GLU A 484 -42.62 -31.37 17.21
CA GLU A 484 -43.35 -30.13 17.40
C GLU A 484 -42.51 -28.94 16.94
N THR A 485 -43.14 -27.98 16.28
CA THR A 485 -42.49 -26.67 16.09
C THR A 485 -43.54 -25.61 15.86
N ASN A 486 -43.10 -24.36 15.74
CA ASN A 486 -44.04 -23.23 15.71
C ASN A 486 -44.84 -23.15 14.41
N GLU A 487 -45.95 -22.43 14.48
CA GLU A 487 -46.85 -22.29 13.34
C GLU A 487 -46.30 -21.43 12.21
N ASP A 488 -45.46 -20.44 12.52
CA ASP A 488 -45.00 -19.49 11.52
C ASP A 488 -44.20 -20.14 10.40
N VAL A 489 -43.34 -21.10 10.76
CA VAL A 489 -42.61 -21.81 9.69
C VAL A 489 -43.54 -22.68 8.86
N LEU A 490 -44.50 -23.29 9.54
CA LEU A 490 -45.48 -24.16 8.92
C LEU A 490 -46.33 -23.38 7.93
N GLN A 491 -46.78 -22.21 8.35
CA GLN A 491 -47.54 -21.31 7.51
C GLN A 491 -46.68 -20.86 6.31
N ASP A 492 -45.42 -20.51 6.59
CA ASP A 492 -44.46 -20.32 5.53
C ASP A 492 -44.46 -21.52 4.62
N CYS A 493 -44.41 -22.72 5.22
CA CYS A 493 -44.30 -23.98 4.45
C CYS A 493 -45.48 -24.19 3.53
N CYS A 494 -46.68 -23.91 4.02
CA CYS A 494 -47.87 -24.04 3.20
C CYS A 494 -47.72 -23.20 1.95
N ASN A 495 -47.27 -21.96 2.12
CA ASN A 495 -46.97 -21.11 0.99
C ASN A 495 -46.04 -21.83 0.04
N CYS A 496 -45.08 -22.62 0.51
CA CYS A 496 -44.17 -23.19 -0.49
C CYS A 496 -44.72 -24.36 -1.26
N LEU A 497 -45.60 -25.13 -0.64
CA LEU A 497 -46.29 -26.22 -1.33
C LEU A 497 -47.02 -25.63 -2.52
N ASP A 498 -47.72 -24.53 -2.25
CA ASP A 498 -48.36 -23.76 -3.27
C ASP A 498 -47.37 -23.27 -4.30
N ARG A 499 -46.26 -22.79 -3.79
CA ARG A 499 -45.22 -22.24 -4.62
C ARG A 499 -44.31 -23.30 -5.26
N ALA A 500 -44.63 -24.56 -5.04
CA ALA A 500 -43.82 -25.69 -5.52
C ALA A 500 -44.48 -26.42 -6.65
N PHE A 501 -45.80 -26.34 -6.66
CA PHE A 501 -46.55 -26.79 -7.83
C PHE A 501 -46.17 -25.88 -9.00
N ILE A 502 -45.19 -26.35 -9.76
CA ILE A 502 -44.51 -25.56 -10.76
C ILE A 502 -45.30 -25.17 -11.99
N ASP A 503 -46.30 -25.95 -12.36
CA ASP A 503 -47.01 -25.74 -13.63
C ASP A 503 -47.70 -24.38 -13.69
N ALA A 504 -47.92 -23.92 -14.92
CA ALA A 504 -48.73 -22.76 -15.26
C ALA A 504 -50.17 -22.82 -14.74
N GLY A 505 -50.67 -24.02 -14.51
CA GLY A 505 -52.10 -24.22 -14.27
C GLY A 505 -52.57 -23.85 -12.87
N TYR A 506 -51.88 -24.38 -11.86
CA TYR A 506 -52.24 -24.14 -10.48
C TYR A 506 -52.20 -22.64 -10.32
N VAL A 507 -51.26 -22.08 -11.07
CA VAL A 507 -51.08 -20.66 -11.22
C VAL A 507 -52.32 -19.91 -11.69
N SER A 508 -52.88 -20.29 -12.84
CA SER A 508 -54.07 -19.59 -13.37
C SER A 508 -55.25 -19.46 -12.43
N SER A 509 -55.58 -20.57 -11.77
CA SER A 509 -56.74 -20.64 -10.90
C SER A 509 -56.62 -19.85 -9.64
N ARG A 510 -55.69 -20.29 -8.80
CA ARG A 510 -55.65 -19.77 -7.45
C ARG A 510 -55.19 -18.34 -7.51
N LYS A 511 -54.47 -17.99 -8.57
CA LYS A 511 -54.14 -16.59 -8.81
C LYS A 511 -55.39 -15.83 -9.11
N CYS A 512 -56.28 -16.43 -9.90
CA CYS A 512 -57.53 -15.77 -10.13
C CYS A 512 -58.36 -16.04 -8.88
N LYS A 513 -58.31 -17.28 -8.36
CA LYS A 513 -58.87 -17.74 -7.06
C LYS A 513 -60.10 -18.64 -7.21
N THR A 514 -60.27 -19.26 -8.38
CA THR A 514 -61.46 -20.09 -8.57
C THR A 514 -61.31 -21.45 -7.90
N ILE A 515 -60.07 -21.82 -7.59
CA ILE A 515 -59.83 -22.93 -6.68
C ILE A 515 -59.14 -22.35 -5.47
N GLY A 516 -59.69 -22.68 -4.30
CA GLY A 516 -59.33 -22.04 -3.05
C GLY A 516 -57.91 -22.22 -2.64
N ALA A 517 -57.46 -21.34 -1.75
CA ALA A 517 -56.11 -21.39 -1.21
C ALA A 517 -55.89 -22.71 -0.49
N LEU A 518 -54.84 -23.42 -0.92
CA LEU A 518 -54.51 -24.73 -0.36
C LEU A 518 -54.34 -24.63 1.15
N GLU A 519 -54.89 -25.62 1.85
CA GLU A 519 -54.80 -25.66 3.30
C GLU A 519 -53.76 -26.66 3.70
N LEU A 520 -52.69 -26.21 4.35
CA LEU A 520 -51.72 -27.16 4.88
C LEU A 520 -52.17 -27.55 6.28
N ARG A 521 -52.66 -28.78 6.43
CA ARG A 521 -53.09 -29.24 7.75
C ARG A 521 -52.00 -30.14 8.29
N VAL A 522 -51.09 -29.59 9.10
CA VAL A 522 -50.03 -30.39 9.72
C VAL A 522 -50.60 -31.42 10.72
N VAL A 523 -50.37 -32.69 10.43
CA VAL A 523 -50.80 -33.76 11.33
C VAL A 523 -49.57 -34.29 12.01
N ALA A 524 -49.79 -35.38 12.76
CA ALA A 524 -48.83 -35.80 13.75
C ALA A 524 -48.20 -37.13 13.34
N LYS A 525 -47.17 -37.51 14.08
CA LYS A 525 -46.31 -38.67 13.81
C LYS A 525 -47.07 -39.99 13.61
N GLY A 526 -46.75 -40.64 12.49
CA GLY A 526 -47.27 -41.95 12.22
C GLY A 526 -48.68 -42.02 11.70
N THR A 527 -49.18 -40.93 11.14
CA THR A 527 -50.46 -40.94 10.43
C THR A 527 -50.33 -41.88 9.24
N PHE A 528 -49.22 -41.75 8.52
CA PHE A 528 -48.95 -42.58 7.36
C PHE A 528 -48.39 -43.95 7.78
N ARG A 529 -48.02 -44.03 9.05
CA ARG A 529 -47.69 -45.29 9.70
C ARG A 529 -48.99 -46.03 9.98
N LYS A 530 -50.04 -45.29 10.36
CA LYS A 530 -51.38 -45.86 10.53
C LYS A 530 -51.81 -46.45 9.20
N ILE A 531 -51.36 -45.77 8.15
CA ILE A 531 -51.72 -46.11 6.80
C ILE A 531 -50.95 -47.34 6.38
N GLN A 532 -49.64 -47.33 6.64
CA GLN A 532 -48.83 -48.49 6.32
C GLN A 532 -49.31 -49.69 7.13
N GLU A 533 -49.53 -49.46 8.42
CA GLU A 533 -49.91 -50.55 9.33
C GLU A 533 -51.23 -51.22 8.93
N HIS A 534 -52.22 -50.43 8.50
CA HIS A 534 -53.49 -51.02 8.15
C HIS A 534 -53.37 -51.76 6.83
N PHE A 535 -52.52 -51.25 5.93
CA PHE A 535 -52.45 -51.81 4.57
C PHE A 535 -51.77 -53.15 4.48
N LEU A 536 -50.57 -53.28 5.02
CA LEU A 536 -49.87 -54.52 4.85
C LEU A 536 -50.61 -55.60 5.60
N GLY A 537 -51.16 -55.24 6.75
CA GLY A 537 -51.92 -56.19 7.56
C GLY A 537 -53.18 -56.59 6.84
N LEU A 538 -53.56 -55.77 5.85
CA LEU A 538 -54.78 -55.94 5.04
C LEU A 538 -54.77 -57.22 4.24
N GLY A 539 -55.91 -57.90 4.24
CA GLY A 539 -56.01 -59.21 3.67
C GLY A 539 -55.98 -59.27 2.15
N SER A 540 -54.90 -59.85 1.63
CA SER A 540 -54.74 -60.24 0.24
C SER A 540 -53.30 -60.74 0.06
N SER A 541 -52.33 -59.83 0.03
CA SER A 541 -50.91 -60.20 0.01
C SER A 541 -49.98 -58.97 -0.03
N ALA A 542 -49.50 -58.55 1.13
CA ALA A 542 -48.47 -57.51 1.29
C ALA A 542 -48.06 -56.58 0.12
N GLY A 543 -48.50 -56.85 -1.09
CA GLY A 543 -48.37 -55.88 -2.16
C GLY A 543 -49.41 -54.86 -1.78
N GLN A 544 -49.09 -53.99 -0.83
CA GLN A 544 -50.10 -53.16 -0.20
C GLN A 544 -49.53 -51.84 0.27
N PHE A 545 -48.40 -51.40 -0.27
CA PHE A 545 -47.73 -50.30 0.39
C PHE A 545 -47.55 -48.98 -0.32
N LYS A 546 -47.66 -48.93 -1.65
CA LYS A 546 -47.58 -47.63 -2.25
C LYS A 546 -48.75 -46.75 -1.82
N MET A 547 -48.51 -45.91 -0.81
CA MET A 547 -49.54 -44.97 -0.34
C MET A 547 -49.91 -43.92 -1.39
N PRO A 548 -51.21 -43.62 -1.49
CA PRO A 548 -51.72 -42.63 -2.45
C PRO A 548 -51.42 -41.21 -2.01
N ARG A 549 -51.00 -40.37 -2.94
CA ARG A 549 -50.41 -39.09 -2.57
C ARG A 549 -51.41 -37.94 -2.40
N CYS A 550 -52.35 -37.83 -3.32
CA CYS A 550 -53.42 -36.82 -3.20
C CYS A 550 -54.76 -37.51 -3.33
N VAL A 551 -55.69 -37.11 -2.47
CA VAL A 551 -56.97 -37.81 -2.43
C VAL A 551 -58.14 -37.00 -3.05
N LYS A 552 -58.67 -37.58 -4.13
CA LYS A 552 -59.93 -37.18 -4.75
C LYS A 552 -61.03 -37.45 -3.74
N PRO A 553 -62.21 -36.86 -3.94
CA PRO A 553 -63.41 -37.29 -3.23
C PRO A 553 -63.63 -38.79 -3.19
N SER A 554 -62.68 -39.62 -3.62
CA SER A 554 -62.87 -41.07 -3.53
C SER A 554 -61.81 -41.81 -2.71
N ASN A 555 -61.18 -41.15 -1.75
CA ASN A 555 -60.20 -41.84 -0.90
C ASN A 555 -60.42 -41.57 0.60
N ALA A 556 -60.62 -42.62 1.40
CA ALA A 556 -61.19 -42.46 2.75
C ALA A 556 -60.34 -42.87 3.97
N LYS A 557 -59.42 -43.82 3.80
CA LYS A 557 -58.62 -44.30 4.93
C LYS A 557 -57.75 -43.22 5.55
N VAL A 558 -56.90 -42.60 4.72
CA VAL A 558 -56.16 -41.46 5.19
C VAL A 558 -57.12 -40.32 5.55
N LEU A 559 -58.33 -40.37 5.01
CA LEU A 559 -59.28 -39.26 5.13
C LEU A 559 -60.03 -39.08 6.48
N GLN A 560 -60.28 -40.14 7.25
CA GLN A 560 -60.82 -39.95 8.60
C GLN A 560 -59.68 -39.51 9.46
N ILE A 561 -58.54 -40.12 9.22
CA ILE A 561 -57.34 -39.77 9.93
C ILE A 561 -56.98 -38.35 9.49
N LEU A 562 -57.65 -37.85 8.47
CA LEU A 562 -57.32 -36.52 7.94
C LEU A 562 -57.51 -35.36 8.96
N CYS A 563 -58.73 -35.10 9.42
CA CYS A 563 -59.06 -33.83 10.09
C CYS A 563 -58.69 -33.65 11.58
N GLU A 564 -59.13 -34.57 12.43
CA GLU A 564 -59.17 -34.23 13.85
C GLU A 564 -57.83 -33.92 14.53
N ASN A 565 -56.73 -34.55 14.12
CA ASN A 565 -55.44 -34.07 14.63
C ASN A 565 -54.85 -33.00 13.75
N VAL A 566 -55.66 -32.02 13.40
CA VAL A 566 -55.09 -30.79 12.88
C VAL A 566 -54.29 -30.23 14.03
N VAL A 567 -53.05 -30.70 14.17
CA VAL A 567 -52.20 -30.25 15.26
C VAL A 567 -52.02 -28.76 15.02
N SER A 568 -52.10 -28.43 13.73
CA SER A 568 -52.31 -27.08 13.20
C SER A 568 -52.91 -27.24 11.81
N SER A 569 -53.67 -26.25 11.37
CA SER A 569 -54.24 -26.28 10.02
C SER A 569 -54.35 -24.87 9.51
N TYR A 570 -53.61 -24.55 8.47
CA TYR A 570 -53.56 -23.14 8.09
C TYR A 570 -53.79 -22.92 6.61
N PHE A 571 -54.46 -21.81 6.36
CA PHE A 571 -54.83 -21.39 5.02
C PHE A 571 -53.85 -20.28 4.66
N SER A 572 -53.27 -20.37 3.48
CA SER A 572 -52.21 -19.44 3.08
C SER A 572 -52.57 -17.99 3.35
N THR A 573 -51.74 -17.34 4.16
CA THR A 573 -51.92 -15.92 4.42
C THR A 573 -51.28 -15.15 3.27
N ALA A 574 -50.57 -15.85 2.40
CA ALA A 574 -50.26 -15.27 1.10
C ALA A 574 -51.55 -15.29 0.29
N PHE A 575 -51.45 -14.82 -0.95
CA PHE A 575 -52.61 -14.74 -1.83
C PHE A 575 -53.59 -13.70 -1.29
N LEU B 10 -7.02 -25.99 -3.47
CA LEU B 10 -8.22 -26.13 -2.62
C LEU B 10 -8.48 -24.83 -1.88
N PRO B 11 -9.64 -24.20 -2.16
CA PRO B 11 -10.06 -22.90 -1.64
C PRO B 11 -10.27 -23.02 -0.14
N ILE B 12 -9.73 -22.12 0.65
CA ILE B 12 -9.98 -22.21 2.07
C ILE B 12 -10.83 -21.05 2.58
N LEU B 13 -11.99 -21.40 3.12
CA LEU B 13 -12.91 -20.38 3.62
C LEU B 13 -12.81 -20.09 5.13
N LEU B 14 -12.56 -18.83 5.48
CA LEU B 14 -12.64 -18.45 6.89
C LEU B 14 -14.08 -18.06 7.20
N ASP B 15 -14.75 -18.87 8.01
CA ASP B 15 -16.19 -18.71 8.22
C ASP B 15 -16.67 -18.83 9.68
N TYR B 16 -17.92 -18.43 9.91
CA TYR B 16 -18.51 -18.32 11.24
C TYR B 16 -19.91 -18.92 11.18
N TRP B 17 -20.21 -19.88 12.06
CA TRP B 17 -21.45 -20.63 11.94
C TRP B 17 -22.72 -19.75 11.82
N PRO B 18 -22.75 -18.56 12.44
CA PRO B 18 -23.94 -17.77 12.14
C PRO B 18 -23.70 -16.56 11.24
N SER B 19 -22.58 -16.43 10.55
CA SER B 19 -22.44 -15.21 9.76
C SER B 19 -23.33 -15.36 8.53
N MET B 20 -24.37 -14.54 8.46
CA MET B 20 -25.23 -14.47 7.25
C MET B 20 -24.36 -14.21 6.04
N PHE B 21 -23.32 -13.44 6.30
CA PHE B 21 -22.32 -13.08 5.29
C PHE B 21 -21.41 -14.26 4.92
N GLY B 22 -21.00 -15.03 5.93
CA GLY B 22 -20.25 -16.26 5.69
C GLY B 22 -21.07 -17.21 4.85
N MET B 23 -22.38 -17.23 5.15
CA MET B 23 -23.34 -17.97 4.35
C MET B 23 -23.50 -17.47 2.92
N ARG B 24 -23.33 -16.18 2.73
CA ARG B 24 -23.32 -15.61 1.39
C ARG B 24 -22.19 -16.22 0.60
N ALA B 25 -21.03 -16.33 1.24
CA ALA B 25 -19.86 -16.90 0.58
C ALA B 25 -20.07 -18.40 0.29
N ARG B 26 -20.49 -19.15 1.31
CA ARG B 26 -20.63 -20.59 1.18
C ARG B 26 -21.68 -20.92 0.16
N VAL B 27 -22.82 -20.22 0.25
CA VAL B 27 -23.88 -20.40 -0.74
C VAL B 27 -23.36 -20.10 -2.13
N ALA B 28 -22.62 -19.02 -2.27
CA ALA B 28 -22.19 -18.62 -3.62
C ALA B 28 -21.28 -19.65 -4.26
N LEU B 29 -20.24 -20.04 -3.52
CA LEU B 29 -19.35 -21.11 -3.95
C LEU B 29 -20.11 -22.42 -4.19
N ARG B 30 -20.91 -22.90 -3.22
CA ARG B 30 -21.61 -24.17 -3.39
C ARG B 30 -22.61 -24.08 -4.54
N GLU B 31 -23.14 -22.87 -4.76
CA GLU B 31 -24.08 -22.68 -5.85
C GLU B 31 -23.34 -22.94 -7.15
N LYS B 32 -22.07 -22.57 -7.18
CA LYS B 32 -21.31 -22.66 -8.41
C LYS B 32 -20.79 -24.03 -8.81
N GLY B 33 -20.12 -24.72 -7.89
CA GLY B 33 -19.63 -26.08 -8.13
C GLY B 33 -18.20 -26.27 -7.63
N VAL B 34 -17.87 -25.65 -6.51
CA VAL B 34 -16.51 -25.76 -6.00
C VAL B 34 -16.46 -26.72 -4.81
N GLU B 35 -15.42 -27.54 -4.76
CA GLU B 35 -15.20 -28.34 -3.56
C GLU B 35 -14.23 -27.54 -2.66
N PHE B 36 -14.74 -27.11 -1.52
CA PHE B 36 -13.95 -26.23 -0.64
C PHE B 36 -14.02 -26.65 0.82
N GLU B 37 -13.13 -26.07 1.60
CA GLU B 37 -13.04 -26.37 3.02
C GLU B 37 -13.42 -25.15 3.88
N TYR B 38 -14.19 -25.44 4.94
CA TYR B 38 -14.66 -24.45 5.91
C TYR B 38 -13.78 -24.50 7.17
N ARG B 39 -13.43 -23.33 7.70
CA ARG B 39 -12.71 -23.28 8.97
C ARG B 39 -13.49 -22.35 9.89
N GLU B 40 -13.95 -22.89 11.02
CA GLU B 40 -14.87 -22.10 11.85
C GLU B 40 -14.05 -21.16 12.69
N GLU B 41 -14.52 -19.91 12.83
CA GLU B 41 -13.74 -18.90 13.52
C GLU B 41 -14.17 -18.64 14.96
N ASP B 42 -13.18 -18.57 15.84
CA ASP B 42 -13.34 -18.02 17.17
C ASP B 42 -12.88 -16.55 17.12
N PHE B 43 -13.82 -15.61 17.06
CA PHE B 43 -13.40 -14.24 16.84
C PHE B 43 -12.67 -13.65 18.07
N SER B 44 -12.70 -14.37 19.19
CA SER B 44 -11.85 -14.03 20.33
C SER B 44 -10.43 -14.37 19.95
N ASN B 45 -10.26 -15.35 19.06
CA ASN B 45 -8.93 -15.72 18.61
C ASN B 45 -8.88 -15.78 17.09
N LYS B 46 -8.78 -14.61 16.45
CA LYS B 46 -8.74 -14.59 14.99
C LYS B 46 -7.45 -15.21 14.48
N SER B 47 -7.61 -16.05 13.48
CA SER B 47 -6.54 -16.91 13.02
C SER B 47 -5.35 -16.18 12.44
N PRO B 48 -4.18 -16.84 12.47
CA PRO B 48 -2.99 -16.35 11.78
C PRO B 48 -3.19 -16.06 10.29
N LEU B 49 -3.93 -16.91 9.60
CA LEU B 49 -4.12 -16.73 8.18
C LEU B 49 -5.20 -15.65 8.00
N LEU B 50 -6.09 -15.54 8.99
CA LEU B 50 -7.11 -14.49 8.93
C LEU B 50 -6.49 -13.15 9.26
N LEU B 51 -5.62 -13.09 10.29
CA LEU B 51 -5.05 -11.81 10.66
C LEU B 51 -4.12 -11.33 9.55
N GLN B 52 -3.77 -12.26 8.65
CA GLN B 52 -2.97 -11.93 7.46
C GLN B 52 -3.85 -11.59 6.27
N SER B 53 -5.08 -12.12 6.26
CA SER B 53 -6.00 -11.81 5.18
C SER B 53 -6.56 -10.40 5.33
N ASN B 54 -7.12 -10.10 6.50
CA ASN B 54 -7.58 -8.74 6.81
C ASN B 54 -7.05 -8.28 8.17
N PRO B 55 -5.80 -7.76 8.20
CA PRO B 55 -5.15 -7.35 9.45
C PRO B 55 -5.88 -6.23 10.19
N ILE B 56 -6.80 -5.54 9.52
CA ILE B 56 -7.47 -4.39 10.14
C ILE B 56 -8.92 -4.68 10.44
N HIS B 57 -9.67 -5.05 9.42
CA HIS B 57 -11.08 -5.47 9.59
C HIS B 57 -11.18 -6.69 10.49
N LYS B 58 -10.29 -7.64 10.22
CA LYS B 58 -10.32 -8.96 10.84
C LYS B 58 -11.68 -9.61 10.61
N LYS B 59 -12.32 -9.28 9.50
CA LYS B 59 -13.71 -9.75 9.27
C LYS B 59 -13.83 -10.77 8.16
N ILE B 60 -14.79 -11.65 8.34
CA ILE B 60 -15.07 -12.76 7.44
C ILE B 60 -16.38 -12.45 6.74
N PRO B 61 -16.74 -13.22 5.69
CA PRO B 61 -16.07 -14.40 5.10
C PRO B 61 -14.76 -14.14 4.34
N VAL B 62 -13.81 -15.09 4.37
CA VAL B 62 -12.59 -14.95 3.58
C VAL B 62 -12.35 -16.20 2.74
N LEU B 63 -12.33 -16.04 1.41
CA LEU B 63 -12.00 -17.18 0.56
C LEU B 63 -10.56 -17.05 0.08
N VAL B 64 -9.73 -18.06 0.31
CA VAL B 64 -8.32 -17.98 -0.07
C VAL B 64 -8.05 -18.84 -1.29
N HIS B 65 -7.74 -18.18 -2.41
CA HIS B 65 -7.46 -18.82 -3.70
C HIS B 65 -6.13 -18.35 -4.26
N ASN B 66 -5.32 -19.31 -4.69
CA ASN B 66 -3.99 -19.05 -5.24
C ASN B 66 -3.11 -18.40 -4.18
N GLY B 67 -3.51 -18.60 -2.93
CA GLY B 67 -2.85 -17.99 -1.80
C GLY B 67 -3.16 -16.50 -1.80
N LYS B 68 -4.28 -16.14 -2.40
CA LYS B 68 -4.66 -14.73 -2.38
C LYS B 68 -6.00 -14.59 -1.70
N PRO B 69 -6.03 -13.80 -0.62
CA PRO B 69 -7.21 -13.65 0.23
C PRO B 69 -8.30 -12.83 -0.46
N VAL B 70 -9.53 -13.35 -0.50
CA VAL B 70 -10.58 -12.58 -1.11
C VAL B 70 -11.60 -12.25 0.01
N CYS B 71 -11.96 -10.97 0.16
CA CYS B 71 -12.69 -10.51 1.35
C CYS B 71 -13.97 -9.75 1.03
N GLU B 72 -14.84 -9.67 2.05
CA GLU B 72 -16.20 -9.10 1.94
C GLU B 72 -17.15 -10.05 1.19
N SER B 73 -18.34 -10.23 1.76
CA SER B 73 -19.27 -11.26 1.32
C SER B 73 -19.76 -11.10 -0.12
N LEU B 74 -20.27 -9.92 -0.44
CA LEU B 74 -20.72 -9.66 -1.80
C LEU B 74 -19.53 -9.70 -2.73
N ASN B 75 -18.39 -9.18 -2.25
CA ASN B 75 -17.18 -9.18 -3.05
C ASN B 75 -16.81 -10.61 -3.36
N VAL B 76 -16.86 -11.47 -2.34
CA VAL B 76 -16.52 -12.86 -2.51
C VAL B 76 -17.45 -13.56 -3.51
N VAL B 77 -18.76 -13.31 -3.45
CA VAL B 77 -19.67 -14.00 -4.37
C VAL B 77 -19.44 -13.59 -5.81
N GLN B 78 -19.17 -12.32 -6.09
CA GLN B 78 -18.85 -12.03 -7.48
C GLN B 78 -17.48 -12.58 -7.84
N TYR B 79 -16.63 -12.77 -6.83
CA TYR B 79 -15.39 -13.51 -7.06
C TYR B 79 -15.73 -14.93 -7.47
N VAL B 80 -16.77 -15.49 -6.83
CA VAL B 80 -17.35 -16.77 -7.24
C VAL B 80 -17.69 -16.74 -8.72
N ASP B 81 -18.36 -15.69 -9.15
CA ASP B 81 -18.76 -15.59 -10.54
C ASP B 81 -17.59 -15.51 -11.52
N GLU B 82 -16.58 -14.70 -11.22
CA GLU B 82 -15.49 -14.49 -12.16
C GLU B 82 -14.45 -15.60 -12.15
N ALA B 83 -14.43 -16.40 -11.10
CA ALA B 83 -13.38 -17.41 -10.92
C ALA B 83 -13.62 -18.67 -11.74
N TRP B 84 -14.87 -19.00 -11.99
CA TRP B 84 -15.17 -20.15 -12.83
C TRP B 84 -16.29 -19.77 -13.82
N PRO B 85 -16.00 -18.92 -14.83
CA PRO B 85 -17.01 -18.36 -15.75
C PRO B 85 -17.37 -19.26 -16.94
N GLU B 86 -17.87 -20.46 -16.66
CA GLU B 86 -18.25 -21.42 -17.71
C GLU B 86 -19.58 -22.10 -17.50
N LYS B 87 -19.99 -22.21 -16.25
CA LYS B 87 -21.16 -23.02 -15.93
C LYS B 87 -22.32 -22.19 -15.38
N ASN B 88 -22.24 -21.80 -14.11
CA ASN B 88 -23.39 -21.17 -13.46
C ASN B 88 -23.16 -19.70 -13.13
N PRO B 89 -23.68 -18.82 -14.01
CA PRO B 89 -23.52 -17.36 -13.86
C PRO B 89 -24.63 -16.79 -12.99
N PHE B 90 -24.33 -15.86 -12.10
CA PHE B 90 -25.40 -15.34 -11.29
C PHE B 90 -26.08 -14.12 -11.92
N PHE B 91 -25.39 -13.46 -12.85
CA PHE B 91 -25.87 -12.26 -13.55
C PHE B 91 -26.43 -12.62 -14.93
N PRO B 92 -27.34 -11.80 -15.46
CA PRO B 92 -27.78 -11.96 -16.85
C PRO B 92 -26.74 -11.33 -17.80
N SER B 93 -26.98 -11.40 -19.10
CA SER B 93 -26.01 -10.91 -20.07
C SER B 93 -25.90 -9.38 -20.13
N ASP B 94 -26.99 -8.65 -19.88
CA ASP B 94 -26.94 -7.21 -20.09
C ASP B 94 -26.30 -6.46 -18.94
N PRO B 95 -25.68 -5.31 -19.24
CA PRO B 95 -25.06 -4.52 -18.18
C PRO B 95 -26.10 -3.95 -17.26
N TYR B 96 -27.25 -3.54 -17.83
CA TYR B 96 -28.32 -2.95 -17.05
C TYR B 96 -28.83 -3.95 -15.99
N GLY B 97 -28.98 -5.21 -16.39
CA GLY B 97 -29.43 -6.25 -15.49
C GLY B 97 -28.41 -6.43 -14.37
N ARG B 98 -27.12 -6.37 -14.72
CA ARG B 98 -26.05 -6.38 -13.71
C ARG B 98 -26.20 -5.23 -12.71
N ALA B 99 -26.47 -4.04 -13.22
CA ALA B 99 -26.59 -2.86 -12.35
C ALA B 99 -27.80 -2.99 -11.44
N GLN B 100 -28.86 -3.62 -11.92
CA GLN B 100 -30.08 -3.84 -11.14
C GLN B 100 -29.85 -4.81 -10.00
N ALA B 101 -29.07 -5.86 -10.27
CA ALA B 101 -28.83 -6.87 -9.26
C ALA B 101 -27.85 -6.34 -8.22
N ARG B 102 -26.81 -5.64 -8.68
CA ARG B 102 -25.90 -4.98 -7.77
C ARG B 102 -26.65 -3.96 -6.94
N PHE B 103 -27.51 -3.21 -7.62
CA PHE B 103 -28.32 -2.16 -7.01
C PHE B 103 -29.14 -2.75 -5.88
N TRP B 104 -29.79 -3.86 -6.21
CA TRP B 104 -30.59 -4.61 -5.25
C TRP B 104 -29.66 -5.37 -4.32
N ALA B 105 -28.39 -5.57 -4.66
CA ALA B 105 -27.46 -6.16 -3.68
C ALA B 105 -27.12 -5.15 -2.58
N ASP B 106 -26.96 -3.90 -2.97
CA ASP B 106 -26.72 -2.81 -2.02
C ASP B 106 -27.89 -2.64 -1.05
N PHE B 107 -29.10 -2.89 -1.56
CA PHE B 107 -30.32 -2.74 -0.75
C PHE B 107 -30.40 -3.66 0.48
N VAL B 108 -30.08 -4.93 0.28
CA VAL B 108 -30.04 -5.90 1.38
C VAL B 108 -28.99 -5.49 2.40
N ASP B 109 -27.91 -4.87 1.93
CA ASP B 109 -26.78 -4.54 2.81
C ASP B 109 -27.03 -3.36 3.78
N LYS B 110 -27.99 -2.49 3.45
CA LYS B 110 -28.19 -1.23 4.17
C LYS B 110 -29.30 -1.32 5.22
N LYS B 111 -30.47 -0.78 4.89
CA LYS B 111 -31.51 -0.59 5.88
C LYS B 111 -32.04 -1.97 6.29
N PHE B 112 -31.96 -2.92 5.37
CA PHE B 112 -32.36 -4.31 5.65
C PHE B 112 -31.57 -4.89 6.80
N THR B 113 -30.25 -4.86 6.71
CA THR B 113 -29.38 -5.51 7.73
C THR B 113 -29.38 -4.84 9.10
N ASP B 114 -29.39 -3.51 9.11
CA ASP B 114 -29.44 -2.80 10.39
C ASP B 114 -30.80 -3.01 11.02
N ALA B 115 -31.87 -2.95 10.20
CA ALA B 115 -33.23 -3.12 10.74
C ALA B 115 -33.37 -4.48 11.43
N GLN B 116 -32.86 -5.53 10.80
CA GLN B 116 -32.84 -6.85 11.41
C GLN B 116 -31.90 -6.85 12.60
N PHE B 117 -30.69 -6.30 12.43
CA PHE B 117 -29.80 -6.05 13.57
C PHE B 117 -30.57 -5.38 14.71
N LYS B 118 -31.43 -4.43 14.36
CA LYS B 118 -32.31 -3.80 15.35
C LYS B 118 -33.39 -4.75 15.90
N VAL B 119 -33.99 -5.60 15.05
CA VAL B 119 -35.09 -6.45 15.52
C VAL B 119 -34.60 -7.51 16.55
N TRP B 120 -33.44 -8.11 16.33
CA TRP B 120 -33.04 -9.20 17.22
C TRP B 120 -31.95 -8.79 18.23
N GLY B 121 -31.31 -7.66 17.97
CA GLY B 121 -30.20 -7.19 18.79
C GLY B 121 -30.55 -6.16 19.84
N LYS B 122 -31.68 -5.47 19.68
CA LYS B 122 -32.02 -4.37 20.59
C LYS B 122 -33.49 -4.43 21.02
N LYS B 123 -33.89 -3.57 21.94
CA LYS B 123 -35.28 -3.59 22.39
C LYS B 123 -35.85 -2.22 22.61
N GLY B 124 -37.16 -2.18 22.90
CA GLY B 124 -37.81 -0.94 23.28
C GLY B 124 -38.02 0.07 22.16
N GLU B 125 -37.71 1.32 22.46
CA GLU B 125 -37.78 2.40 21.49
C GLU B 125 -36.96 2.10 20.23
N GLU B 126 -35.83 1.41 20.40
CA GLU B 126 -35.01 0.99 19.28
C GLU B 126 -35.72 -0.05 18.43
N GLN B 127 -36.34 -1.02 19.09
CA GLN B 127 -36.90 -2.22 18.42
C GLN B 127 -38.00 -1.89 17.44
N GLU B 128 -39.03 -1.17 17.88
CA GLU B 128 -40.14 -0.83 17.00
C GLU B 128 -39.68 -0.05 15.76
N ALA B 129 -38.73 0.87 15.91
CA ALA B 129 -38.18 1.54 14.74
C ALA B 129 -37.59 0.53 13.75
N GLY B 130 -36.66 -0.30 14.22
CA GLY B 130 -36.15 -1.38 13.40
C GLY B 130 -37.25 -2.28 12.87
N LYS B 131 -38.36 -2.36 13.60
CA LYS B 131 -39.43 -3.31 13.31
C LYS B 131 -40.23 -2.88 12.08
N LYS B 132 -40.68 -1.64 12.08
CA LYS B 132 -41.37 -1.06 10.93
C LYS B 132 -40.42 -0.91 9.74
N GLU B 133 -39.12 -0.82 10.04
CA GLU B 133 -38.09 -0.73 9.00
C GLU B 133 -37.99 -2.00 8.22
N PHE B 134 -38.06 -3.17 8.89
CA PHE B 134 -37.89 -4.37 8.09
C PHE B 134 -39.17 -4.81 7.41
N ILE B 135 -40.32 -4.47 7.98
CA ILE B 135 -41.57 -4.82 7.30
C ILE B 135 -41.61 -3.98 6.07
N GLU B 136 -41.14 -2.74 6.17
CA GLU B 136 -41.08 -1.86 5.01
C GLU B 136 -40.13 -2.43 3.97
N ALA B 137 -39.00 -2.96 4.43
CA ALA B 137 -38.01 -3.57 3.54
C ALA B 137 -38.56 -4.81 2.86
N VAL B 138 -39.10 -5.75 3.65
CA VAL B 138 -39.67 -6.95 3.06
C VAL B 138 -40.83 -6.55 2.16
N LYS B 139 -41.36 -5.34 2.32
CA LYS B 139 -42.45 -4.88 1.42
C LYS B 139 -41.96 -4.38 0.05
N ILE B 140 -40.94 -3.51 0.02
CA ILE B 140 -40.35 -3.08 -1.25
C ILE B 140 -39.76 -4.32 -1.91
N LEU B 141 -39.30 -5.23 -1.06
CA LEU B 141 -38.69 -6.48 -1.47
C LEU B 141 -39.64 -7.39 -2.21
N GLU B 142 -40.79 -7.57 -1.57
CA GLU B 142 -41.88 -8.33 -2.11
C GLU B 142 -42.37 -7.67 -3.40
N SER B 143 -42.41 -6.32 -3.42
CA SER B 143 -42.78 -5.59 -4.65
C SER B 143 -41.84 -5.87 -5.81
N GLU B 144 -40.53 -5.93 -5.57
CA GLU B 144 -39.60 -6.15 -6.67
C GLU B 144 -39.49 -7.62 -7.03
N LEU B 145 -39.73 -8.47 -6.04
CA LEU B 145 -39.80 -9.90 -6.30
C LEU B 145 -40.91 -10.09 -7.34
N GLY B 146 -42.03 -9.39 -7.14
CA GLY B 146 -43.07 -9.42 -8.16
C GLY B 146 -43.56 -10.83 -8.48
N ASP B 147 -42.74 -11.58 -9.21
CA ASP B 147 -43.17 -12.85 -9.79
C ASP B 147 -42.05 -13.83 -10.06
N LYS B 148 -40.87 -13.28 -10.36
CA LYS B 148 -39.68 -14.04 -10.68
C LYS B 148 -39.36 -15.13 -9.64
N PRO B 149 -38.90 -16.32 -10.12
CA PRO B 149 -38.63 -17.37 -9.13
C PRO B 149 -37.50 -16.92 -8.23
N TYR B 150 -36.67 -16.02 -8.75
CA TYR B 150 -35.51 -15.52 -8.00
C TYR B 150 -35.34 -14.02 -8.12
N PHE B 151 -34.15 -13.58 -8.52
CA PHE B 151 -33.87 -12.15 -8.46
C PHE B 151 -32.93 -11.60 -9.54
N GLY B 152 -31.73 -12.15 -9.64
CA GLY B 152 -30.66 -11.51 -10.40
C GLY B 152 -30.64 -11.95 -11.84
N GLY B 153 -31.70 -12.65 -12.28
CA GLY B 153 -31.79 -13.14 -13.64
C GLY B 153 -32.94 -14.13 -13.71
N ASP B 154 -32.98 -14.99 -14.74
CA ASP B 154 -34.10 -15.92 -14.90
C ASP B 154 -33.96 -17.14 -14.02
N SER B 155 -32.77 -17.34 -13.45
CA SER B 155 -32.56 -18.41 -12.51
C SER B 155 -32.02 -17.90 -11.18
N PHE B 156 -31.45 -18.82 -10.41
CA PHE B 156 -30.77 -18.47 -9.18
C PHE B 156 -29.75 -17.37 -9.45
N GLY B 157 -29.88 -16.26 -8.73
CA GLY B 157 -29.05 -15.08 -8.98
C GLY B 157 -27.98 -14.72 -7.98
N TYR B 158 -27.39 -13.56 -8.26
CA TYR B 158 -26.34 -12.96 -7.46
C TYR B 158 -26.88 -12.60 -6.10
N VAL B 159 -28.05 -12.02 -6.13
CA VAL B 159 -28.56 -11.42 -4.93
C VAL B 159 -29.45 -12.46 -4.24
N ASP B 160 -29.91 -13.45 -5.01
CA ASP B 160 -30.51 -14.61 -4.41
C ASP B 160 -29.65 -15.07 -3.28
N ILE B 161 -28.38 -15.23 -3.60
CA ILE B 161 -27.35 -15.61 -2.66
C ILE B 161 -27.33 -14.57 -1.56
N SER B 162 -27.46 -13.30 -1.92
CA SER B 162 -27.33 -12.19 -0.98
C SER B 162 -28.40 -12.13 0.13
N LEU B 163 -29.68 -12.34 -0.19
CA LEU B 163 -30.73 -12.22 0.83
C LEU B 163 -31.33 -13.52 1.32
N ILE B 164 -31.05 -14.61 0.63
CA ILE B 164 -31.56 -15.92 1.07
C ILE B 164 -31.04 -16.33 2.44
N THR B 165 -29.79 -16.02 2.69
CA THR B 165 -29.11 -16.41 3.92
C THR B 165 -29.69 -15.71 5.13
N PHE B 166 -30.60 -14.76 4.90
CA PHE B 166 -31.29 -14.07 5.98
C PHE B 166 -32.50 -14.87 6.44
N SER B 167 -32.86 -15.87 5.63
CA SER B 167 -34.08 -16.64 5.88
C SER B 167 -33.98 -17.66 7.03
N SER B 168 -32.81 -17.81 7.63
CA SER B 168 -32.70 -18.68 8.80
C SER B 168 -32.82 -17.87 10.08
N TRP B 169 -32.52 -16.56 9.98
CA TRP B 169 -32.77 -15.62 11.04
C TRP B 169 -34.19 -15.10 11.13
N PHE B 170 -34.99 -15.47 10.15
CA PHE B 170 -36.40 -15.10 10.13
C PHE B 170 -37.08 -15.61 11.39
N GLN B 171 -36.67 -16.80 11.84
CA GLN B 171 -37.24 -17.36 13.05
C GLN B 171 -36.93 -16.50 14.29
N ALA B 172 -35.71 -15.94 14.38
CA ALA B 172 -35.33 -15.03 15.48
C ALA B 172 -36.13 -13.76 15.42
N TYR B 173 -36.28 -13.24 14.21
CA TYR B 173 -36.98 -11.97 14.02
C TYR B 173 -38.44 -12.12 14.43
N GLU B 174 -38.98 -13.31 14.14
CA GLU B 174 -40.37 -13.63 14.39
C GLU B 174 -40.62 -13.70 15.89
N LYS B 175 -39.70 -14.31 16.63
CA LYS B 175 -39.95 -14.57 18.05
C LYS B 175 -39.61 -13.39 18.96
N PHE B 176 -38.43 -12.80 18.76
CA PHE B 176 -38.01 -11.69 19.61
C PHE B 176 -38.86 -10.47 19.27
N GLY B 177 -39.07 -10.24 17.97
CA GLY B 177 -40.00 -9.21 17.59
C GLY B 177 -41.41 -9.61 17.96
N ASN B 178 -41.58 -10.87 18.37
CA ASN B 178 -42.89 -11.49 18.61
C ASN B 178 -43.86 -11.16 17.48
N PHE B 179 -43.36 -11.30 16.25
CA PHE B 179 -44.09 -10.91 15.04
C PHE B 179 -44.43 -12.11 14.23
N SER B 180 -44.83 -11.86 12.98
CA SER B 180 -45.00 -12.85 11.94
C SER B 180 -44.83 -12.07 10.63
N ILE B 181 -43.63 -12.09 10.06
CA ILE B 181 -43.33 -11.27 8.88
C ILE B 181 -44.00 -11.83 7.64
N GLU B 182 -44.72 -12.94 7.78
CA GLU B 182 -45.38 -13.58 6.65
C GLU B 182 -46.77 -13.03 6.28
N SER B 183 -47.59 -12.64 7.25
CA SER B 183 -48.93 -12.19 6.85
C SER B 183 -48.87 -10.77 6.23
N GLU B 184 -47.75 -10.06 6.43
CA GLU B 184 -47.61 -8.70 5.85
C GLU B 184 -46.92 -8.75 4.49
N SER B 185 -45.98 -9.68 4.36
CA SER B 185 -45.31 -9.96 3.10
C SER B 185 -44.92 -11.41 3.07
N PRO B 186 -45.83 -12.23 2.54
CA PRO B 186 -45.72 -13.69 2.58
C PRO B 186 -44.87 -14.26 1.51
N LYS B 187 -44.91 -13.67 0.31
CA LYS B 187 -44.22 -14.22 -0.84
C LYS B 187 -42.70 -14.20 -0.67
N LEU B 188 -42.20 -13.39 0.26
CA LEU B 188 -40.74 -13.29 0.45
C LEU B 188 -40.17 -14.51 1.19
N ILE B 189 -40.76 -14.83 2.35
CA ILE B 189 -40.34 -16.01 3.10
C ILE B 189 -40.72 -17.19 2.28
N ALA B 190 -41.75 -16.93 1.49
CA ALA B 190 -42.27 -17.92 0.61
C ALA B 190 -41.21 -18.24 -0.48
N TRP B 191 -40.66 -17.20 -1.08
CA TRP B 191 -39.56 -17.34 -2.02
C TRP B 191 -38.37 -18.01 -1.33
N ALA B 192 -38.25 -17.84 -0.02
CA ALA B 192 -37.09 -18.27 0.76
C ALA B 192 -36.99 -19.77 0.93
N LYS B 193 -38.05 -20.39 1.39
CA LYS B 193 -38.01 -21.83 1.52
C LYS B 193 -37.99 -22.49 0.13
N ARG B 194 -38.36 -21.75 -0.92
CA ARG B 194 -38.10 -22.20 -2.30
C ARG B 194 -36.63 -22.27 -2.57
N CYS B 195 -35.96 -21.15 -2.34
CA CYS B 195 -34.52 -21.07 -2.48
C CYS B 195 -33.76 -22.05 -1.62
N MET B 196 -34.43 -22.66 -0.65
CA MET B 196 -33.71 -23.62 0.20
C MET B 196 -33.45 -24.94 -0.51
N GLU B 197 -34.11 -25.15 -1.64
CA GLU B 197 -33.99 -26.39 -2.38
C GLU B 197 -32.72 -26.46 -3.21
N LYS B 198 -31.97 -25.36 -3.26
CA LYS B 198 -30.70 -25.41 -3.93
C LYS B 198 -29.66 -25.92 -2.96
N GLU B 199 -28.80 -26.82 -3.46
CA GLU B 199 -27.84 -27.54 -2.62
C GLU B 199 -26.79 -26.58 -2.04
N SER B 200 -26.77 -25.34 -2.53
CA SER B 200 -25.84 -24.33 -2.03
C SER B 200 -26.21 -23.81 -0.64
N VAL B 201 -27.50 -23.58 -0.42
CA VAL B 201 -28.02 -23.04 0.84
C VAL B 201 -28.46 -24.18 1.74
N SER B 202 -28.80 -25.31 1.12
CA SER B 202 -29.31 -26.45 1.86
C SER B 202 -28.25 -27.21 2.64
N LYS B 203 -26.98 -26.87 2.45
CA LYS B 203 -25.92 -27.57 3.19
C LYS B 203 -24.95 -26.56 3.79
N SER B 204 -25.08 -25.29 3.38
CA SER B 204 -24.16 -24.27 3.90
C SER B 204 -24.70 -23.56 5.13
N LEU B 205 -26.03 -23.66 5.33
CA LEU B 205 -26.71 -22.90 6.37
C LEU B 205 -27.11 -23.77 7.57
N PRO B 206 -26.61 -23.38 8.76
CA PRO B 206 -26.93 -23.91 10.09
C PRO B 206 -28.38 -23.79 10.54
N ASP B 207 -28.69 -24.58 11.58
CA ASP B 207 -30.03 -24.64 12.13
C ASP B 207 -30.45 -23.32 12.75
N SER B 208 -31.73 -22.99 12.59
CA SER B 208 -32.32 -21.72 13.02
C SER B 208 -32.66 -21.70 14.49
N GLU B 209 -32.94 -22.87 15.08
CA GLU B 209 -33.23 -22.92 16.50
C GLU B 209 -31.96 -22.48 17.24
N LYS B 210 -30.82 -22.85 16.65
CA LYS B 210 -29.52 -22.52 17.22
C LYS B 210 -29.26 -21.07 16.98
N ILE B 211 -29.66 -20.62 15.80
CA ILE B 211 -29.41 -19.25 15.38
C ILE B 211 -30.25 -18.35 16.29
N VAL B 212 -31.49 -18.78 16.55
CA VAL B 212 -32.40 -18.15 17.52
C VAL B 212 -31.71 -18.09 18.89
N ALA B 213 -31.03 -19.19 19.23
CA ALA B 213 -30.38 -19.35 20.53
C ALA B 213 -29.15 -18.45 20.58
N TYR B 214 -28.48 -18.26 19.44
CA TYR B 214 -27.34 -17.35 19.41
C TYR B 214 -27.83 -15.91 19.68
N ALA B 215 -28.96 -15.56 19.06
CA ALA B 215 -29.59 -14.27 19.25
C ALA B 215 -30.03 -14.12 20.69
N ALA B 216 -30.38 -15.26 21.29
CA ALA B 216 -30.77 -15.32 22.70
C ALA B 216 -29.56 -15.12 23.60
N GLU B 217 -28.41 -15.62 23.17
CA GLU B 217 -27.18 -15.44 23.95
C GLU B 217 -26.80 -13.97 23.88
N TYR B 218 -26.91 -13.40 22.68
CA TYR B 218 -26.59 -11.99 22.47
C TYR B 218 -27.50 -11.13 23.31
N ARG B 219 -28.77 -11.50 23.33
CA ARG B 219 -29.72 -10.72 24.10
C ARG B 219 -29.54 -10.79 25.61
N LYS B 220 -29.21 -11.99 26.13
CA LYS B 220 -29.12 -12.17 27.57
C LYS B 220 -27.87 -11.49 28.08
N ASN B 221 -26.88 -11.35 27.22
CA ASN B 221 -25.64 -10.66 27.62
C ASN B 221 -25.84 -9.15 27.74
N ASN B 222 -26.72 -8.59 26.92
CA ASN B 222 -26.81 -7.13 26.85
C ASN B 222 -28.20 -6.57 27.14
N LEU B 223 -28.65 -6.73 28.39
CA LEU B 223 -29.92 -6.17 28.81
C LEU B 223 -29.73 -4.97 29.76
N LEU C 10 -29.62 11.38 -25.30
CA LEU C 10 -28.40 11.55 -24.50
C LEU C 10 -28.72 11.22 -23.04
N PRO C 11 -27.89 10.36 -22.42
CA PRO C 11 -28.06 9.88 -21.05
C PRO C 11 -28.23 11.03 -20.05
N ILE C 12 -29.19 10.87 -19.12
CA ILE C 12 -29.54 11.94 -18.17
C ILE C 12 -29.05 11.67 -16.76
N LEU C 13 -28.21 12.56 -16.27
CA LEU C 13 -27.72 12.46 -14.90
C LEU C 13 -28.52 13.35 -13.98
N LEU C 14 -29.15 12.78 -12.96
CA LEU C 14 -29.70 13.57 -11.88
C LEU C 14 -28.60 13.63 -10.84
N ASP C 15 -28.14 14.84 -10.54
CA ASP C 15 -26.93 15.00 -9.76
C ASP C 15 -27.02 16.20 -8.84
N TYR C 16 -25.92 16.50 -8.15
CA TYR C 16 -25.82 17.58 -7.18
C TYR C 16 -24.43 18.17 -7.32
N TRP C 17 -24.30 19.47 -7.55
CA TRP C 17 -23.01 20.02 -7.91
C TRP C 17 -21.94 19.88 -6.81
N PRO C 18 -22.30 20.07 -5.52
CA PRO C 18 -21.18 19.92 -4.58
C PRO C 18 -20.88 18.46 -4.20
N SER C 19 -21.73 17.53 -4.63
CA SER C 19 -21.57 16.13 -4.28
C SER C 19 -20.36 15.47 -4.94
N MET C 20 -19.50 14.85 -4.13
CA MET C 20 -18.34 14.10 -4.66
C MET C 20 -18.77 12.85 -5.41
N PHE C 21 -19.87 12.27 -4.97
CA PHE C 21 -20.37 11.03 -5.53
C PHE C 21 -20.97 11.22 -6.92
N GLY C 22 -21.77 12.28 -7.09
CA GLY C 22 -22.29 12.63 -8.39
C GLY C 22 -21.14 12.92 -9.35
N MET C 23 -20.06 13.47 -8.77
CA MET C 23 -18.82 13.77 -9.45
C MET C 23 -18.20 12.49 -9.98
N ARG C 24 -18.31 11.41 -9.21
CA ARG C 24 -17.79 10.12 -9.63
C ARG C 24 -18.45 9.70 -10.94
N ALA C 25 -19.75 9.91 -11.05
CA ALA C 25 -20.46 9.56 -12.29
C ALA C 25 -20.04 10.50 -13.42
N ARG C 26 -19.98 11.79 -13.11
CA ARG C 26 -19.50 12.81 -14.05
C ARG C 26 -18.12 12.47 -14.60
N VAL C 27 -17.24 12.02 -13.70
CA VAL C 27 -15.89 11.63 -14.09
C VAL C 27 -15.97 10.48 -15.09
N ALA C 28 -16.78 9.47 -14.76
CA ALA C 28 -16.77 8.23 -15.52
C ALA C 28 -17.24 8.45 -16.97
N LEU C 29 -18.31 9.20 -17.15
CA LEU C 29 -18.82 9.46 -18.49
C LEU C 29 -17.88 10.37 -19.29
N ARG C 30 -17.23 11.32 -18.61
CA ARG C 30 -16.32 12.22 -19.30
C ARG C 30 -15.02 11.52 -19.72
N GLU C 31 -14.57 10.55 -18.93
CA GLU C 31 -13.33 9.84 -19.24
C GLU C 31 -13.59 9.01 -20.48
N LYS C 32 -14.77 8.40 -20.52
CA LYS C 32 -15.13 7.50 -21.64
C LYS C 32 -15.22 8.23 -22.96
N GLY C 33 -16.15 9.18 -23.05
CA GLY C 33 -16.39 9.86 -24.30
C GLY C 33 -17.87 9.95 -24.57
N VAL C 34 -18.68 9.62 -23.56
CA VAL C 34 -20.13 9.74 -23.65
C VAL C 34 -20.59 11.20 -23.68
N GLU C 35 -21.56 11.49 -24.54
CA GLU C 35 -22.20 12.81 -24.48
C GLU C 35 -23.47 12.77 -23.65
N PHE C 36 -23.58 13.66 -22.67
CA PHE C 36 -24.73 13.56 -21.76
C PHE C 36 -25.23 14.92 -21.29
N GLU C 37 -26.47 14.90 -20.81
CA GLU C 37 -27.11 16.08 -20.25
C GLU C 37 -27.01 16.01 -18.75
N TYR C 38 -26.58 17.10 -18.14
CA TYR C 38 -26.42 17.22 -16.70
C TYR C 38 -27.66 17.88 -16.07
N ARG C 39 -28.14 17.35 -14.95
CA ARG C 39 -29.30 17.91 -14.28
C ARG C 39 -28.98 18.22 -12.82
N GLU C 40 -29.31 19.42 -12.38
CA GLU C 40 -29.12 19.80 -10.98
C GLU C 40 -30.43 19.54 -10.26
N GLU C 41 -30.37 18.72 -9.21
CA GLU C 41 -31.55 18.46 -8.42
C GLU C 41 -31.68 19.43 -7.24
N ASP C 42 -32.92 19.73 -6.89
CA ASP C 42 -33.22 20.52 -5.71
C ASP C 42 -33.89 19.54 -4.76
N PHE C 43 -33.16 19.10 -3.74
CA PHE C 43 -33.69 18.08 -2.82
C PHE C 43 -34.85 18.61 -2.03
N SER C 44 -34.97 19.93 -2.00
CA SER C 44 -36.14 20.58 -1.45
C SER C 44 -37.33 20.45 -2.40
N ASN C 45 -37.12 20.62 -3.72
CA ASN C 45 -38.17 20.38 -4.73
C ASN C 45 -37.68 19.46 -5.84
N LYS C 46 -37.45 18.20 -5.46
CA LYS C 46 -36.99 17.15 -6.36
C LYS C 46 -37.81 17.07 -7.66
N SER C 47 -37.11 16.86 -8.78
CA SER C 47 -37.78 16.81 -10.07
C SER C 47 -38.51 15.46 -10.26
N PRO C 48 -39.60 15.47 -11.05
CA PRO C 48 -40.45 14.28 -11.25
C PRO C 48 -39.70 13.04 -11.70
N LEU C 49 -38.61 13.23 -12.45
CA LEU C 49 -37.83 12.09 -12.93
C LEU C 49 -37.01 11.49 -11.79
N LEU C 50 -36.62 12.30 -10.81
CA LEU C 50 -35.90 11.76 -9.66
C LEU C 50 -36.88 10.89 -8.84
N LEU C 51 -38.10 11.38 -8.68
CA LEU C 51 -39.06 10.66 -7.84
C LEU C 51 -39.53 9.42 -8.58
N GLN C 52 -39.64 9.53 -9.91
CA GLN C 52 -40.15 8.41 -10.69
C GLN C 52 -39.08 7.34 -10.87
N SER C 53 -37.81 7.74 -10.88
CA SER C 53 -36.72 6.76 -11.04
C SER C 53 -36.41 6.01 -9.74
N ASN C 54 -36.25 6.78 -8.65
CA ASN C 54 -35.92 6.23 -7.35
C ASN C 54 -36.95 6.58 -6.27
N PRO C 55 -38.03 5.81 -6.19
CA PRO C 55 -39.10 6.07 -5.22
C PRO C 55 -38.75 5.77 -3.74
N ILE C 56 -37.68 5.06 -3.44
CA ILE C 56 -37.41 4.73 -2.05
C ILE C 56 -36.43 5.72 -1.41
N HIS C 57 -35.19 5.78 -1.90
CA HIS C 57 -34.14 6.58 -1.24
C HIS C 57 -34.10 8.05 -1.68
N LYS C 58 -34.50 8.27 -2.94
CA LYS C 58 -34.64 9.59 -3.57
C LYS C 58 -33.31 10.33 -3.65
N LYS C 59 -32.23 9.62 -3.97
CA LYS C 59 -30.89 10.23 -3.91
C LYS C 59 -30.13 10.26 -5.24
N ILE C 60 -29.12 11.11 -5.32
CA ILE C 60 -28.32 11.23 -6.53
C ILE C 60 -27.05 10.44 -6.29
N PRO C 61 -26.35 10.05 -7.36
CA PRO C 61 -26.73 10.29 -8.76
C PRO C 61 -27.69 9.26 -9.37
N VAL C 62 -28.38 9.67 -10.44
CA VAL C 62 -29.27 8.77 -11.16
C VAL C 62 -29.12 8.97 -12.67
N LEU C 63 -28.61 7.95 -13.35
CA LEU C 63 -28.43 8.05 -14.80
C LEU C 63 -29.47 7.25 -15.59
N VAL C 64 -30.30 7.94 -16.38
CA VAL C 64 -31.28 7.24 -17.19
C VAL C 64 -30.76 7.11 -18.62
N HIS C 65 -30.45 5.86 -18.99
CA HIS C 65 -29.91 5.49 -20.27
C HIS C 65 -30.82 4.42 -20.87
N ASN C 66 -31.35 4.70 -22.08
CA ASN C 66 -32.30 3.82 -22.80
C ASN C 66 -33.65 3.72 -22.13
N GLY C 67 -33.93 4.65 -21.24
CA GLY C 67 -35.17 4.64 -20.51
C GLY C 67 -35.15 3.72 -19.30
N LYS C 68 -33.94 3.42 -18.83
CA LYS C 68 -33.76 2.56 -17.69
C LYS C 68 -32.82 3.26 -16.69
N PRO C 69 -33.27 3.39 -15.45
CA PRO C 69 -32.55 4.15 -14.43
C PRO C 69 -31.42 3.38 -13.68
N VAL C 70 -30.32 4.08 -13.42
CA VAL C 70 -29.21 3.53 -12.63
C VAL C 70 -28.93 4.46 -11.44
N CYS C 71 -29.04 3.93 -10.22
CA CYS C 71 -28.86 4.75 -9.02
C CYS C 71 -27.59 4.40 -8.23
N GLU C 72 -27.20 5.30 -7.34
CA GLU C 72 -25.97 5.20 -6.55
C GLU C 72 -24.79 5.49 -7.47
N SER C 73 -23.74 6.09 -6.92
CA SER C 73 -22.59 6.52 -7.73
C SER C 73 -21.75 5.37 -8.27
N LEU C 74 -21.32 4.47 -7.38
CA LEU C 74 -20.48 3.35 -7.76
C LEU C 74 -21.20 2.38 -8.70
N ASN C 75 -22.48 2.20 -8.47
CA ASN C 75 -23.30 1.32 -9.29
C ASN C 75 -23.41 1.91 -10.68
N VAL C 76 -23.43 3.25 -10.77
CA VAL C 76 -23.39 3.90 -12.07
C VAL C 76 -22.02 3.73 -12.75
N VAL C 77 -20.94 3.90 -11.99
CA VAL C 77 -19.59 3.79 -12.53
C VAL C 77 -19.36 2.40 -13.12
N GLN C 78 -19.81 1.36 -12.41
CA GLN C 78 -19.77 0.00 -12.91
C GLN C 78 -20.74 -0.17 -14.08
N TYR C 79 -21.81 0.62 -14.08
CA TYR C 79 -22.76 0.57 -15.17
C TYR C 79 -22.19 1.24 -16.40
N VAL C 80 -21.41 2.30 -16.19
CA VAL C 80 -20.76 3.01 -17.27
C VAL C 80 -19.69 2.16 -17.94
N ASP C 81 -18.93 1.41 -17.14
CA ASP C 81 -17.86 0.59 -17.68
C ASP C 81 -18.41 -0.61 -18.44
N GLU C 82 -19.47 -1.24 -17.92
CA GLU C 82 -20.02 -2.45 -18.52
C GLU C 82 -20.80 -2.12 -19.78
N ALA C 83 -21.43 -0.95 -19.81
CA ALA C 83 -22.17 -0.47 -21.00
C ALA C 83 -21.24 -0.08 -22.16
N TRP C 84 -20.09 0.52 -21.85
CA TRP C 84 -19.14 0.96 -22.87
C TRP C 84 -17.75 0.33 -22.67
N PRO C 85 -17.58 -0.90 -23.15
CA PRO C 85 -16.29 -1.59 -22.92
C PRO C 85 -15.34 -1.62 -24.12
N GLU C 86 -15.21 -0.51 -24.86
CA GLU C 86 -14.42 -0.51 -26.09
C GLU C 86 -13.14 0.33 -26.07
N LYS C 87 -13.14 1.44 -25.33
CA LYS C 87 -12.00 2.36 -25.35
C LYS C 87 -11.14 2.32 -24.09
N ASN C 88 -11.57 3.07 -23.07
CA ASN C 88 -10.83 3.17 -21.82
C ASN C 88 -11.51 2.32 -20.73
N PRO C 89 -11.02 1.08 -20.53
CA PRO C 89 -11.64 0.20 -19.53
C PRO C 89 -11.14 0.58 -18.14
N PHE C 90 -12.04 0.61 -17.18
CA PHE C 90 -11.70 1.04 -15.84
C PHE C 90 -11.09 -0.05 -14.96
N PHE C 91 -11.48 -1.30 -15.18
CA PHE C 91 -11.08 -2.41 -14.32
C PHE C 91 -10.04 -3.23 -15.04
N PRO C 92 -9.25 -4.03 -14.29
CA PRO C 92 -8.36 -4.97 -14.98
C PRO C 92 -9.12 -6.16 -15.51
N SER C 93 -8.50 -6.96 -16.36
CA SER C 93 -9.16 -8.11 -16.97
C SER C 93 -9.28 -9.27 -16.00
N ASP C 94 -8.50 -9.22 -14.93
CA ASP C 94 -8.43 -10.32 -13.98
C ASP C 94 -9.44 -10.19 -12.86
N PRO C 95 -10.11 -11.29 -12.53
CA PRO C 95 -11.05 -11.42 -11.43
C PRO C 95 -10.54 -10.84 -10.11
N TYR C 96 -9.29 -11.12 -9.77
CA TYR C 96 -8.70 -10.72 -8.49
C TYR C 96 -8.30 -9.23 -8.45
N GLY C 97 -7.97 -8.67 -9.61
CA GLY C 97 -7.64 -7.25 -9.69
C GLY C 97 -8.86 -6.35 -9.57
N ARG C 98 -9.97 -6.71 -10.23
CA ARG C 98 -11.25 -6.02 -10.06
C ARG C 98 -11.70 -6.22 -8.62
N ALA C 99 -11.29 -7.34 -8.06
CA ALA C 99 -11.54 -7.69 -6.66
C ALA C 99 -11.01 -6.62 -5.72
N GLN C 100 -9.71 -6.37 -5.82
CA GLN C 100 -9.03 -5.40 -4.95
C GLN C 100 -9.60 -3.98 -5.13
N ALA C 101 -9.97 -3.64 -6.35
CA ALA C 101 -10.60 -2.35 -6.66
C ALA C 101 -11.96 -2.22 -5.99
N ARG C 102 -12.69 -3.34 -5.88
CA ARG C 102 -13.99 -3.34 -5.19
C ARG C 102 -13.78 -3.23 -3.69
N PHE C 103 -12.87 -4.06 -3.19
CA PHE C 103 -12.40 -4.00 -1.81
C PHE C 103 -12.11 -2.53 -1.44
N TRP C 104 -11.36 -1.86 -2.30
CA TRP C 104 -10.89 -0.50 -2.01
C TRP C 104 -11.92 0.59 -2.24
N ALA C 105 -12.81 0.38 -3.21
CA ALA C 105 -13.87 1.36 -3.43
C ALA C 105 -14.80 1.36 -2.22
N ASP C 106 -14.97 0.20 -1.62
CA ASP C 106 -15.71 0.10 -0.38
C ASP C 106 -14.98 0.86 0.72
N PHE C 107 -13.64 0.72 0.79
CA PHE C 107 -12.90 1.42 1.83
C PHE C 107 -13.03 2.94 1.67
N VAL C 108 -12.87 3.44 0.45
CA VAL C 108 -12.98 4.86 0.25
C VAL C 108 -14.41 5.32 0.54
N ASP C 109 -15.39 4.52 0.13
CA ASP C 109 -16.80 4.88 0.23
C ASP C 109 -17.35 4.84 1.68
N LYS C 110 -16.83 3.94 2.50
CA LYS C 110 -17.31 3.85 3.88
C LYS C 110 -16.47 4.69 4.83
N LYS C 111 -15.48 4.02 5.45
CA LYS C 111 -14.68 4.58 6.54
C LYS C 111 -13.97 5.88 6.15
N PHE C 112 -13.54 5.96 4.90
CA PHE C 112 -12.88 7.19 4.44
C PHE C 112 -13.92 8.30 4.42
N THR C 113 -15.11 7.98 3.90
CA THR C 113 -16.22 8.94 3.76
C THR C 113 -16.86 9.28 5.12
N ASP C 114 -16.79 8.35 6.08
CA ASP C 114 -17.24 8.62 7.44
C ASP C 114 -16.28 9.55 8.19
N ALA C 115 -14.97 9.28 8.09
CA ALA C 115 -13.96 10.13 8.73
C ALA C 115 -13.93 11.56 8.17
N GLN C 116 -14.04 11.70 6.85
CA GLN C 116 -14.06 13.03 6.22
C GLN C 116 -15.36 13.78 6.49
N PHE C 117 -16.50 13.07 6.50
CA PHE C 117 -17.79 13.66 6.85
C PHE C 117 -17.69 14.27 8.26
N LYS C 118 -17.04 13.53 9.14
CA LYS C 118 -16.70 14.02 10.47
C LYS C 118 -15.70 15.17 10.41
N VAL C 119 -14.80 15.19 9.42
CA VAL C 119 -13.90 16.33 9.28
C VAL C 119 -14.67 17.61 8.92
N TRP C 120 -15.57 17.53 7.93
CA TRP C 120 -16.23 18.76 7.46
C TRP C 120 -17.61 19.04 8.07
N GLY C 121 -18.26 18.03 8.62
CA GLY C 121 -19.63 18.20 9.08
C GLY C 121 -19.75 18.21 10.59
N LYS C 122 -18.62 18.12 11.29
CA LYS C 122 -18.73 18.02 12.74
C LYS C 122 -17.80 18.93 13.53
N LYS C 123 -18.02 18.95 14.85
CA LYS C 123 -17.23 19.76 15.76
C LYS C 123 -16.65 18.96 16.93
N GLY C 124 -15.72 19.56 17.66
CA GLY C 124 -15.22 18.95 18.86
C GLY C 124 -14.54 17.60 18.77
N GLU C 125 -14.97 16.70 19.63
CA GLU C 125 -14.31 15.39 19.76
C GLU C 125 -14.49 14.53 18.51
N GLU C 126 -15.67 14.58 17.90
CA GLU C 126 -15.93 13.82 16.68
C GLU C 126 -15.01 14.32 15.57
N GLN C 127 -14.81 15.64 15.53
CA GLN C 127 -13.92 16.26 14.56
C GLN C 127 -12.48 15.79 14.77
N GLU C 128 -11.96 15.96 15.98
CA GLU C 128 -10.59 15.48 16.26
C GLU C 128 -10.44 13.99 15.99
N ALA C 129 -11.42 13.20 16.40
CA ALA C 129 -11.40 11.75 16.16
C ALA C 129 -11.33 11.46 14.67
N GLY C 130 -12.26 12.09 13.94
CA GLY C 130 -12.29 11.99 12.50
C GLY C 130 -11.02 12.41 11.79
N LYS C 131 -10.32 13.38 12.38
CA LYS C 131 -9.04 13.85 11.86
C LYS C 131 -8.01 12.76 12.00
N LYS C 132 -7.95 12.15 13.19
CA LYS C 132 -7.05 11.02 13.44
C LYS C 132 -7.32 9.89 12.44
N GLU C 133 -8.61 9.67 12.18
CA GLU C 133 -9.04 8.60 11.27
C GLU C 133 -8.66 8.94 9.86
N PHE C 134 -8.92 10.19 9.49
CA PHE C 134 -8.73 10.63 8.12
C PHE C 134 -7.30 10.47 7.67
N ILE C 135 -6.38 10.80 8.57
CA ILE C 135 -4.95 10.79 8.29
C ILE C 135 -4.49 9.36 8.28
N GLU C 136 -5.08 8.54 9.13
CA GLU C 136 -4.76 7.13 9.04
C GLU C 136 -5.25 6.55 7.72
N ALA C 137 -6.48 6.86 7.35
CA ALA C 137 -7.08 6.29 6.15
C ALA C 137 -6.33 6.74 4.91
N VAL C 138 -6.06 8.04 4.84
CA VAL C 138 -5.23 8.60 3.75
C VAL C 138 -3.82 8.01 3.83
N LYS C 139 -3.32 7.77 5.04
CA LYS C 139 -2.05 7.04 5.20
C LYS C 139 -2.15 5.61 4.69
N ILE C 140 -3.27 4.94 5.00
CA ILE C 140 -3.52 3.58 4.54
C ILE C 140 -3.63 3.65 3.02
N LEU C 141 -4.36 4.63 2.49
CA LEU C 141 -4.49 4.71 1.02
C LEU C 141 -3.14 4.92 0.38
N GLU C 142 -2.41 5.84 1.00
CA GLU C 142 -1.00 6.02 0.73
C GLU C 142 -0.29 4.67 0.71
N SER C 143 -0.62 3.82 1.68
CA SER C 143 0.05 2.51 1.77
C SER C 143 -0.36 1.49 0.71
N GLU C 144 -1.66 1.36 0.39
CA GLU C 144 -2.08 0.42 -0.66
C GLU C 144 -1.43 0.75 -1.97
N LEU C 145 -1.19 2.03 -2.21
CA LEU C 145 -0.64 2.39 -3.49
C LEU C 145 0.74 1.77 -3.62
N GLY C 146 1.32 1.39 -2.49
CA GLY C 146 2.70 0.93 -2.40
C GLY C 146 3.56 2.09 -2.85
N ASP C 147 3.37 2.43 -4.12
CA ASP C 147 3.28 3.82 -4.58
C ASP C 147 3.02 3.85 -6.09
N LYS C 148 1.75 4.02 -6.41
CA LYS C 148 1.15 3.71 -7.71
C LYS C 148 0.53 4.97 -8.29
N PRO C 149 0.66 5.21 -9.62
CA PRO C 149 0.24 6.55 -10.06
C PRO C 149 -1.25 6.69 -9.96
N TYR C 150 -1.93 5.61 -10.30
CA TYR C 150 -3.37 5.60 -10.25
C TYR C 150 -3.80 4.48 -9.34
N PHE C 151 -4.96 3.88 -9.61
CA PHE C 151 -5.56 2.86 -8.76
C PHE C 151 -6.11 1.69 -9.57
N GLY C 152 -6.87 1.99 -10.62
CA GLY C 152 -7.72 0.99 -11.26
C GLY C 152 -7.20 0.14 -12.41
N GLY C 153 -6.35 0.74 -13.23
CA GLY C 153 -5.65 0.02 -14.28
C GLY C 153 -4.37 0.77 -14.50
N ASP C 154 -3.65 0.44 -15.57
CA ASP C 154 -2.43 1.17 -15.93
C ASP C 154 -2.67 2.64 -16.28
N SER C 155 -3.94 3.02 -16.53
CA SER C 155 -4.32 4.44 -16.71
C SER C 155 -5.27 4.88 -15.60
N PHE C 156 -6.23 5.72 -15.93
CA PHE C 156 -7.17 6.10 -14.90
C PHE C 156 -8.09 4.94 -14.59
N GLY C 157 -8.46 4.78 -13.34
CA GLY C 157 -9.22 3.59 -12.96
C GLY C 157 -10.37 3.73 -11.99
N TYR C 158 -10.94 2.58 -11.59
CA TYR C 158 -12.19 2.56 -10.82
C TYR C 158 -12.14 3.20 -9.44
N VAL C 159 -11.16 2.84 -8.64
CA VAL C 159 -11.10 3.41 -7.29
C VAL C 159 -10.40 4.78 -7.38
N ASP C 160 -9.71 5.06 -8.49
CA ASP C 160 -9.28 6.44 -8.75
C ASP C 160 -10.49 7.36 -8.88
N ILE C 161 -11.41 6.92 -9.72
CA ILE C 161 -12.64 7.65 -9.99
C ILE C 161 -13.37 7.89 -8.68
N SER C 162 -13.41 6.83 -7.89
CA SER C 162 -14.18 6.79 -6.66
C SER C 162 -13.64 7.80 -5.64
N LEU C 163 -12.34 7.96 -5.63
CA LEU C 163 -11.67 8.83 -4.65
C LEU C 163 -11.30 10.24 -5.14
N ILE C 164 -11.12 10.45 -6.44
CA ILE C 164 -10.61 11.73 -6.94
C ILE C 164 -11.57 12.87 -6.66
N THR C 165 -12.79 12.51 -6.31
CA THR C 165 -13.82 13.52 -6.08
C THR C 165 -13.74 14.12 -4.68
N PHE C 166 -13.11 13.38 -3.75
CA PHE C 166 -12.82 13.86 -2.41
C PHE C 166 -11.67 14.86 -2.47
N SER C 167 -11.00 14.88 -3.61
CA SER C 167 -9.90 15.81 -3.85
C SER C 167 -10.39 17.26 -4.02
N SER C 168 -11.63 17.46 -4.46
CA SER C 168 -12.20 18.81 -4.54
C SER C 168 -12.63 19.32 -3.16
N TRP C 169 -12.71 18.39 -2.21
CA TRP C 169 -13.02 18.70 -0.83
C TRP C 169 -11.76 18.74 0.03
N PHE C 170 -10.63 18.40 -0.59
CA PHE C 170 -9.35 18.34 0.08
C PHE C 170 -9.02 19.66 0.73
N GLN C 171 -9.26 20.71 -0.05
CA GLN C 171 -9.14 22.05 0.44
C GLN C 171 -10.01 22.31 1.66
N ALA C 172 -11.23 21.78 1.64
CA ALA C 172 -12.15 21.93 2.78
C ALA C 172 -11.69 21.15 4.02
N TYR C 173 -11.07 20.00 3.82
CA TYR C 173 -10.61 19.25 4.97
C TYR C 173 -9.39 19.90 5.55
N GLU C 174 -8.53 20.37 4.66
CA GLU C 174 -7.37 21.17 5.02
C GLU C 174 -7.84 22.31 5.94
N LYS C 175 -8.81 23.08 5.48
CA LYS C 175 -9.26 24.21 6.27
C LYS C 175 -9.96 23.82 7.59
N PHE C 176 -10.97 22.95 7.53
CA PHE C 176 -11.72 22.66 8.74
C PHE C 176 -10.99 21.76 9.69
N GLY C 177 -10.21 20.82 9.14
CA GLY C 177 -9.48 19.85 9.92
C GLY C 177 -8.11 20.36 10.36
N ASN C 178 -7.75 21.56 9.91
CA ASN C 178 -6.46 22.17 10.30
C ASN C 178 -5.24 21.30 10.02
N PHE C 179 -5.31 20.49 8.97
CA PHE C 179 -4.23 19.53 8.65
C PHE C 179 -3.71 19.66 7.23
N SER C 180 -2.44 19.32 7.04
CA SER C 180 -1.92 19.24 5.68
C SER C 180 -1.88 17.77 5.26
N ILE C 181 -2.76 17.38 4.34
CA ILE C 181 -2.81 16.03 3.85
C ILE C 181 -1.65 15.89 2.89
N GLU C 182 -0.96 16.98 2.63
CA GLU C 182 0.15 16.98 1.67
C GLU C 182 1.47 16.92 2.38
N SER C 183 1.56 17.55 3.55
CA SER C 183 2.77 17.42 4.32
C SER C 183 2.87 16.01 4.87
N GLU C 184 1.73 15.44 5.24
CA GLU C 184 1.72 14.10 5.80
C GLU C 184 1.62 13.01 4.73
N SER C 185 0.88 13.28 3.65
CA SER C 185 0.78 12.34 2.53
C SER C 185 0.78 13.11 1.23
N PRO C 186 1.97 13.59 0.80
CA PRO C 186 2.03 14.46 -0.38
C PRO C 186 1.55 13.74 -1.60
N LYS C 187 1.94 12.48 -1.69
CA LYS C 187 1.63 11.54 -2.77
C LYS C 187 0.15 11.44 -3.17
N LEU C 188 -0.74 11.50 -2.18
CA LEU C 188 -2.18 11.31 -2.39
C LEU C 188 -2.85 12.57 -2.92
N ILE C 189 -2.49 13.72 -2.33
CA ILE C 189 -2.93 15.03 -2.81
C ILE C 189 -2.33 15.27 -4.16
N ALA C 190 -1.12 14.78 -4.29
CA ALA C 190 -0.40 14.92 -5.55
C ALA C 190 -0.82 13.82 -6.56
N TRP C 191 -1.44 12.74 -6.08
CA TRP C 191 -2.12 11.76 -6.93
C TRP C 191 -3.34 12.45 -7.55
N ALA C 192 -3.96 13.31 -6.76
CA ALA C 192 -5.10 14.10 -7.18
C ALA C 192 -4.69 15.15 -8.22
N LYS C 193 -3.49 15.70 -8.09
CA LYS C 193 -3.07 16.78 -8.97
C LYS C 193 -2.55 16.33 -10.35
N ARG C 194 -2.03 15.10 -10.43
CA ARG C 194 -1.90 14.46 -11.73
C ARG C 194 -3.24 14.27 -12.37
N CYS C 195 -4.17 13.62 -11.67
CA CYS C 195 -5.50 13.37 -12.21
C CYS C 195 -6.21 14.66 -12.56
N MET C 196 -5.80 15.74 -11.94
CA MET C 196 -6.38 17.05 -12.25
C MET C 196 -5.99 17.54 -13.65
N GLU C 197 -5.00 16.90 -14.29
CA GLU C 197 -4.63 17.27 -15.67
C GLU C 197 -5.69 16.70 -16.64
N LYS C 198 -6.49 15.78 -16.14
CA LYS C 198 -7.53 15.12 -16.95
C LYS C 198 -8.79 15.97 -17.01
N GLU C 199 -9.42 16.02 -18.19
CA GLU C 199 -10.65 16.80 -18.33
C GLU C 199 -11.81 16.22 -17.54
N SER C 200 -11.79 14.91 -17.34
CA SER C 200 -12.82 14.25 -16.56
C SER C 200 -12.70 14.72 -15.11
N VAL C 201 -11.58 15.34 -14.78
CA VAL C 201 -11.43 15.94 -13.47
C VAL C 201 -11.24 17.45 -13.61
N SER C 202 -10.79 17.88 -14.78
CA SER C 202 -10.61 19.31 -15.01
C SER C 202 -11.91 20.02 -15.43
N LYS C 203 -12.95 19.26 -15.75
CA LYS C 203 -14.26 19.85 -15.96
C LYS C 203 -15.31 19.43 -14.93
N SER C 204 -15.14 18.22 -14.39
CA SER C 204 -16.17 17.61 -13.54
C SER C 204 -16.25 18.12 -12.09
N LEU C 205 -15.09 18.35 -11.47
CA LEU C 205 -15.03 18.83 -10.09
C LEU C 205 -15.20 20.34 -10.02
N PRO C 206 -16.23 20.80 -9.31
CA PRO C 206 -16.39 22.24 -9.08
C PRO C 206 -15.19 22.81 -8.38
N ASP C 207 -15.00 24.12 -8.48
CA ASP C 207 -13.87 24.76 -7.84
C ASP C 207 -13.90 24.39 -6.36
N SER C 208 -12.75 24.04 -5.78
CA SER C 208 -12.70 23.69 -4.37
C SER C 208 -13.08 24.89 -3.51
N GLU C 209 -12.93 26.09 -4.09
CA GLU C 209 -13.34 27.31 -3.39
C GLU C 209 -14.82 27.26 -3.05
N LYS C 210 -15.62 26.86 -4.03
CA LYS C 210 -17.07 26.80 -3.86
C LYS C 210 -17.49 25.70 -2.88
N ILE C 211 -16.84 24.54 -2.96
CA ILE C 211 -17.05 23.43 -2.02
C ILE C 211 -16.70 23.85 -0.62
N VAL C 212 -15.57 24.55 -0.50
CA VAL C 212 -15.13 25.09 0.77
C VAL C 212 -16.19 26.03 1.34
N ALA C 213 -16.68 26.94 0.49
CA ALA C 213 -17.74 27.85 0.89
C ALA C 213 -19.05 27.14 1.27
N TYR C 214 -19.37 26.12 0.49
CA TYR C 214 -20.60 25.35 0.65
C TYR C 214 -20.66 24.57 1.97
N ALA C 215 -19.57 23.87 2.28
CA ALA C 215 -19.56 22.98 3.42
C ALA C 215 -19.52 23.80 4.71
N ALA C 216 -18.86 24.96 4.64
CA ALA C 216 -18.87 25.92 5.73
C ALA C 216 -20.28 26.43 5.93
N GLU C 217 -20.95 26.73 4.82
CA GLU C 217 -22.32 27.16 4.86
C GLU C 217 -23.20 26.09 5.48
N TYR C 218 -22.95 24.84 5.17
CA TYR C 218 -23.63 23.74 5.85
C TYR C 218 -23.49 23.81 7.38
N ARG C 219 -22.29 24.16 7.86
CA ARG C 219 -22.05 24.31 9.30
C ARG C 219 -22.93 25.39 9.91
N LYS C 220 -23.38 26.35 9.08
CA LYS C 220 -24.18 27.47 9.57
C LYS C 220 -25.65 27.08 9.74
N ASN C 221 -26.13 26.18 8.89
CA ASN C 221 -27.55 25.85 8.90
C ASN C 221 -27.90 24.81 9.94
N ASN C 222 -26.95 23.96 10.29
CA ASN C 222 -27.23 22.95 11.31
C ASN C 222 -26.24 23.03 12.47
N LEU C 223 -26.75 22.69 13.65
CA LEU C 223 -26.01 22.79 14.88
C LEU C 223 -26.14 21.47 15.61
N THR D 7 12.04 -5.51 16.59
CA THR D 7 12.98 -5.71 17.70
C THR D 7 14.12 -6.65 17.33
N PHE D 8 15.36 -6.17 17.50
CA PHE D 8 16.54 -6.86 16.96
C PHE D 8 17.02 -8.03 17.83
N ASP D 9 16.91 -9.24 17.29
CA ASP D 9 17.60 -10.37 17.90
C ASP D 9 18.47 -11.06 16.86
N MET D 10 19.49 -11.75 17.33
CA MET D 10 20.54 -12.22 16.42
C MET D 10 20.17 -13.52 15.72
N ASN D 11 19.76 -14.54 16.50
CA ASN D 11 19.50 -15.88 15.96
C ASN D 11 18.28 -15.93 15.07
N ARG D 12 17.19 -15.33 15.53
CA ARG D 12 15.95 -15.48 14.79
C ARG D 12 16.01 -14.70 13.48
N VAL D 13 16.75 -13.58 13.48
CA VAL D 13 16.82 -12.74 12.28
C VAL D 13 17.67 -13.39 11.18
N ILE D 14 18.70 -14.13 11.56
CA ILE D 14 19.58 -14.76 10.59
C ILE D 14 18.86 -15.97 10.04
N ASP D 15 17.99 -16.56 10.86
CA ASP D 15 17.27 -17.76 10.43
C ASP D 15 16.22 -17.37 9.41
N GLU D 16 15.57 -16.21 9.61
CA GLU D 16 14.60 -15.71 8.62
C GLU D 16 15.32 -15.36 7.34
N PHE D 17 16.50 -14.77 7.48
CA PHE D 17 17.39 -14.47 6.37
C PHE D 17 17.84 -15.74 5.65
N ASP D 18 18.31 -16.72 6.42
CA ASP D 18 18.73 -17.99 5.84
C ASP D 18 17.59 -18.66 5.08
N GLU D 19 16.43 -18.66 5.70
CA GLU D 19 15.23 -19.24 5.13
C GLU D 19 14.80 -18.41 3.92
N MET D 20 15.13 -17.11 3.95
CA MET D 20 14.73 -16.14 2.92
C MET D 20 15.64 -16.26 1.72
N THR D 21 16.90 -16.62 1.97
CA THR D 21 17.87 -16.68 0.89
C THR D 21 17.75 -17.97 0.07
N ARG D 22 17.36 -19.05 0.74
CA ARG D 22 17.12 -20.32 0.06
C ARG D 22 15.77 -20.26 -0.66
N ASN D 23 14.87 -19.46 -0.11
CA ASN D 23 13.59 -19.17 -0.74
C ASN D 23 13.76 -18.20 -1.91
N ALA D 24 15.02 -17.89 -2.24
CA ALA D 24 15.42 -16.85 -3.17
C ALA D 24 14.34 -16.60 -4.17
N HIS D 25 13.91 -17.69 -4.81
CA HIS D 25 12.95 -17.64 -5.89
C HIS D 25 11.51 -17.22 -5.54
N GLN D 26 10.87 -17.87 -4.57
CA GLN D 26 9.54 -17.45 -4.12
C GLN D 26 9.51 -15.98 -3.80
N VAL D 27 10.35 -15.60 -2.85
CA VAL D 27 10.43 -14.22 -2.38
C VAL D 27 10.83 -13.26 -3.53
N GLN D 28 11.74 -13.68 -4.41
CA GLN D 28 12.10 -12.84 -5.55
C GLN D 28 10.87 -12.65 -6.46
N LYS D 29 10.22 -13.77 -6.78
CA LYS D 29 9.02 -13.79 -7.62
C LYS D 29 7.83 -13.07 -6.97
N GLN D 30 7.61 -13.34 -5.69
CA GLN D 30 6.57 -12.66 -4.94
C GLN D 30 6.81 -11.16 -4.93
N THR D 31 8.08 -10.75 -4.83
CA THR D 31 8.45 -9.35 -4.81
C THR D 31 8.07 -8.64 -6.10
N LEU D 32 8.20 -9.35 -7.21
CA LEU D 32 7.75 -8.86 -8.50
C LEU D 32 6.24 -8.70 -8.46
N LYS D 33 5.55 -9.67 -7.86
CA LYS D 33 4.09 -9.53 -7.72
C LYS D 33 3.79 -8.27 -6.93
N GLU D 34 4.40 -8.19 -5.75
CA GLU D 34 4.23 -7.09 -4.82
C GLU D 34 4.59 -5.74 -5.44
N ILE D 35 5.76 -5.64 -6.06
CA ILE D 35 6.13 -4.36 -6.65
C ILE D 35 5.10 -3.99 -7.70
N LEU D 36 4.53 -4.98 -8.39
CA LEU D 36 3.58 -4.63 -9.44
C LEU D 36 2.14 -4.65 -8.94
N LEU D 37 1.85 -5.32 -7.82
CA LEU D 37 0.51 -5.23 -7.24
C LEU D 37 0.34 -3.85 -6.61
N LYS D 38 1.34 -3.44 -5.84
CA LYS D 38 1.38 -2.10 -5.30
C LYS D 38 1.18 -1.16 -6.44
N ASN D 39 1.80 -1.46 -7.58
CA ASN D 39 1.65 -0.56 -8.72
C ASN D 39 1.31 -1.24 -10.03
N GLN D 40 0.05 -1.60 -10.22
CA GLN D 40 -0.37 -2.13 -11.51
C GLN D 40 -0.75 -0.98 -12.42
N SER D 41 -0.84 0.19 -11.83
CA SER D 41 -1.35 1.37 -12.52
C SER D 41 -0.34 2.20 -13.30
N ALA D 42 0.90 1.70 -13.39
CA ALA D 42 1.96 2.48 -14.00
C ALA D 42 1.61 2.83 -15.44
N ILE D 43 1.79 4.10 -15.78
CA ILE D 43 1.42 4.57 -17.11
C ILE D 43 2.42 3.97 -18.09
N TYR D 44 3.67 3.84 -17.64
CA TYR D 44 4.73 3.16 -18.40
C TYR D 44 4.30 1.75 -18.80
N LEU D 45 3.58 1.10 -17.89
CA LEU D 45 3.15 -0.28 -18.06
C LEU D 45 1.92 -0.39 -18.97
N GLN D 46 1.10 0.65 -19.04
CA GLN D 46 0.02 0.70 -20.05
C GLN D 46 0.58 0.58 -21.43
N ASN D 47 1.64 1.35 -21.68
CA ASN D 47 2.27 1.34 -22.97
C ASN D 47 2.86 -0.04 -23.26
N CYS D 48 3.15 -0.77 -22.19
CA CYS D 48 3.66 -2.11 -22.32
C CYS D 48 2.55 -3.20 -22.37
N GLY D 49 1.39 -2.92 -21.78
CA GLY D 49 0.25 -3.82 -21.89
C GLY D 49 -0.03 -4.64 -20.65
N LEU D 50 0.27 -4.06 -19.49
CA LEU D 50 0.17 -4.72 -18.19
C LEU D 50 -1.14 -4.44 -17.47
N ASN D 51 -1.65 -5.47 -16.78
CA ASN D 51 -2.87 -5.39 -15.99
C ASN D 51 -2.76 -6.20 -14.70
N GLY D 52 -1.68 -6.98 -14.59
CA GLY D 52 -1.42 -7.76 -13.38
C GLY D 52 -1.88 -9.18 -13.50
N ASN D 53 -1.95 -9.87 -12.36
CA ASN D 53 -2.36 -11.27 -12.25
C ASN D 53 -1.79 -12.20 -13.31
N ALA D 54 -2.69 -12.88 -14.05
CA ALA D 54 -2.35 -13.84 -15.12
C ALA D 54 -1.59 -15.05 -14.60
N THR D 55 -1.20 -15.97 -15.49
CA THR D 55 -0.43 -17.12 -15.07
C THR D 55 0.84 -17.21 -15.93
N ASP D 56 1.00 -16.25 -16.83
CA ASP D 56 2.32 -16.01 -17.39
C ASP D 56 2.81 -14.60 -17.00
N PRO D 57 2.73 -14.24 -15.70
CA PRO D 57 2.90 -12.83 -15.32
C PRO D 57 4.36 -12.38 -15.37
N GLU D 58 5.24 -13.13 -14.71
CA GLU D 58 6.67 -12.92 -14.72
C GLU D 58 7.17 -12.85 -16.16
N GLU D 59 6.68 -13.79 -16.96
CA GLU D 59 7.06 -13.90 -18.35
C GLU D 59 6.45 -12.77 -19.16
N ALA D 60 5.18 -12.48 -18.92
CA ALA D 60 4.55 -11.30 -19.54
C ALA D 60 5.39 -10.03 -19.35
N PHE D 61 5.98 -9.88 -18.17
CA PHE D 61 6.81 -8.73 -17.87
C PHE D 61 8.09 -8.73 -18.70
N LYS D 62 8.74 -9.90 -18.77
CA LYS D 62 10.03 -10.00 -19.44
C LYS D 62 9.96 -9.96 -20.98
N SER D 63 8.78 -10.28 -21.52
CA SER D 63 8.54 -10.21 -22.95
C SER D 63 7.86 -8.92 -23.45
N MET D 64 7.10 -8.24 -22.58
CA MET D 64 6.30 -7.07 -22.97
C MET D 64 6.94 -5.75 -22.58
N VAL D 65 7.65 -5.74 -21.45
CA VAL D 65 8.25 -4.52 -20.91
C VAL D 65 9.72 -4.33 -21.30
N PRO D 66 9.99 -3.41 -22.24
CA PRO D 66 11.34 -3.17 -22.77
C PRO D 66 12.33 -2.49 -21.77
N LEU D 67 13.62 -2.73 -21.96
CA LEU D 67 14.63 -2.10 -21.12
C LEU D 67 14.62 -0.61 -21.41
N VAL D 68 15.00 0.19 -20.41
CA VAL D 68 14.92 1.63 -20.45
C VAL D 68 16.26 2.21 -20.00
N THR D 69 16.54 3.45 -20.41
CA THR D 69 17.75 4.14 -19.94
C THR D 69 17.41 5.34 -19.08
N ASP D 70 18.46 6.02 -18.63
CA ASP D 70 18.32 7.24 -17.85
C ASP D 70 17.58 8.33 -18.65
N VAL D 71 17.79 8.36 -19.96
CA VAL D 71 17.21 9.39 -20.81
C VAL D 71 15.70 9.21 -20.90
N GLU D 72 15.25 7.97 -20.99
CA GLU D 72 13.84 7.71 -21.16
C GLU D 72 13.12 7.84 -19.81
N LEU D 73 13.86 7.58 -18.73
CA LEU D 73 13.33 7.72 -17.37
C LEU D 73 13.36 9.18 -16.88
N GLU D 74 14.28 9.98 -17.40
CA GLU D 74 14.42 11.36 -16.98
C GLU D 74 13.14 12.21 -17.08
N PRO D 75 12.45 12.19 -18.23
CA PRO D 75 11.31 13.12 -18.34
C PRO D 75 10.18 12.84 -17.34
N TYR D 76 9.88 11.58 -17.07
CA TYR D 76 8.73 11.23 -16.21
C TYR D 76 8.97 11.54 -14.74
N ILE D 77 10.15 11.19 -14.25
CA ILE D 77 10.39 11.40 -12.83
C ILE D 77 10.56 12.89 -12.65
N LYS D 78 11.06 13.54 -13.70
CA LYS D 78 11.12 14.98 -13.80
C LYS D 78 9.69 15.56 -13.72
N ARG D 79 8.74 14.83 -14.30
CA ARG D 79 7.33 15.22 -14.30
C ARG D 79 6.89 15.30 -12.86
N MET D 80 7.30 14.32 -12.07
CA MET D 80 6.98 14.29 -10.62
C MET D 80 7.45 15.50 -9.83
N VAL D 81 8.63 16.01 -10.17
CA VAL D 81 9.34 16.96 -9.29
C VAL D 81 9.04 18.47 -9.39
N ASP D 82 8.80 19.01 -10.58
CA ASP D 82 8.65 20.47 -10.73
C ASP D 82 7.21 21.02 -10.79
N GLY D 83 6.48 20.90 -9.69
CA GLY D 83 5.22 21.63 -9.54
C GLY D 83 4.04 20.94 -10.18
N ASP D 84 4.36 20.06 -11.12
CA ASP D 84 3.46 19.00 -11.48
C ASP D 84 3.81 17.92 -10.48
N THR D 85 3.04 17.84 -9.40
CA THR D 85 3.26 16.90 -8.31
C THR D 85 2.85 15.48 -8.72
N SER D 86 2.76 15.29 -10.04
CA SER D 86 2.20 14.12 -10.69
C SER D 86 3.04 12.84 -10.63
N PRO D 87 2.37 11.69 -10.46
CA PRO D 87 2.86 10.31 -10.54
C PRO D 87 3.15 9.72 -11.95
N ILE D 88 4.25 8.98 -12.11
CA ILE D 88 4.63 8.48 -13.45
C ILE D 88 4.95 6.98 -13.53
N LEU D 89 6.25 6.65 -13.56
CA LEU D 89 6.76 5.31 -13.88
C LEU D 89 6.66 4.29 -12.76
N THR D 90 7.04 4.66 -11.55
CA THR D 90 6.63 3.80 -10.45
C THR D 90 5.22 4.20 -10.28
N GLY D 91 4.96 5.09 -9.35
CA GLY D 91 3.62 5.59 -9.22
C GLY D 91 3.48 6.82 -8.39
N HIS D 92 3.00 6.68 -7.15
CA HIS D 92 2.75 7.81 -6.25
C HIS D 92 3.83 8.89 -6.34
N PRO D 93 3.42 10.17 -6.20
CA PRO D 93 4.32 11.29 -5.96
C PRO D 93 5.16 11.01 -4.73
N VAL D 94 6.32 10.44 -4.99
CA VAL D 94 7.18 10.01 -3.92
C VAL D 94 7.57 11.16 -3.00
N PRO D 95 7.69 10.89 -1.70
CA PRO D 95 8.11 11.94 -0.75
C PRO D 95 9.51 12.50 -1.08
N ALA D 96 10.31 11.79 -1.87
CA ALA D 96 11.58 12.37 -2.35
C ALA D 96 12.10 11.80 -3.69
N ILE D 97 13.28 12.23 -4.14
CA ILE D 97 13.80 11.92 -5.49
C ILE D 97 15.33 11.74 -5.59
N SER D 98 15.79 11.02 -6.62
CA SER D 98 17.19 10.62 -6.76
C SER D 98 18.01 11.26 -7.90
N LEU D 99 19.31 11.01 -7.83
CA LEU D 99 20.29 11.36 -8.86
C LEU D 99 21.20 10.16 -8.99
N SER D 100 22.00 10.11 -10.05
CA SER D 100 22.79 8.92 -10.36
C SER D 100 24.12 9.23 -11.03
N SER D 101 25.14 8.45 -10.69
CA SER D 101 26.49 8.79 -11.09
C SER D 101 26.72 8.37 -12.51
N GLY D 102 27.67 9.01 -13.14
CA GLY D 102 27.72 9.03 -14.58
C GLY D 102 26.52 9.88 -14.88
N THR D 103 26.05 9.93 -16.10
CA THR D 103 24.96 10.86 -16.37
C THR D 103 23.95 10.40 -17.42
N SER D 104 22.80 11.07 -17.46
CA SER D 104 21.85 10.86 -18.53
C SER D 104 22.25 11.73 -19.71
N GLN D 105 23.39 11.37 -20.30
CA GLN D 105 24.05 12.04 -21.43
C GLN D 105 24.93 13.19 -21.01
N GLY D 106 25.54 13.15 -19.83
CA GLY D 106 26.14 14.38 -19.33
C GLY D 106 25.12 15.03 -18.41
N ARG D 107 23.91 14.53 -18.50
CA ARG D 107 22.78 15.13 -17.80
C ARG D 107 22.20 14.36 -16.61
N PRO D 108 21.55 15.13 -15.73
CA PRO D 108 20.75 14.75 -14.58
C PRO D 108 19.73 13.64 -14.76
N LYS D 109 19.60 12.86 -13.69
CA LYS D 109 18.69 11.72 -13.68
C LYS D 109 17.91 11.67 -12.38
N PHE D 110 16.59 11.55 -12.48
CA PHE D 110 15.71 11.55 -11.31
C PHE D 110 15.23 10.14 -11.01
N ILE D 111 15.16 9.75 -9.74
CA ILE D 111 14.48 8.52 -9.38
C ILE D 111 13.74 8.59 -8.06
N PRO D 112 12.50 8.04 -8.05
CA PRO D 112 11.55 8.15 -6.94
C PRO D 112 11.98 7.57 -5.59
N PHE D 113 11.40 8.09 -4.50
CA PHE D 113 11.62 7.60 -3.14
C PHE D 113 10.33 7.38 -2.37
N THR D 114 10.09 6.14 -1.97
CA THR D 114 9.00 5.83 -1.04
C THR D 114 9.62 5.22 0.22
N ASP D 115 8.85 5.22 1.31
CA ASP D 115 9.26 4.65 2.59
C ASP D 115 9.74 3.20 2.49
N GLU D 116 9.31 2.48 1.47
CA GLU D 116 9.74 1.08 1.34
C GLU D 116 11.24 0.99 1.27
N LEU D 117 11.88 2.03 0.75
CA LEU D 117 13.33 2.12 0.77
C LEU D 117 13.85 2.28 2.22
N MET D 118 13.06 2.92 3.07
CA MET D 118 13.41 2.99 4.50
C MET D 118 13.36 1.60 5.12
N GLU D 119 12.25 0.90 4.84
CA GLU D 119 12.06 -0.48 5.26
C GLU D 119 13.26 -1.36 4.88
N ASN D 120 13.65 -1.23 3.61
CA ASN D 120 14.77 -1.96 3.05
C ASN D 120 16.04 -1.68 3.84
N THR D 121 16.23 -0.40 4.13
CA THR D 121 17.36 0.06 4.91
C THR D 121 17.44 -0.56 6.29
N LEU D 122 16.40 -0.32 7.09
CA LEU D 122 16.44 -0.79 8.48
C LEU D 122 16.54 -2.31 8.53
N GLN D 123 15.93 -2.98 7.56
CA GLN D 123 16.03 -4.43 7.49
C GLN D 123 17.46 -4.84 7.13
N LEU D 124 18.06 -4.13 6.18
CA LEU D 124 19.35 -4.54 5.65
C LEU D 124 20.49 -4.28 6.62
N PHE D 125 20.35 -3.24 7.44
CA PHE D 125 21.37 -2.94 8.45
C PHE D 125 21.11 -3.80 9.69
N ARG D 126 19.85 -4.17 9.87
CA ARG D 126 19.43 -5.12 10.90
C ARG D 126 20.16 -6.44 10.68
N THR D 127 20.01 -6.98 9.47
CA THR D 127 20.67 -8.23 9.09
C THR D 127 22.20 -8.12 9.03
N ALA D 128 22.70 -7.01 8.49
CA ALA D 128 24.14 -6.78 8.37
C ALA D 128 24.82 -6.66 9.72
N PHE D 129 24.29 -5.81 10.59
CA PHE D 129 24.81 -5.67 11.95
C PHE D 129 24.68 -6.97 12.76
N ALA D 130 23.59 -7.71 12.57
CA ALA D 130 23.39 -8.95 13.31
C ALA D 130 24.49 -9.92 12.94
N PHE D 131 24.66 -10.13 11.65
CA PHE D 131 25.64 -11.07 11.14
C PHE D 131 27.05 -10.69 11.54
N ARG D 132 27.32 -9.39 11.66
CA ARG D 132 28.67 -8.94 12.02
C ARG D 132 28.88 -8.98 13.51
N ASN D 133 27.82 -8.70 14.27
CA ASN D 133 27.93 -8.76 15.71
C ASN D 133 28.12 -10.22 16.07
N ARG D 134 27.62 -11.08 15.20
CA ARG D 134 27.89 -12.51 15.30
C ARG D 134 29.40 -12.69 15.13
N ASP D 135 29.98 -11.92 14.22
CA ASP D 135 31.43 -12.00 14.02
C ASP D 135 32.23 -11.05 14.89
N PHE D 136 31.83 -9.78 14.90
CA PHE D 136 32.44 -8.78 15.79
C PHE D 136 31.42 -8.29 16.84
N PRO D 137 31.23 -9.04 17.94
CA PRO D 137 30.24 -8.73 18.99
C PRO D 137 30.54 -7.45 19.74
N ILE D 138 29.51 -6.61 19.90
CA ILE D 138 29.68 -5.33 20.55
C ILE D 138 29.00 -5.27 21.87
N ASP D 139 29.43 -4.29 22.65
CA ASP D 139 28.78 -4.02 23.92
C ASP D 139 27.43 -3.37 23.77
N ASP D 140 26.55 -3.78 24.68
CA ASP D 140 25.15 -3.37 24.75
C ASP D 140 25.00 -1.96 25.29
N ASN D 141 26.05 -1.46 25.94
CA ASN D 141 26.04 -0.09 26.45
C ASN D 141 27.14 0.82 25.88
N GLY D 142 27.88 0.32 24.90
CA GLY D 142 28.93 1.09 24.27
C GLY D 142 28.42 2.11 23.27
N LYS D 143 29.29 2.57 22.37
CA LYS D 143 28.89 3.52 21.34
C LYS D 143 29.76 3.35 20.10
N ALA D 144 29.76 4.35 19.22
CA ALA D 144 30.43 4.19 17.93
C ALA D 144 30.86 5.49 17.26
N LEU D 145 32.11 5.55 16.80
CA LEU D 145 32.54 6.66 15.96
C LEU D 145 31.99 6.51 14.54
N GLN D 146 30.92 7.23 14.22
CA GLN D 146 30.29 7.15 12.89
C GLN D 146 30.36 8.46 12.12
N PHE D 147 31.24 8.51 11.11
CA PHE D 147 31.39 9.71 10.28
C PHE D 147 30.21 9.84 9.35
N ILE D 148 29.01 9.87 9.91
CA ILE D 148 27.81 9.94 9.09
C ILE D 148 27.22 11.33 9.18
N PHE D 149 26.71 11.78 8.03
CA PHE D 149 26.15 13.14 7.91
C PHE D 149 25.01 13.15 6.91
N SER D 150 24.14 14.14 7.07
CA SER D 150 22.99 14.29 6.21
C SER D 150 22.30 15.58 6.61
N SER D 151 23.11 16.62 6.74
CA SER D 151 22.65 17.85 7.35
C SER D 151 21.93 18.82 6.40
N LYS D 152 21.59 18.35 5.22
CA LYS D 152 21.07 19.23 4.17
C LYS D 152 19.72 18.78 3.59
N GLN D 153 18.84 19.74 3.31
CA GLN D 153 17.50 19.44 2.83
C GLN D 153 16.97 20.53 1.91
N TYR D 154 16.85 20.22 0.62
CA TYR D 154 16.32 21.19 -0.33
C TYR D 154 14.95 20.79 -0.84
N ILE D 155 14.16 21.81 -1.10
CA ILE D 155 12.84 21.63 -1.65
C ILE D 155 12.82 22.01 -3.11
N SER D 156 12.52 21.04 -3.97
CA SER D 156 12.52 21.30 -5.41
C SER D 156 11.52 22.36 -5.82
N THR D 157 11.65 22.78 -7.07
CA THR D 157 10.95 23.96 -7.58
C THR D 157 9.42 23.92 -7.42
N GLY D 158 8.90 22.71 -7.22
CA GLY D 158 7.47 22.51 -7.03
C GLY D 158 7.02 22.33 -5.58
N GLY D 159 7.92 22.54 -4.65
CA GLY D 159 7.56 22.32 -3.27
C GLY D 159 7.64 20.85 -2.90
N VAL D 160 8.13 20.05 -3.84
CA VAL D 160 8.33 18.61 -3.61
C VAL D 160 9.76 18.44 -3.18
N PRO D 161 9.99 17.61 -2.16
CA PRO D 161 11.37 17.27 -1.77
C PRO D 161 12.03 16.22 -2.66
N VAL D 162 13.32 16.39 -2.88
CA VAL D 162 14.12 15.36 -3.54
C VAL D 162 15.23 15.04 -2.56
N GLY D 163 15.68 13.79 -2.46
CA GLY D 163 16.64 13.47 -1.40
C GLY D 163 17.74 12.46 -1.64
N THR D 164 18.85 12.64 -0.91
CA THR D 164 19.99 11.76 -0.95
C THR D 164 19.67 10.59 -0.02
N ALA D 165 20.26 9.44 -0.27
CA ALA D 165 19.87 8.31 0.53
C ALA D 165 20.37 8.54 1.95
N THR D 166 21.48 9.28 2.09
CA THR D 166 21.99 9.70 3.39
C THR D 166 20.90 10.36 4.20
N THR D 167 20.55 11.55 3.71
CA THR D 167 19.66 12.46 4.40
C THR D 167 18.31 11.85 4.59
N ASN D 168 17.84 11.11 3.60
CA ASN D 168 16.52 10.55 3.80
C ASN D 168 16.45 9.44 4.84
N VAL D 169 17.50 8.61 5.06
CA VAL D 169 17.46 7.66 6.20
C VAL D 169 17.35 8.45 7.44
N TYR D 170 18.32 9.35 7.58
CA TYR D 170 18.61 10.07 8.82
C TYR D 170 17.55 11.07 9.26
N ARG D 171 16.97 11.79 8.31
CA ARG D 171 15.95 12.76 8.68
C ARG D 171 14.57 12.12 8.51
N ASN D 172 14.56 10.87 8.06
CA ASN D 172 13.29 10.12 8.04
C ASN D 172 12.73 10.10 9.46
N PRO D 173 11.41 10.11 9.58
CA PRO D 173 10.82 10.02 10.91
C PRO D 173 11.24 8.72 11.62
N ASN D 174 11.46 7.66 10.83
CA ASN D 174 11.67 6.30 11.38
C ASN D 174 13.13 5.89 11.59
N PHE D 175 14.05 6.82 11.36
CA PHE D 175 15.47 6.55 11.51
C PHE D 175 15.87 6.19 12.92
N LYS D 176 15.56 7.10 13.86
CA LYS D 176 16.02 7.01 15.25
C LYS D 176 15.53 5.78 15.98
N ALA D 177 14.22 5.65 16.09
CA ALA D 177 13.60 4.55 16.82
C ALA D 177 13.86 3.20 16.17
N GLY D 178 14.09 3.21 14.85
CA GLY D 178 14.39 1.99 14.12
C GLY D 178 15.84 1.59 14.36
N MET D 179 16.64 2.57 14.74
CA MET D 179 18.08 2.44 14.77
C MET D 179 18.62 2.13 16.16
N LYS D 180 17.78 2.36 17.17
CA LYS D 180 18.19 2.30 18.57
C LYS D 180 18.77 0.94 19.01
N SER D 181 18.11 -0.14 18.63
CA SER D 181 18.54 -1.44 19.10
C SER D 181 19.76 -2.04 18.36
N ILE D 182 20.04 -1.62 17.12
CA ILE D 182 21.10 -2.27 16.31
C ILE D 182 22.30 -1.43 15.92
N THR D 183 22.60 -0.41 16.71
CA THR D 183 23.89 0.28 16.66
C THR D 183 24.13 0.71 18.08
N SER D 184 25.39 0.99 18.36
CA SER D 184 25.77 1.54 19.64
C SER D 184 25.58 3.05 19.51
N PRO D 185 24.98 3.68 20.54
CA PRO D 185 24.53 5.09 20.49
C PRO D 185 25.51 6.02 19.76
N SER D 186 24.97 6.96 18.99
CA SER D 186 25.84 7.79 18.17
C SER D 186 26.56 8.83 19.01
N CYS D 187 27.88 8.88 18.90
CA CYS D 187 28.69 9.82 19.67
C CYS D 187 28.33 11.28 19.42
N SER D 188 27.68 11.52 18.30
CA SER D 188 27.34 12.87 17.91
C SER D 188 25.89 13.13 18.20
N PRO D 189 25.60 14.29 18.81
CA PRO D 189 24.18 14.67 18.90
C PRO D 189 23.66 14.86 17.49
N ASP D 190 22.37 14.67 17.27
CA ASP D 190 21.84 14.73 15.90
C ASP D 190 22.04 16.10 15.25
N GLU D 191 21.94 17.17 16.03
CA GLU D 191 22.02 18.52 15.47
C GLU D 191 23.39 18.82 14.86
N VAL D 192 24.45 18.20 15.38
CA VAL D 192 25.78 18.39 14.79
C VAL D 192 25.94 17.46 13.59
N ILE D 193 25.28 16.31 13.64
CA ILE D 193 25.22 15.42 12.48
C ILE D 193 24.43 16.13 11.41
N PHE D 194 23.38 16.79 11.87
CA PHE D 194 22.53 17.58 10.98
C PHE D 194 22.88 19.08 11.08
N SER D 195 24.17 19.38 11.22
CA SER D 195 24.63 20.77 11.37
C SER D 195 24.72 21.48 10.03
N PRO D 196 24.11 22.67 9.90
CA PRO D 196 24.26 23.51 8.72
C PRO D 196 25.71 23.76 8.32
N ASP D 197 26.64 23.18 9.05
CA ASP D 197 28.05 23.21 8.67
C ASP D 197 28.75 21.89 8.94
N VAL D 198 28.58 20.89 8.08
CA VAL D 198 29.19 19.59 8.41
C VAL D 198 30.70 19.58 8.37
N HIS D 199 31.36 20.63 7.87
CA HIS D 199 32.82 20.61 7.81
C HIS D 199 33.40 20.85 9.20
N GLN D 200 32.82 21.81 9.92
CA GLN D 200 33.09 21.93 11.33
C GLN D 200 32.38 20.81 12.08
N ALA D 201 31.22 20.36 11.60
CA ALA D 201 30.55 19.26 12.29
C ALA D 201 31.33 17.95 12.19
N LEU D 202 32.14 17.77 11.14
CA LEU D 202 32.95 16.57 11.02
C LEU D 202 34.16 16.73 11.95
N TYR D 203 34.62 17.97 12.07
CA TYR D 203 35.54 18.34 13.12
C TYR D 203 34.93 18.04 14.49
N CYS D 204 33.63 18.36 14.61
CA CYS D 204 32.89 18.05 15.83
C CYS D 204 32.54 16.58 15.88
N HIS D 205 32.46 15.96 14.71
CA HIS D 205 32.22 14.52 14.66
C HIS D 205 33.47 13.77 15.07
N LEU D 206 34.61 14.23 14.57
CA LEU D 206 35.91 13.83 15.14
C LEU D 206 35.84 13.96 16.63
N LEU D 207 35.58 15.21 17.06
CA LEU D 207 35.54 15.56 18.48
C LEU D 207 34.55 14.66 19.21
N SER D 208 33.46 14.30 18.53
CA SER D 208 32.41 13.45 19.11
C SER D 208 32.80 11.97 19.22
N GLY D 209 33.32 11.39 18.15
CA GLY D 209 33.79 10.00 18.20
C GLY D 209 34.84 9.87 19.29
N ILE D 210 35.76 10.82 19.26
CA ILE D 210 36.79 10.89 20.24
C ILE D 210 36.15 11.06 21.62
N LEU D 211 34.98 11.68 21.75
CA LEU D 211 34.39 11.90 23.10
C LEU D 211 34.20 10.63 23.94
N PHE D 212 33.55 9.60 23.42
CA PHE D 212 33.41 8.43 24.31
C PHE D 212 34.28 7.28 23.85
N ARG D 213 35.53 7.61 23.56
CA ARG D 213 36.46 6.65 22.97
C ARG D 213 36.42 5.22 23.55
N ASP D 214 36.21 5.10 24.85
CA ASP D 214 36.49 3.85 25.50
C ASP D 214 35.38 2.86 25.30
N GLN D 215 34.14 3.33 25.16
CA GLN D 215 33.03 2.42 24.94
C GLN D 215 32.86 2.19 23.46
N VAL D 216 33.48 3.04 22.66
CA VAL D 216 33.31 3.00 21.21
C VAL D 216 33.60 1.61 20.64
N GLN D 217 32.68 1.10 19.83
CA GLN D 217 32.83 -0.27 19.38
C GLN D 217 33.28 -0.41 17.95
N TYR D 218 33.27 0.71 17.21
CA TYR D 218 33.81 0.69 15.84
C TYR D 218 34.01 2.06 15.26
N VAL D 219 34.81 2.09 14.20
CA VAL D 219 35.06 3.32 13.47
C VAL D 219 34.45 3.15 12.08
N PHE D 220 33.50 4.02 11.76
CA PHE D 220 32.75 3.85 10.54
C PHE D 220 32.77 5.08 9.63
N ALA D 221 32.71 4.81 8.34
CA ALA D 221 32.28 5.77 7.34
C ALA D 221 31.75 4.83 6.29
N VAL D 222 30.93 5.29 5.36
CA VAL D 222 30.53 4.35 4.35
C VAL D 222 31.77 3.89 3.61
N PHE D 223 32.74 4.80 3.48
CA PHE D 223 33.91 4.51 2.69
C PHE D 223 35.22 4.59 3.44
N ALA D 224 36.20 3.93 2.85
CA ALA D 224 37.58 4.01 3.29
C ALA D 224 38.06 5.43 3.10
N HIS D 225 37.74 6.02 1.94
CA HIS D 225 38.19 7.38 1.61
C HIS D 225 37.64 8.43 2.56
N GLY D 226 36.46 8.14 3.12
CA GLY D 226 35.79 9.02 4.06
C GLY D 226 36.47 8.88 5.41
N LEU D 227 36.84 7.64 5.72
CA LEU D 227 37.62 7.34 6.90
C LEU D 227 38.97 8.00 6.80
N VAL D 228 39.60 7.81 5.64
CA VAL D 228 40.90 8.40 5.36
C VAL D 228 40.85 9.93 5.47
N HIS D 229 39.82 10.53 4.90
CA HIS D 229 39.61 11.98 4.97
C HIS D 229 39.69 12.46 6.42
N ALA D 230 39.02 11.73 7.31
CA ALA D 230 39.02 12.09 8.71
C ALA D 230 40.41 11.93 9.34
N PHE D 231 41.17 10.91 8.89
CA PHE D 231 42.42 10.57 9.59
C PHE D 231 43.63 11.32 9.03
N ARG D 232 43.57 11.72 7.75
CA ARG D 232 44.57 12.65 7.25
C ARG D 232 44.31 14.02 7.93
N THR D 233 43.02 14.32 8.10
CA THR D 233 42.56 15.54 8.75
C THR D 233 42.91 15.51 10.23
N PHE D 234 42.83 14.33 10.83
CA PHE D 234 43.16 14.17 12.23
C PHE D 234 44.64 14.47 12.50
N GLU D 235 45.51 14.11 11.55
CA GLU D 235 46.92 14.43 11.65
C GLU D 235 47.07 15.94 11.62
N GLN D 236 46.26 16.57 10.76
CA GLN D 236 46.29 18.01 10.60
C GLN D 236 46.02 18.76 11.88
N VAL D 237 44.86 18.50 12.48
CA VAL D 237 44.29 19.42 13.44
C VAL D 237 44.32 18.95 14.88
N TRP D 238 45.15 17.97 15.18
CA TRP D 238 45.04 17.39 16.51
C TRP D 238 45.44 18.36 17.62
N GLU D 239 46.51 19.12 17.40
CA GLU D 239 46.94 20.14 18.37
C GLU D 239 45.88 21.22 18.56
N GLU D 240 45.25 21.65 17.49
CA GLU D 240 44.17 22.63 17.59
C GLU D 240 43.00 22.09 18.42
N ILE D 241 42.71 20.80 18.28
CA ILE D 241 41.61 20.13 18.98
C ILE D 241 41.92 19.98 20.44
N VAL D 242 43.19 19.84 20.81
CA VAL D 242 43.51 19.64 22.21
C VAL D 242 43.20 20.97 22.88
N THR D 243 43.60 22.07 22.24
CA THR D 243 43.37 23.41 22.75
C THR D 243 41.87 23.62 22.90
N ASP D 244 41.10 23.02 22.00
CA ASP D 244 39.65 23.20 21.94
C ASP D 244 38.87 22.58 23.10
N ILE D 245 39.16 21.31 23.39
CA ILE D 245 38.44 20.63 24.42
C ILE D 245 38.96 21.16 25.74
N LYS D 246 40.17 21.75 25.69
CA LYS D 246 41.00 22.10 26.87
C LYS D 246 40.54 23.17 27.86
N ASP D 247 40.52 24.42 27.40
CA ASP D 247 40.11 25.51 28.28
C ASP D 247 38.60 25.51 28.49
N GLY D 248 37.91 24.50 27.96
CA GLY D 248 36.48 24.45 28.04
C GLY D 248 35.88 25.24 26.91
N VAL D 249 36.73 25.82 26.08
CA VAL D 249 36.24 26.63 24.97
C VAL D 249 36.59 26.08 23.56
N LEU D 250 35.56 25.83 22.75
CA LEU D 250 35.76 25.38 21.36
C LEU D 250 36.49 26.44 20.54
N SER D 251 36.96 26.09 19.35
CA SER D 251 37.78 27.05 18.60
C SER D 251 36.95 28.07 17.89
N ASN D 252 37.56 29.21 17.59
CA ASN D 252 36.88 30.27 16.87
C ASN D 252 36.70 29.91 15.39
N ARG D 253 37.15 28.70 15.04
CA ARG D 253 36.94 28.12 13.73
C ARG D 253 35.47 27.86 13.47
N ILE D 254 34.76 27.50 14.54
CA ILE D 254 33.37 27.05 14.44
C ILE D 254 32.39 28.22 14.56
N THR D 255 31.50 28.36 13.58
CA THR D 255 30.77 29.62 13.37
C THR D 255 29.24 29.56 13.47
N VAL D 256 28.65 28.37 13.48
CA VAL D 256 27.19 28.29 13.55
C VAL D 256 26.69 28.18 15.01
N PRO D 257 25.65 28.98 15.34
CA PRO D 257 25.11 29.14 16.69
C PRO D 257 24.50 27.89 17.32
N SER D 258 23.72 27.11 16.56
CA SER D 258 23.02 25.95 17.11
C SER D 258 24.00 24.85 17.50
N VAL D 259 25.09 24.73 16.75
CA VAL D 259 26.08 23.72 17.10
C VAL D 259 27.00 24.28 18.18
N ARG D 260 27.17 25.60 18.19
CA ARG D 260 27.96 26.23 19.23
C ARG D 260 27.15 26.14 20.50
N THR D 261 25.82 26.12 20.35
CA THR D 261 24.97 25.97 21.50
C THR D 261 25.21 24.58 22.08
N ALA D 262 25.33 23.60 21.20
CA ALA D 262 25.50 22.19 21.58
C ALA D 262 26.88 21.91 22.18
N MET D 263 27.95 22.34 21.49
CA MET D 263 29.31 22.17 22.00
C MET D 263 29.54 22.85 23.34
N SER D 264 28.98 24.05 23.50
CA SER D 264 29.07 24.79 24.78
C SER D 264 28.22 24.05 25.82
N LYS D 265 27.17 23.38 25.34
CA LYS D 265 26.41 22.48 26.21
C LYS D 265 27.26 21.30 26.69
N LEU D 266 28.44 21.13 26.09
CA LEU D 266 29.28 19.98 26.42
C LEU D 266 30.60 20.27 27.12
N LEU D 267 31.01 21.54 27.29
CA LEU D 267 32.42 21.87 27.68
C LEU D 267 32.69 22.46 29.09
N THR D 268 33.89 22.21 29.61
CA THR D 268 34.47 22.80 30.85
C THR D 268 36.00 22.78 30.75
N PRO D 269 36.68 23.70 31.43
CA PRO D 269 38.16 23.79 31.34
C PRO D 269 38.92 22.61 32.01
N ASN D 270 39.59 21.80 31.18
CA ASN D 270 40.22 20.57 31.62
C ASN D 270 41.64 20.32 31.08
N PRO D 271 42.68 20.65 31.88
CA PRO D 271 44.13 20.65 31.54
C PRO D 271 44.84 19.29 31.41
N GLU D 272 44.42 18.29 32.16
CA GLU D 272 45.15 17.03 32.29
C GLU D 272 45.27 16.25 30.97
N LEU D 273 44.17 16.20 30.24
CA LEU D 273 44.07 15.27 29.13
C LEU D 273 44.86 15.78 27.95
N ALA D 274 45.21 17.06 28.00
CA ALA D 274 46.04 17.70 27.00
C ALA D 274 47.46 17.19 27.07
N GLU D 275 47.92 16.97 28.29
CA GLU D 275 49.20 16.32 28.60
C GLU D 275 49.28 14.97 27.89
N THR D 276 48.26 14.17 28.17
CA THR D 276 48.11 12.82 27.63
C THR D 276 48.12 12.75 26.10
N ILE D 277 47.26 13.55 25.47
CA ILE D 277 47.03 13.41 24.04
C ILE D 277 48.27 13.82 23.28
N ARG D 278 48.93 14.87 23.75
CA ARG D 278 50.18 15.34 23.17
C ARG D 278 51.19 14.19 23.22
N THR D 279 51.28 13.54 24.37
CA THR D 279 52.24 12.45 24.54
C THR D 279 51.98 11.31 23.55
N LYS D 280 50.70 10.96 23.40
CA LYS D 280 50.33 9.84 22.53
C LYS D 280 50.43 10.17 21.05
N CYS D 281 49.89 11.34 20.66
CA CYS D 281 49.92 11.75 19.28
C CYS D 281 51.33 11.94 18.73
N MET D 282 52.29 12.24 19.60
CA MET D 282 53.65 12.49 19.14
C MET D 282 54.55 11.27 19.24
N SER D 283 54.02 10.15 19.73
CA SER D 283 54.83 8.93 19.84
C SER D 283 54.73 8.02 18.62
N LEU D 284 53.86 8.37 17.67
CA LEU D 284 53.49 7.46 16.59
C LEU D 284 54.36 7.55 15.33
N SER D 285 54.21 6.52 14.49
CA SER D 285 54.96 6.38 13.26
C SER D 285 54.10 6.79 12.08
N ASN D 286 54.34 7.99 11.56
CA ASN D 286 53.53 8.59 10.49
C ASN D 286 52.04 8.31 10.67
N TRP D 287 51.63 8.26 11.94
CA TRP D 287 50.25 8.04 12.39
C TRP D 287 49.74 6.62 12.08
N TYR D 288 50.65 5.67 11.89
CA TYR D 288 50.21 4.29 11.62
C TYR D 288 49.54 3.69 12.86
N GLY D 289 48.52 2.86 12.67
CA GLY D 289 47.86 2.28 13.83
C GLY D 289 47.08 3.33 14.61
N LEU D 290 46.73 4.43 13.95
CA LEU D 290 46.08 5.58 14.59
C LEU D 290 44.74 5.20 15.20
N ILE D 291 43.84 4.62 14.41
CA ILE D 291 42.50 4.30 14.91
C ILE D 291 42.45 3.39 16.13
N PRO D 292 43.27 2.33 16.14
CA PRO D 292 43.29 1.57 17.40
C PRO D 292 44.02 2.33 18.49
N ALA D 293 44.85 3.32 18.13
CA ALA D 293 45.51 4.12 19.16
C ALA D 293 44.46 4.94 19.91
N LEU D 294 43.46 5.40 19.19
CA LEU D 294 42.42 6.24 19.79
C LEU D 294 41.50 5.45 20.69
N PHE D 295 40.74 4.56 20.08
CA PHE D 295 39.83 3.70 20.83
C PHE D 295 40.25 2.27 20.56
N PRO D 296 41.23 1.80 21.33
CA PRO D 296 42.02 0.58 21.13
C PRO D 296 41.16 -0.66 21.13
N ASN D 297 39.91 -0.42 21.48
CA ASN D 297 39.01 -1.47 21.84
C ASN D 297 37.85 -1.65 20.87
N ALA D 298 37.85 -0.87 19.79
CA ALA D 298 36.94 -1.14 18.70
C ALA D 298 37.38 -2.44 18.06
N LYS D 299 36.40 -3.28 17.73
CA LYS D 299 36.69 -4.54 17.09
C LYS D 299 37.08 -4.31 15.64
N TYR D 300 36.58 -3.25 15.03
CA TYR D 300 36.66 -3.24 13.59
C TYR D 300 36.51 -1.85 12.95
N VAL D 301 37.09 -1.72 11.76
CA VAL D 301 37.04 -0.51 10.91
C VAL D 301 36.05 -0.80 9.78
N TYR D 302 34.86 -0.18 9.78
CA TYR D 302 33.80 -0.66 8.89
C TYR D 302 33.55 0.25 7.68
N GLY D 303 33.53 -0.34 6.49
CA GLY D 303 33.28 0.42 5.28
C GLY D 303 33.30 -0.36 3.97
N ILE D 304 32.89 0.30 2.90
CA ILE D 304 32.95 -0.30 1.59
C ILE D 304 34.37 -0.19 1.19
N MET D 305 34.95 -1.35 0.87
CA MET D 305 36.36 -1.45 0.55
C MET D 305 36.61 -1.84 -0.91
N THR D 306 35.57 -2.28 -1.61
CA THR D 306 35.76 -2.91 -2.94
C THR D 306 35.65 -1.94 -4.11
N GLY D 307 36.24 -2.34 -5.24
CA GLY D 307 36.14 -1.56 -6.48
C GLY D 307 36.91 -0.26 -6.44
N SER D 308 36.21 0.84 -6.69
CA SER D 308 36.87 2.15 -6.75
C SER D 308 37.42 2.60 -5.39
N MET D 309 37.12 1.85 -4.33
CA MET D 309 37.58 2.24 -2.99
C MET D 309 38.64 1.26 -2.48
N GLU D 310 39.03 0.32 -3.32
CA GLU D 310 40.19 -0.52 -3.08
C GLU D 310 41.45 0.31 -2.78
N PRO D 311 41.71 1.37 -3.58
CA PRO D 311 42.94 2.11 -3.31
C PRO D 311 42.88 2.94 -2.03
N TYR D 312 41.73 3.01 -1.37
CA TYR D 312 41.62 3.81 -0.16
C TYR D 312 41.60 2.90 1.06
N VAL D 313 41.72 1.59 0.80
CA VAL D 313 41.90 0.57 1.83
C VAL D 313 43.30 0.60 2.44
N PRO D 314 44.37 0.69 1.62
CA PRO D 314 45.70 0.75 2.22
C PRO D 314 46.01 1.97 3.10
N LYS D 315 45.63 3.18 2.68
CA LYS D 315 45.97 4.36 3.49
C LYS D 315 45.19 4.28 4.78
N LEU D 316 43.94 3.82 4.64
CA LEU D 316 43.08 3.56 5.77
C LEU D 316 43.67 2.42 6.60
N ARG D 317 44.23 1.41 5.94
CA ARG D 317 44.85 0.30 6.65
C ARG D 317 46.02 0.85 7.45
N HIS D 318 46.78 1.73 6.79
CA HIS D 318 47.88 2.43 7.44
C HIS D 318 47.35 3.12 8.71
N TYR D 319 46.16 3.71 8.60
CA TYR D 319 45.54 4.33 9.76
C TYR D 319 45.01 3.29 10.75
N ALA D 320 44.50 2.17 10.21
CA ALA D 320 43.77 1.19 11.02
C ALA D 320 44.68 0.26 11.83
N GLY D 321 45.98 0.31 11.56
CA GLY D 321 46.91 -0.55 12.26
C GLY D 321 46.84 -1.97 11.73
N ASP D 322 46.55 -2.90 12.64
CA ASP D 322 46.45 -4.32 12.38
C ASP D 322 44.97 -4.66 12.42
N LEU D 323 44.19 -3.65 12.81
CA LEU D 323 42.74 -3.80 12.97
C LEU D 323 42.07 -4.25 11.70
N PRO D 324 41.33 -5.38 11.77
CA PRO D 324 40.50 -5.93 10.70
C PRO D 324 39.58 -4.91 10.04
N LEU D 325 39.47 -4.97 8.72
CA LEU D 325 38.52 -4.11 8.01
C LEU D 325 37.35 -4.92 7.43
N VAL D 326 36.15 -4.70 7.92
CA VAL D 326 35.01 -5.45 7.36
C VAL D 326 34.34 -4.64 6.27
N SER D 327 34.02 -5.34 5.20
CA SER D 327 33.32 -4.78 4.06
C SER D 327 31.84 -4.49 4.31
N HIS D 328 31.39 -3.29 3.92
CA HIS D 328 29.96 -3.02 3.99
C HIS D 328 29.18 -3.55 2.80
N ASP D 329 27.86 -3.63 2.95
CA ASP D 329 26.96 -4.26 1.99
C ASP D 329 26.64 -3.43 0.75
N TYR D 330 25.67 -3.92 -0.02
CA TYR D 330 25.52 -3.43 -1.37
C TYR D 330 24.07 -3.16 -1.81
N GLY D 331 23.75 -1.88 -2.06
CA GLY D 331 22.47 -1.47 -2.62
C GLY D 331 22.26 0.04 -2.44
N SER D 332 21.22 0.60 -3.07
CA SER D 332 20.86 2.00 -2.78
C SER D 332 19.38 2.36 -2.90
N SER D 333 19.11 3.65 -2.91
CA SER D 333 17.76 4.13 -3.10
C SER D 333 17.25 3.60 -4.44
N GLU D 334 18.17 3.51 -5.40
CA GLU D 334 17.92 2.82 -6.67
C GLU D 334 17.77 1.31 -6.43
N GLY D 335 17.73 0.89 -5.17
CA GLY D 335 17.35 -0.47 -4.82
C GLY D 335 18.49 -1.17 -4.13
N TRP D 336 18.16 -2.02 -3.17
CA TRP D 336 19.18 -2.80 -2.50
C TRP D 336 19.43 -4.13 -3.18
N ILE D 337 20.69 -4.57 -3.19
CA ILE D 337 21.05 -5.84 -3.78
C ILE D 337 21.54 -6.77 -2.70
N ALA D 338 22.75 -6.52 -2.22
CA ALA D 338 23.48 -7.51 -1.46
C ALA D 338 23.94 -7.09 -0.05
N ALA D 339 24.17 -8.08 0.81
CA ALA D 339 24.68 -7.84 2.16
C ALA D 339 25.86 -8.77 2.49
N ASN D 340 26.56 -8.46 3.57
CA ASN D 340 27.68 -9.26 4.00
C ASN D 340 27.36 -9.99 5.31
N VAL D 341 27.05 -11.29 5.17
CA VAL D 341 26.59 -12.13 6.26
C VAL D 341 27.79 -12.88 6.79
N THR D 342 28.90 -12.65 6.08
CA THR D 342 30.20 -13.17 6.50
C THR D 342 31.23 -12.04 6.44
N PRO D 343 30.96 -10.94 7.15
CA PRO D 343 31.83 -9.77 7.18
C PRO D 343 33.29 -10.05 7.59
N ARG D 344 33.52 -11.21 8.17
CA ARG D 344 34.85 -11.54 8.70
C ARG D 344 35.89 -11.69 7.60
N LEU D 345 35.44 -11.88 6.35
CA LEU D 345 36.36 -12.05 5.23
C LEU D 345 37.11 -10.75 4.91
N SER D 346 38.33 -10.88 4.36
CA SER D 346 39.17 -9.74 4.01
C SER D 346 38.64 -8.89 2.86
N PRO D 347 39.02 -7.61 2.83
CA PRO D 347 38.61 -6.68 1.78
C PRO D 347 38.92 -7.13 0.37
N GLU D 348 39.93 -7.95 0.18
CA GLU D 348 40.26 -8.42 -1.17
C GLU D 348 39.52 -9.72 -1.52
N GLU D 349 38.95 -10.38 -0.52
CA GLU D 349 38.14 -11.57 -0.78
C GLU D 349 36.68 -11.23 -0.46
N ALA D 350 36.38 -9.93 -0.50
CA ALA D 350 35.11 -9.37 -0.06
C ALA D 350 33.98 -9.60 -1.05
N THR D 351 32.86 -10.12 -0.55
CA THR D 351 31.75 -10.45 -1.43
C THR D 351 30.47 -10.13 -0.70
N PHE D 352 29.47 -9.67 -1.41
CA PHE D 352 28.21 -9.30 -0.79
C PHE D 352 27.10 -10.14 -1.44
N ALA D 353 26.10 -10.53 -0.64
CA ALA D 353 25.03 -11.41 -1.09
C ALA D 353 23.62 -10.82 -1.06
N VAL D 354 22.86 -11.09 -2.12
CA VAL D 354 21.57 -10.48 -2.37
C VAL D 354 20.48 -10.77 -1.31
N ILE D 355 19.69 -9.74 -1.03
CA ILE D 355 18.51 -9.87 -0.21
C ILE D 355 17.28 -9.70 -1.05
N PRO D 356 16.49 -10.76 -1.18
CA PRO D 356 15.57 -10.87 -2.33
C PRO D 356 14.32 -9.99 -2.41
N ASN D 357 13.61 -9.74 -1.31
CA ASN D 357 12.33 -9.02 -1.39
C ASN D 357 12.45 -7.52 -1.60
N LEU D 358 13.68 -7.06 -1.87
CA LEU D 358 13.92 -5.61 -2.11
C LEU D 358 13.57 -5.13 -3.51
N GLY D 359 13.51 -6.07 -4.46
CA GLY D 359 13.19 -5.77 -5.85
C GLY D 359 13.27 -7.01 -6.72
N TYR D 360 12.88 -6.91 -7.99
CA TYR D 360 12.99 -8.03 -8.94
C TYR D 360 14.15 -7.84 -9.95
N PHE D 361 15.22 -8.63 -9.79
CA PHE D 361 16.48 -8.31 -10.49
C PHE D 361 16.88 -9.30 -11.57
N GLU D 362 17.30 -8.78 -12.71
CA GLU D 362 17.77 -9.63 -13.81
C GLU D 362 19.10 -9.09 -14.30
N PHE D 363 19.89 -9.95 -14.94
CA PHE D 363 21.27 -9.58 -15.29
C PHE D 363 21.68 -9.74 -16.77
N LEU D 364 22.49 -8.81 -17.26
CA LEU D 364 22.93 -8.85 -18.67
C LEU D 364 24.25 -9.61 -18.86
N PRO D 365 24.22 -10.64 -19.70
CA PRO D 365 25.46 -11.39 -19.91
C PRO D 365 26.35 -10.68 -20.91
N VAL D 366 27.63 -10.54 -20.59
CA VAL D 366 28.55 -9.90 -21.54
C VAL D 366 29.35 -10.98 -22.26
N SER D 367 29.06 -12.24 -21.94
CA SER D 367 29.75 -13.33 -22.58
C SER D 367 29.42 -13.50 -24.05
N GLU D 368 30.30 -12.99 -24.91
CA GLU D 368 30.27 -13.21 -26.37
C GLU D 368 31.53 -12.60 -26.91
N THR D 369 31.71 -11.37 -26.48
CA THR D 369 32.90 -10.60 -26.80
C THR D 369 32.80 -9.34 -25.95
N GLY D 370 32.67 -8.19 -26.58
CA GLY D 370 32.29 -6.98 -25.87
C GLY D 370 31.45 -6.19 -26.87
N GLU D 371 30.12 -6.22 -26.74
CA GLU D 371 29.43 -6.69 -25.54
C GLU D 371 28.77 -8.08 -25.64
N GLY D 372 27.79 -8.23 -26.54
CA GLY D 372 27.15 -9.54 -26.69
C GLY D 372 25.62 -9.49 -26.65
N GLU D 373 24.99 -10.14 -27.61
CA GLU D 373 23.56 -9.96 -27.83
C GLU D 373 22.65 -10.96 -27.10
N GLU D 374 22.91 -11.23 -25.83
CA GLU D 374 22.12 -12.21 -25.10
C GLU D 374 21.07 -11.59 -24.16
N LYS D 375 19.93 -12.25 -24.05
CA LYS D 375 18.85 -11.94 -23.11
C LYS D 375 19.20 -12.18 -21.62
N PRO D 376 18.53 -11.47 -20.69
CA PRO D 376 18.78 -11.73 -19.26
C PRO D 376 18.26 -13.10 -18.73
N VAL D 377 18.98 -13.67 -17.77
CA VAL D 377 18.53 -14.91 -17.09
C VAL D 377 18.23 -14.63 -15.61
N GLY D 378 17.53 -15.58 -14.99
CA GLY D 378 17.18 -15.51 -13.58
C GLY D 378 18.35 -15.16 -12.67
N LEU D 379 18.02 -14.68 -11.47
CA LEU D 379 19.01 -14.27 -10.47
C LEU D 379 19.94 -15.45 -10.17
N THR D 380 19.31 -16.60 -9.93
CA THR D 380 20.02 -17.84 -9.62
C THR D 380 20.36 -18.59 -10.89
N GLN D 381 19.91 -18.06 -12.02
CA GLN D 381 20.24 -18.61 -13.32
C GLN D 381 21.51 -17.93 -13.87
N VAL D 382 22.02 -16.97 -13.11
CA VAL D 382 23.31 -16.38 -13.38
C VAL D 382 24.39 -17.40 -13.07
N LYS D 383 25.48 -17.38 -13.83
CA LYS D 383 26.45 -18.48 -13.77
C LYS D 383 27.70 -18.17 -12.93
N ILE D 384 28.17 -19.19 -12.22
CA ILE D 384 29.32 -19.04 -11.31
C ILE D 384 30.56 -18.74 -12.12
N GLY D 385 31.22 -17.64 -11.77
CA GLY D 385 32.43 -17.27 -12.48
C GLY D 385 32.24 -16.22 -13.55
N GLU D 386 31.06 -16.12 -14.13
CA GLU D 386 30.86 -15.21 -15.26
C GLU D 386 30.38 -13.88 -14.74
N GLU D 387 30.69 -12.82 -15.46
CA GLU D 387 30.32 -11.49 -15.00
C GLU D 387 29.09 -10.95 -15.73
N TYR D 388 28.09 -10.51 -14.98
CA TYR D 388 26.89 -9.96 -15.58
C TYR D 388 26.69 -8.51 -15.12
N GLU D 389 25.92 -7.74 -15.88
CA GLU D 389 25.48 -6.41 -15.47
C GLU D 389 24.08 -6.49 -14.82
N VAL D 390 23.78 -5.57 -13.90
CA VAL D 390 22.53 -5.60 -13.15
C VAL D 390 21.45 -4.66 -13.71
N VAL D 391 20.25 -5.17 -13.88
CA VAL D 391 19.13 -4.35 -14.33
C VAL D 391 18.05 -4.45 -13.26
N ILE D 392 17.56 -3.30 -12.82
CA ILE D 392 16.86 -3.23 -11.53
C ILE D 392 15.38 -3.01 -11.73
N THR D 393 14.57 -3.74 -10.98
CA THR D 393 13.13 -3.45 -10.87
C THR D 393 12.75 -3.38 -9.39
N ASN D 394 11.94 -2.39 -9.01
CA ASN D 394 11.42 -2.32 -7.64
C ASN D 394 10.47 -1.17 -7.43
N TYR D 395 10.35 -0.75 -6.17
CA TYR D 395 9.44 0.33 -5.81
C TYR D 395 10.07 1.71 -6.02
N ALA D 396 11.30 1.76 -6.51
CA ALA D 396 11.98 3.05 -6.54
C ALA D 396 12.08 3.66 -7.95
N GLY D 397 11.12 3.38 -8.82
CA GLY D 397 11.13 4.00 -10.14
C GLY D 397 11.90 3.25 -11.19
N LEU D 398 12.54 2.18 -10.76
CA LEU D 398 13.27 1.34 -11.68
C LEU D 398 12.43 0.13 -12.07
N TYR D 399 12.12 0.06 -13.36
CA TYR D 399 11.42 -1.11 -13.90
C TYR D 399 12.14 -1.69 -15.10
N ARG D 400 12.96 -2.72 -14.84
CA ARG D 400 13.74 -3.37 -15.88
C ARG D 400 14.66 -2.32 -16.50
N TYR D 401 15.37 -1.61 -15.64
CA TYR D 401 16.21 -0.48 -16.04
C TYR D 401 17.69 -0.82 -15.88
N ARG D 402 18.49 -0.36 -16.84
CA ARG D 402 19.92 -0.66 -16.84
C ARG D 402 20.71 0.38 -16.06
N LEU D 403 21.44 -0.06 -15.04
CA LEU D 403 22.23 0.87 -14.24
C LEU D 403 23.62 1.04 -14.88
N GLY D 404 24.08 0.01 -15.58
CA GLY D 404 25.28 0.15 -16.39
C GLY D 404 26.59 -0.32 -15.77
N ASP D 405 26.56 -1.45 -15.06
CA ASP D 405 27.76 -1.93 -14.39
C ASP D 405 27.83 -3.45 -14.22
N VAL D 406 29.07 -3.97 -14.30
CA VAL D 406 29.39 -5.41 -14.37
C VAL D 406 29.64 -6.09 -13.02
N VAL D 407 29.03 -7.25 -12.77
CA VAL D 407 29.29 -7.93 -11.49
C VAL D 407 29.61 -9.43 -11.62
N LYS D 408 30.56 -9.86 -10.78
CA LYS D 408 31.09 -11.22 -10.76
C LYS D 408 30.37 -12.14 -9.76
N VAL D 409 30.11 -13.38 -10.18
CA VAL D 409 29.54 -14.40 -9.27
C VAL D 409 30.56 -15.39 -8.70
N ILE D 410 31.10 -15.08 -7.52
CA ILE D 410 32.13 -15.93 -6.93
C ILE D 410 31.56 -17.20 -6.32
N GLY D 411 30.31 -17.17 -5.83
CA GLY D 411 29.81 -18.31 -5.09
C GLY D 411 28.41 -18.10 -4.52
N PHE D 412 27.96 -19.07 -3.71
CA PHE D 412 26.61 -19.02 -3.15
C PHE D 412 26.60 -19.14 -1.61
N TYR D 413 25.75 -18.34 -0.97
CA TYR D 413 25.39 -18.59 0.40
C TYR D 413 24.08 -19.32 0.41
N ASN D 414 24.12 -20.64 0.58
CA ASN D 414 22.96 -21.52 0.37
C ASN D 414 22.49 -21.48 -1.08
N ASN D 415 21.32 -20.88 -1.32
CA ASN D 415 20.78 -20.84 -2.68
C ASN D 415 20.77 -19.42 -3.25
N THR D 416 21.56 -18.56 -2.64
CA THR D 416 21.64 -17.18 -3.06
C THR D 416 23.09 -16.84 -3.38
N PRO D 417 23.31 -16.26 -4.57
CA PRO D 417 24.66 -16.00 -5.11
C PRO D 417 25.41 -14.87 -4.43
N GLN D 418 26.69 -15.11 -4.14
CA GLN D 418 27.60 -14.10 -3.61
C GLN D 418 28.21 -13.34 -4.77
N LEU D 419 28.14 -12.02 -4.71
CA LEU D 419 28.51 -11.21 -5.87
C LEU D 419 29.75 -10.38 -5.57
N LYS D 420 30.57 -10.11 -6.60
CA LYS D 420 31.84 -9.37 -6.41
C LYS D 420 32.03 -8.17 -7.37
N PHE D 421 32.54 -7.03 -6.88
CA PHE D 421 32.64 -5.86 -7.75
C PHE D 421 34.07 -5.37 -7.95
N ILE D 422 34.50 -5.38 -9.19
CA ILE D 422 35.80 -4.84 -9.55
C ILE D 422 35.54 -3.58 -10.35
N CYS D 423 34.58 -2.75 -9.92
CA CYS D 423 34.09 -1.69 -10.81
C CYS D 423 34.42 -0.27 -10.33
N ARG D 424 34.15 0.70 -11.20
CA ARG D 424 34.64 2.07 -11.02
C ARG D 424 33.75 3.11 -11.70
N ARG D 425 33.84 3.16 -13.02
CA ARG D 425 33.09 4.13 -13.81
C ARG D 425 32.03 3.43 -14.68
N ASN D 426 30.80 3.92 -14.55
CA ASN D 426 29.70 3.48 -15.38
C ASN D 426 29.71 4.08 -16.78
N LEU D 427 30.91 4.37 -17.27
CA LEU D 427 31.08 4.93 -18.59
C LEU D 427 30.31 4.05 -19.56
N ILE D 428 29.82 4.59 -20.69
CA ILE D 428 30.21 5.88 -21.27
C ILE D 428 29.57 7.17 -20.75
N LEU D 429 29.80 8.22 -21.54
CA LEU D 429 29.16 9.52 -21.38
C LEU D 429 28.46 9.92 -22.70
N SER D 430 27.70 11.02 -22.69
CA SER D 430 27.10 11.57 -23.91
C SER D 430 27.12 13.11 -23.75
N ILE D 431 26.51 13.86 -24.67
CA ILE D 431 26.80 15.31 -24.69
C ILE D 431 25.87 16.16 -23.84
N ASN D 432 26.48 17.14 -23.17
CA ASN D 432 25.92 17.88 -22.03
C ASN D 432 25.03 19.08 -22.40
N ILE D 433 24.47 19.79 -21.39
CA ILE D 433 24.01 21.18 -21.53
C ILE D 433 24.02 21.80 -20.16
N ASP D 434 24.52 21.06 -19.18
CA ASP D 434 24.66 21.65 -17.87
C ASP D 434 26.11 22.15 -17.78
N LYS D 435 26.62 22.47 -18.97
CA LYS D 435 27.96 23.02 -19.17
C LYS D 435 27.88 24.01 -20.35
N ASN D 436 28.60 25.15 -20.36
CA ASN D 436 29.63 25.58 -19.39
C ASN D 436 30.64 24.51 -19.17
N THR D 437 31.36 24.16 -20.24
CA THR D 437 32.28 23.01 -20.35
C THR D 437 32.77 22.54 -18.99
N GLU D 438 32.69 21.24 -18.73
CA GLU D 438 33.12 20.73 -17.41
C GLU D 438 34.47 21.33 -17.06
N ARG D 439 35.36 21.42 -18.05
CA ARG D 439 36.59 22.16 -17.90
C ARG D 439 36.33 23.59 -17.38
N ASP D 440 35.26 24.22 -17.86
CA ASP D 440 34.96 25.59 -17.45
C ASP D 440 34.45 25.66 -16.00
N LEU D 441 33.63 24.69 -15.61
CA LEU D 441 33.16 24.64 -14.24
C LEU D 441 34.33 24.32 -13.30
N GLN D 442 35.17 23.35 -13.67
CA GLN D 442 36.34 22.99 -12.88
C GLN D 442 37.28 24.20 -12.77
N LEU D 443 37.52 24.82 -13.93
CA LEU D 443 38.35 26.02 -13.98
C LEU D 443 37.77 27.12 -13.11
N SER D 444 36.44 27.18 -13.08
CA SER D 444 35.79 28.19 -12.30
C SER D 444 36.06 27.95 -10.81
N VAL D 445 35.84 26.72 -10.38
CA VAL D 445 36.13 26.35 -8.99
C VAL D 445 37.57 26.61 -8.69
N GLU D 446 38.46 26.10 -9.53
CA GLU D 446 39.88 26.40 -9.37
C GLU D 446 40.14 27.89 -9.27
N SER D 447 39.49 28.64 -10.15
CA SER D 447 39.70 30.09 -10.20
C SER D 447 39.42 30.85 -8.90
N ALA D 448 38.19 30.76 -8.38
CA ALA D 448 37.87 31.52 -7.18
C ALA D 448 38.38 30.90 -5.87
N ALA D 449 38.62 29.59 -5.90
CA ALA D 449 38.96 28.87 -4.70
C ALA D 449 40.27 29.33 -4.14
N LYS D 450 41.17 29.78 -5.01
CA LYS D 450 42.46 30.16 -4.48
C LYS D 450 42.37 31.36 -3.55
N ARG D 451 41.26 32.08 -3.61
CA ARG D 451 40.96 33.10 -2.61
C ARG D 451 40.90 32.45 -1.23
N LEU D 452 40.47 31.18 -1.18
CA LEU D 452 40.45 30.41 0.05
C LEU D 452 41.79 29.82 0.36
N SER D 453 42.53 29.54 -0.72
CA SER D 453 43.86 28.94 -0.64
C SER D 453 44.84 29.89 0.05
N GLU D 454 44.50 31.17 0.04
CA GLU D 454 45.20 32.19 0.80
C GLU D 454 45.20 31.83 2.30
N GLU D 455 44.34 30.88 2.69
CA GLU D 455 44.12 30.51 4.09
C GLU D 455 44.63 29.09 4.35
N LYS D 456 45.61 28.67 3.55
CA LYS D 456 46.26 27.34 3.65
C LYS D 456 45.37 26.14 3.32
N ILE D 457 44.78 26.10 2.13
CA ILE D 457 43.87 25.01 1.85
C ILE D 457 44.01 24.51 0.44
N GLU D 458 43.24 23.47 0.15
CA GLU D 458 43.01 23.01 -1.21
C GLU D 458 41.53 22.78 -1.41
N VAL D 459 41.14 22.48 -2.64
CA VAL D 459 39.74 22.24 -2.94
C VAL D 459 39.52 20.77 -3.20
N ILE D 460 38.59 20.19 -2.47
CA ILE D 460 38.41 18.75 -2.57
C ILE D 460 37.39 18.44 -3.67
N ASP D 461 36.28 19.17 -3.74
CA ASP D 461 35.27 18.84 -4.75
C ASP D 461 34.22 19.93 -5.06
N PHE D 462 33.46 19.75 -6.15
CA PHE D 462 32.46 20.74 -6.58
C PHE D 462 31.26 20.18 -7.38
N SER D 463 30.15 20.94 -7.36
CA SER D 463 28.94 20.61 -8.14
C SER D 463 28.22 21.89 -8.58
N SER D 464 27.21 21.78 -9.44
CA SER D 464 26.49 22.98 -9.92
C SER D 464 25.02 22.77 -10.28
N TYR D 465 24.26 23.85 -10.53
CA TYR D 465 22.77 23.79 -10.58
C TYR D 465 22.02 24.89 -11.35
N ILE D 466 21.06 24.51 -12.20
CA ILE D 466 20.21 25.48 -12.93
C ILE D 466 18.86 25.63 -12.22
N ASP D 467 18.64 26.81 -11.66
CA ASP D 467 17.41 27.10 -10.90
C ASP D 467 16.40 27.87 -11.74
N VAL D 468 15.33 27.22 -12.20
CA VAL D 468 14.34 27.91 -13.03
C VAL D 468 12.99 28.08 -12.34
N SER D 469 13.01 28.22 -11.03
CA SER D 469 11.81 28.65 -10.32
C SER D 469 11.95 30.15 -10.17
N THR D 470 13.21 30.55 -10.07
CA THR D 470 13.53 31.95 -9.82
C THR D 470 13.42 32.79 -11.07
N ASP D 471 13.43 34.11 -10.84
CA ASP D 471 13.40 35.08 -11.92
C ASP D 471 14.39 36.17 -11.57
N PRO D 472 15.42 36.34 -12.40
CA PRO D 472 15.73 35.36 -13.44
C PRO D 472 16.46 34.16 -12.85
N GLY D 473 16.34 33.00 -13.49
CA GLY D 473 16.98 31.79 -13.00
C GLY D 473 18.46 31.99 -12.72
N HIS D 474 19.01 31.22 -11.79
CA HIS D 474 20.43 31.37 -11.51
C HIS D 474 21.19 30.06 -11.37
N TYR D 475 22.51 30.13 -11.50
CA TYR D 475 23.40 28.99 -11.40
C TYR D 475 23.85 28.85 -9.95
N ALA D 476 24.08 27.63 -9.50
CA ALA D 476 24.62 27.44 -8.17
C ALA D 476 25.89 26.62 -8.28
N ILE D 477 26.98 27.03 -7.62
CA ILE D 477 28.14 26.15 -7.48
C ILE D 477 28.39 25.83 -6.03
N PHE D 478 28.79 24.58 -5.75
CA PHE D 478 29.06 24.24 -4.35
C PHE D 478 30.50 23.84 -4.18
N TRP D 479 31.14 24.22 -3.07
CA TRP D 479 32.52 23.82 -2.84
C TRP D 479 32.73 23.03 -1.56
N GLU D 480 33.27 21.85 -1.76
CA GLU D 480 33.83 21.09 -0.65
C GLU D 480 35.35 21.29 -0.60
N ILE D 481 35.87 21.55 0.59
CA ILE D 481 37.23 22.01 0.77
C ILE D 481 37.77 21.46 2.05
N SER D 482 38.85 22.07 2.56
CA SER D 482 39.47 21.60 3.78
C SER D 482 39.18 22.47 5.01
N GLY D 483 38.51 23.60 4.83
CA GLY D 483 38.24 24.43 6.00
C GLY D 483 37.35 25.65 5.96
N GLU D 484 37.28 26.27 7.12
CA GLU D 484 36.45 27.44 7.34
C GLU D 484 37.21 28.71 6.98
N THR D 485 36.47 29.70 6.53
CA THR D 485 37.02 31.03 6.32
C THR D 485 35.84 32.00 6.18
N ASN D 486 36.10 33.29 6.34
CA ASN D 486 35.04 34.26 6.53
C ASN D 486 34.20 34.48 5.28
N GLU D 487 33.04 35.09 5.46
CA GLU D 487 32.11 35.29 4.37
C GLU D 487 32.63 36.25 3.29
N ASP D 488 33.34 37.29 3.69
CA ASP D 488 33.77 38.30 2.74
C ASP D 488 34.54 37.72 1.54
N VAL D 489 35.33 36.68 1.81
CA VAL D 489 36.13 36.06 0.75
C VAL D 489 35.27 35.11 -0.10
N LEU D 490 34.31 34.46 0.54
CA LEU D 490 33.38 33.60 -0.15
C LEU D 490 32.50 34.35 -1.15
N GLN D 491 32.02 35.53 -0.73
CA GLN D 491 31.26 36.40 -1.60
C GLN D 491 32.12 36.74 -2.81
N ASP D 492 33.38 37.12 -2.55
CA ASP D 492 34.35 37.33 -3.63
C ASP D 492 34.43 36.12 -4.54
N CYS D 493 34.49 34.92 -3.94
CA CYS D 493 34.65 33.69 -4.71
C CYS D 493 33.48 33.48 -5.63
N CYS D 494 32.30 33.82 -5.15
CA CYS D 494 31.09 33.65 -5.96
C CYS D 494 31.18 34.55 -7.18
N ASN D 495 31.72 35.75 -6.97
CA ASN D 495 31.94 36.69 -8.06
C ASN D 495 32.83 36.06 -9.12
N CYS D 496 33.84 35.32 -8.66
CA CYS D 496 34.81 34.77 -9.60
C CYS D 496 34.28 33.56 -10.36
N LEU D 497 33.47 32.76 -9.69
CA LEU D 497 32.75 31.67 -10.34
C LEU D 497 31.94 32.23 -11.49
N ASP D 498 31.33 33.37 -11.23
CA ASP D 498 30.65 34.07 -12.30
C ASP D 498 31.67 34.50 -13.34
N ARG D 499 32.83 34.95 -12.86
CA ARG D 499 33.81 35.58 -13.73
C ARG D 499 34.70 34.57 -14.46
N ALA D 500 34.41 33.27 -14.35
CA ALA D 500 35.34 32.24 -14.85
C ALA D 500 34.83 31.36 -15.97
N PHE D 501 33.55 31.50 -16.30
CA PHE D 501 33.01 30.78 -17.43
C PHE D 501 33.41 31.52 -18.69
N ILE D 502 34.33 30.94 -19.47
CA ILE D 502 35.08 31.70 -20.46
C ILE D 502 34.33 32.09 -21.72
N ASP D 503 33.32 31.32 -22.11
CA ASP D 503 32.61 31.63 -23.36
C ASP D 503 31.82 32.96 -23.37
N ALA D 504 31.66 33.49 -24.58
CA ALA D 504 30.81 34.64 -24.92
C ALA D 504 29.36 34.57 -24.44
N GLY D 505 28.83 33.36 -24.29
CA GLY D 505 27.41 33.17 -24.09
C GLY D 505 26.87 33.60 -22.74
N TYR D 506 27.49 33.05 -21.71
CA TYR D 506 27.18 33.33 -20.33
C TYR D 506 27.34 34.81 -20.13
N VAL D 507 28.34 35.33 -20.84
CA VAL D 507 28.57 36.75 -21.00
C VAL D 507 27.37 37.48 -21.53
N SER D 508 26.73 36.95 -22.56
CA SER D 508 25.61 37.69 -23.14
C SER D 508 24.44 37.88 -22.17
N SER D 509 24.05 36.82 -21.49
CA SER D 509 22.84 36.84 -20.67
C SER D 509 23.00 37.65 -19.42
N ARG D 510 23.95 37.23 -18.60
CA ARG D 510 24.07 37.79 -17.28
C ARG D 510 24.58 39.21 -17.33
N LYS D 511 25.36 39.51 -18.36
CA LYS D 511 25.71 40.89 -18.59
C LYS D 511 24.46 41.67 -18.94
N CYS D 512 23.48 41.01 -19.55
CA CYS D 512 22.25 41.71 -19.75
C CYS D 512 21.40 41.42 -18.49
N LYS D 513 21.45 40.18 -18.00
CA LYS D 513 20.87 39.70 -16.70
C LYS D 513 19.64 38.82 -16.88
N THR D 514 19.44 38.23 -18.05
CA THR D 514 18.23 37.45 -18.25
C THR D 514 18.37 36.09 -17.54
N ILE D 515 19.62 35.73 -17.19
CA ILE D 515 19.84 34.61 -16.30
C ILE D 515 20.61 35.17 -15.11
N GLY D 516 20.09 34.90 -13.91
CA GLY D 516 20.48 35.61 -12.69
C GLY D 516 21.89 35.28 -12.25
N ALA D 517 22.45 36.16 -11.43
CA ALA D 517 23.80 36.02 -10.90
C ALA D 517 23.93 34.68 -10.24
N LEU D 518 24.99 33.95 -10.59
CA LEU D 518 25.18 32.63 -10.04
C LEU D 518 25.46 32.73 -8.56
N GLU D 519 25.02 31.72 -7.85
CA GLU D 519 25.12 31.71 -6.40
C GLU D 519 26.10 30.65 -5.98
N LEU D 520 27.19 31.08 -5.37
CA LEU D 520 28.12 30.13 -4.78
C LEU D 520 27.62 29.81 -3.39
N ARG D 521 27.04 28.62 -3.25
CA ARG D 521 26.66 28.13 -1.95
C ARG D 521 27.78 27.24 -1.46
N VAL D 522 28.74 27.82 -0.73
CA VAL D 522 29.82 27.03 -0.13
C VAL D 522 29.24 25.99 0.83
N VAL D 523 29.29 24.72 0.45
CA VAL D 523 28.81 23.65 1.32
C VAL D 523 29.99 23.11 2.10
N ALA D 524 29.76 22.03 2.87
CA ALA D 524 30.75 21.62 3.84
C ALA D 524 31.49 20.33 3.47
N LYS D 525 32.39 19.89 4.34
CA LYS D 525 33.28 18.78 4.05
C LYS D 525 32.55 17.45 3.88
N GLY D 526 32.88 16.78 2.78
CA GLY D 526 32.37 15.44 2.52
C GLY D 526 30.98 15.38 1.92
N THR D 527 30.51 16.51 1.39
CA THR D 527 29.22 16.54 0.71
C THR D 527 29.24 15.62 -0.48
N PHE D 528 30.37 15.63 -1.20
CA PHE D 528 30.50 14.79 -2.38
C PHE D 528 30.99 13.41 -1.94
N ARG D 529 31.43 13.36 -0.70
CA ARG D 529 31.80 12.11 -0.05
C ARG D 529 30.51 11.41 0.30
N LYS D 530 29.49 12.18 0.64
CA LYS D 530 28.16 11.61 0.83
C LYS D 530 27.74 11.02 -0.51
N ILE D 531 28.12 11.70 -1.59
CA ILE D 531 27.73 11.29 -2.91
C ILE D 531 28.49 10.03 -3.36
N GLN D 532 29.80 10.02 -3.20
CA GLN D 532 30.57 8.83 -3.50
C GLN D 532 30.11 7.68 -2.63
N GLU D 533 29.86 7.95 -1.35
CA GLU D 533 29.55 6.89 -0.41
C GLU D 533 28.22 6.21 -0.73
N HIS D 534 27.25 6.98 -1.20
CA HIS D 534 25.96 6.36 -1.49
C HIS D 534 26.04 5.56 -2.78
N PHE D 535 26.87 6.01 -3.71
CA PHE D 535 26.91 5.46 -5.07
C PHE D 535 27.61 4.12 -5.13
N LEU D 536 28.83 4.03 -4.65
CA LEU D 536 29.47 2.73 -4.74
C LEU D 536 28.65 1.73 -3.93
N GLY D 537 28.08 2.19 -2.82
CA GLY D 537 27.16 1.39 -2.06
C GLY D 537 25.99 0.93 -2.91
N LEU D 538 25.66 1.74 -3.92
CA LEU D 538 24.46 1.58 -4.74
C LEU D 538 24.44 0.28 -5.53
N GLY D 539 23.28 -0.40 -5.45
CA GLY D 539 23.14 -1.74 -5.96
C GLY D 539 23.09 -1.88 -7.46
N SER D 540 24.17 -2.45 -8.00
CA SER D 540 24.36 -2.81 -9.42
C SER D 540 25.79 -3.34 -9.57
N SER D 541 26.80 -2.45 -9.69
CA SER D 541 28.19 -2.89 -9.66
C SER D 541 29.18 -1.73 -9.64
N ALA D 542 29.54 -1.27 -8.44
CA ALA D 542 30.63 -0.29 -8.22
C ALA D 542 31.14 0.61 -9.37
N GLY D 543 30.55 0.48 -10.56
CA GLY D 543 30.79 1.44 -11.63
C GLY D 543 29.78 2.51 -11.33
N GLN D 544 30.09 3.34 -10.34
CA GLN D 544 29.11 4.28 -9.82
C GLN D 544 29.74 5.58 -9.33
N PHE D 545 30.85 6.00 -9.90
CA PHE D 545 31.54 7.10 -9.26
C PHE D 545 31.62 8.42 -9.98
N LYS D 546 31.48 8.44 -11.30
CA LYS D 546 31.60 9.74 -11.96
C LYS D 546 30.40 10.59 -11.59
N MET D 547 30.59 11.37 -10.53
CA MET D 547 29.59 12.32 -10.03
C MET D 547 29.32 13.43 -11.06
N PRO D 548 28.05 13.75 -11.27
CA PRO D 548 27.66 14.79 -12.23
C PRO D 548 27.93 16.23 -11.73
N ARG D 549 28.39 17.10 -12.62
CA ARG D 549 29.00 18.38 -12.22
C ARG D 549 28.02 19.58 -12.16
N CYS D 550 27.00 19.61 -13.02
CA CYS D 550 25.96 20.62 -12.90
C CYS D 550 24.57 19.99 -13.01
N VAL D 551 23.70 20.35 -12.08
CA VAL D 551 22.40 19.66 -12.01
C VAL D 551 21.23 20.44 -12.68
N LYS D 552 20.71 19.87 -13.77
CA LYS D 552 19.45 20.29 -14.37
C LYS D 552 18.36 20.03 -13.34
N PRO D 553 17.17 20.62 -13.52
CA PRO D 553 16.00 20.20 -12.74
C PRO D 553 15.76 18.69 -12.69
N SER D 554 16.68 17.86 -13.18
CA SER D 554 16.47 16.41 -13.17
C SER D 554 17.54 15.68 -12.37
N ASN D 555 18.25 16.39 -11.49
CA ASN D 555 19.20 15.72 -10.59
C ASN D 555 18.96 16.01 -9.11
N ALA D 556 18.84 14.96 -8.29
CA ALA D 556 18.25 15.10 -6.95
C ALA D 556 19.10 14.72 -5.76
N LYS D 557 19.98 13.74 -5.93
CA LYS D 557 20.74 13.20 -4.80
C LYS D 557 21.70 14.23 -4.19
N VAL D 558 22.56 14.81 -5.00
CA VAL D 558 23.35 15.92 -4.54
C VAL D 558 22.46 17.11 -4.21
N LEU D 559 21.21 17.08 -4.69
CA LEU D 559 20.31 18.23 -4.57
C LEU D 559 19.61 18.44 -3.21
N GLN D 560 19.28 17.39 -2.45
CA GLN D 560 18.77 17.64 -1.09
C GLN D 560 19.95 18.10 -0.28
N ILE D 561 21.10 17.53 -0.58
CA ILE D 561 22.31 17.89 0.15
C ILE D 561 22.75 19.28 -0.28
N LEU D 562 22.08 19.81 -1.29
CA LEU D 562 22.45 21.11 -1.87
C LEU D 562 22.38 22.30 -0.91
N CYS D 563 21.23 22.51 -0.24
CA CYS D 563 20.90 23.79 0.42
C CYS D 563 21.21 23.96 1.91
N GLU D 564 20.63 23.11 2.75
CA GLU D 564 20.57 23.44 4.17
C GLU D 564 21.92 23.59 4.87
N ASN D 565 23.00 23.08 4.30
CA ASN D 565 24.31 23.48 4.82
C ASN D 565 24.93 24.52 3.94
N VAL D 566 24.13 25.52 3.59
CA VAL D 566 24.73 26.74 3.08
C VAL D 566 25.51 27.30 4.27
N VAL D 567 26.71 26.77 4.49
CA VAL D 567 27.60 27.24 5.53
C VAL D 567 27.81 28.72 5.24
N SER D 568 27.67 29.03 3.96
CA SER D 568 27.41 30.38 3.50
C SER D 568 26.87 30.25 2.08
N SER D 569 26.17 31.27 1.59
CA SER D 569 25.60 31.19 0.25
C SER D 569 25.41 32.59 -0.27
N TYR D 570 26.23 32.95 -1.25
CA TYR D 570 26.22 34.34 -1.64
C TYR D 570 26.09 34.56 -3.13
N PHE D 571 25.46 35.68 -3.42
CA PHE D 571 25.09 36.07 -4.78
C PHE D 571 26.05 37.18 -5.16
N SER D 572 26.47 37.21 -6.41
CA SER D 572 27.50 38.13 -6.87
C SER D 572 27.13 39.58 -6.53
N THR D 573 27.98 40.22 -5.74
CA THR D 573 27.82 41.64 -5.46
C THR D 573 28.59 42.40 -6.54
N ALA D 574 29.35 41.66 -7.34
CA ALA D 574 29.73 42.15 -8.66
C ALA D 574 28.48 42.08 -9.52
N PHE D 575 28.60 42.59 -10.74
CA PHE D 575 27.44 42.73 -11.61
C PHE D 575 26.45 43.77 -11.07
N LEU E 10 72.44 31.05 -12.73
CA LEU E 10 71.14 31.04 -12.04
C LEU E 10 70.87 32.40 -11.42
N PRO E 11 69.69 32.98 -11.69
CA PRO E 11 69.29 34.25 -11.07
C PRO E 11 69.18 34.12 -9.56
N ILE E 12 69.83 34.99 -8.80
CA ILE E 12 69.69 34.97 -7.37
C ILE E 12 68.84 36.13 -6.91
N LEU E 13 67.70 35.83 -6.29
CA LEU E 13 66.83 36.90 -5.78
C LEU E 13 66.93 37.14 -4.28
N LEU E 14 67.12 38.40 -3.89
CA LEU E 14 67.10 38.76 -2.48
C LEU E 14 65.66 39.17 -2.12
N ASP E 15 65.02 38.38 -1.28
CA ASP E 15 63.61 38.62 -0.99
C ASP E 15 63.24 38.59 0.49
N TYR E 16 61.98 38.94 0.75
CA TYR E 16 61.45 39.09 2.08
C TYR E 16 60.02 38.54 2.04
N TRP E 17 59.71 37.59 2.91
CA TRP E 17 58.46 36.81 2.75
C TRP E 17 57.18 37.66 2.55
N PRO E 18 57.04 38.81 3.22
CA PRO E 18 55.81 39.50 2.88
C PRO E 18 56.08 40.68 1.95
N SER E 19 57.14 40.65 1.17
CA SER E 19 57.37 41.81 0.36
C SER E 19 56.44 41.79 -0.87
N MET E 20 55.46 42.70 -0.88
CA MET E 20 54.62 42.97 -2.05
C MET E 20 55.53 43.20 -3.25
N PHE E 21 56.62 43.92 -2.98
CA PHE E 21 57.68 44.22 -3.95
C PHE E 21 58.54 43.02 -4.26
N GLY E 22 58.83 42.23 -3.24
CA GLY E 22 59.49 40.96 -3.47
C GLY E 22 58.62 40.08 -4.35
N MET E 23 57.31 40.14 -4.13
CA MET E 23 56.39 39.36 -4.92
C MET E 23 56.34 39.91 -6.32
N ARG E 24 56.53 41.23 -6.48
CA ARG E 24 56.54 41.84 -7.80
C ARG E 24 57.63 41.18 -8.64
N ALA E 25 58.83 41.02 -8.07
CA ALA E 25 59.94 40.42 -8.79
C ALA E 25 59.74 38.90 -8.95
N ARG E 26 59.18 38.26 -7.91
CA ARG E 26 58.89 36.85 -7.93
C ARG E 26 57.81 36.52 -8.98
N VAL E 27 56.72 37.29 -8.95
CA VAL E 27 55.65 37.08 -9.92
C VAL E 27 56.17 37.33 -11.32
N ALA E 28 56.98 38.37 -11.47
CA ALA E 28 57.48 38.74 -12.77
C ALA E 28 58.27 37.63 -13.40
N LEU E 29 59.27 37.14 -12.66
CA LEU E 29 60.16 36.11 -13.17
C LEU E 29 59.42 34.81 -13.45
N ARG E 30 58.62 34.36 -12.48
CA ARG E 30 57.88 33.11 -12.68
C ARG E 30 56.91 33.23 -13.86
N GLU E 31 56.39 34.44 -14.11
CA GLU E 31 55.45 34.64 -15.20
C GLU E 31 56.17 34.42 -16.52
N LYS E 32 57.43 34.83 -16.56
CA LYS E 32 58.19 34.77 -17.80
C LYS E 32 58.63 33.34 -18.12
N GLY E 33 59.32 32.71 -17.18
CA GLY E 33 59.71 31.33 -17.38
C GLY E 33 61.16 31.04 -17.00
N VAL E 34 61.60 31.61 -15.88
CA VAL E 34 62.95 31.37 -15.37
C VAL E 34 62.92 30.46 -14.15
N GLU E 35 63.90 29.59 -14.00
CA GLU E 35 64.10 28.93 -12.73
C GLU E 35 65.10 29.76 -11.94
N PHE E 36 64.69 30.24 -10.76
CA PHE E 36 65.49 31.19 -9.97
C PHE E 36 65.49 30.76 -8.53
N GLU E 37 66.49 31.24 -7.77
CA GLU E 37 66.59 30.92 -6.36
C GLU E 37 66.29 32.13 -5.49
N TYR E 38 65.48 31.87 -4.48
CA TYR E 38 65.06 32.89 -3.52
C TYR E 38 65.90 32.75 -2.26
N ARG E 39 66.34 33.88 -1.72
CA ARG E 39 67.05 33.92 -0.47
C ARG E 39 66.32 34.87 0.47
N GLU E 40 65.90 34.36 1.62
CA GLU E 40 65.08 35.16 2.52
C GLU E 40 65.98 36.03 3.35
N GLU E 41 65.54 37.28 3.54
CA GLU E 41 66.35 38.31 4.19
C GLU E 41 65.95 38.59 5.63
N ASP E 42 66.96 38.74 6.47
CA ASP E 42 66.80 39.22 7.83
C ASP E 42 67.27 40.63 7.76
N PHE E 43 66.33 41.57 7.61
CA PHE E 43 66.72 42.96 7.35
C PHE E 43 67.48 43.56 8.52
N SER E 44 67.39 42.88 9.64
CA SER E 44 68.28 43.12 10.76
C SER E 44 69.73 42.80 10.40
N ASN E 45 69.93 41.77 9.59
CA ASN E 45 71.28 41.43 9.13
C ASN E 45 71.26 41.37 7.62
N LYS E 46 71.30 42.53 6.97
CA LYS E 46 71.27 42.61 5.51
C LYS E 46 72.54 41.97 4.92
N SER E 47 72.36 41.12 3.90
CA SER E 47 73.43 40.26 3.40
C SER E 47 74.61 41.02 2.78
N PRO E 48 75.79 40.38 2.81
CA PRO E 48 77.02 40.84 2.16
C PRO E 48 76.81 41.09 0.66
N LEU E 49 76.10 40.19 -0.01
CA LEU E 49 75.80 40.36 -1.43
C LEU E 49 74.76 41.43 -1.64
N LEU E 50 73.81 41.49 -0.71
CA LEU E 50 72.80 42.54 -0.73
C LEU E 50 73.37 43.92 -0.38
N LEU E 51 74.20 44.01 0.66
CA LEU E 51 74.81 45.28 0.99
C LEU E 51 75.84 45.66 -0.08
N GLN E 52 76.17 44.72 -0.95
CA GLN E 52 76.98 45.05 -2.11
C GLN E 52 76.04 45.41 -3.26
N SER E 53 74.76 45.01 -3.15
CA SER E 53 73.81 45.31 -4.23
C SER E 53 73.30 46.75 -4.14
N ASN E 54 72.77 47.08 -2.97
CA ASN E 54 72.36 48.45 -2.73
C ASN E 54 72.88 48.88 -1.37
N PRO E 55 74.14 49.32 -1.33
CA PRO E 55 74.82 49.70 -0.09
C PRO E 55 74.15 50.83 0.67
N ILE E 56 73.20 51.52 0.06
CA ILE E 56 72.65 52.69 0.73
C ILE E 56 71.20 52.47 1.05
N HIS E 57 70.40 52.10 0.05
CA HIS E 57 68.99 51.77 0.24
C HIS E 57 68.86 50.55 1.13
N LYS E 58 69.66 49.53 0.78
CA LYS E 58 69.65 48.23 1.45
C LYS E 58 68.28 47.58 1.30
N LYS E 59 67.60 47.88 0.18
CA LYS E 59 66.26 47.34 0.00
C LYS E 59 66.16 46.27 -1.07
N ILE E 60 65.11 45.48 -0.97
CA ILE E 60 64.81 44.39 -1.90
C ILE E 60 63.58 44.80 -2.70
N PRO E 61 63.23 44.04 -3.77
CA PRO E 61 63.84 42.82 -4.28
C PRO E 61 65.06 43.11 -5.15
N VAL E 62 66.09 42.28 -5.03
CA VAL E 62 67.27 42.34 -5.89
C VAL E 62 67.39 41.07 -6.73
N LEU E 63 67.36 41.22 -8.04
CA LEU E 63 67.62 40.05 -8.88
C LEU E 63 69.07 40.17 -9.36
N VAL E 64 69.84 39.10 -9.23
CA VAL E 64 71.24 39.17 -9.62
C VAL E 64 71.49 38.27 -10.80
N HIS E 65 71.87 38.89 -11.92
CA HIS E 65 72.11 38.20 -13.18
C HIS E 65 73.47 38.62 -13.72
N ASN E 66 74.26 37.63 -14.15
CA ASN E 66 75.62 37.88 -14.64
C ASN E 66 76.53 38.57 -13.63
N GLY E 67 76.13 38.53 -12.37
CA GLY E 67 76.84 39.23 -11.31
C GLY E 67 76.57 40.73 -11.34
N LYS E 68 75.41 41.10 -11.87
CA LYS E 68 75.04 42.49 -11.86
C LYS E 68 73.69 42.63 -11.18
N PRO E 69 73.67 43.33 -10.05
CA PRO E 69 72.49 43.54 -9.19
C PRO E 69 71.42 44.36 -9.89
N VAL E 70 70.18 43.86 -9.84
CA VAL E 70 69.10 44.63 -10.41
C VAL E 70 68.13 44.95 -9.26
N CYS E 71 67.88 46.25 -9.05
CA CYS E 71 67.17 46.71 -7.85
C CYS E 71 65.89 47.51 -8.19
N GLU E 72 64.98 47.59 -7.22
CA GLU E 72 63.62 48.18 -7.30
C GLU E 72 62.65 47.25 -8.03
N SER E 73 61.44 47.07 -7.50
CA SER E 73 60.53 46.03 -8.00
C SER E 73 60.09 46.18 -9.44
N LEU E 74 59.52 47.34 -9.77
CA LEU E 74 59.08 47.59 -11.14
C LEU E 74 60.30 47.69 -12.06
N ASN E 75 61.41 48.19 -11.52
CA ASN E 75 62.64 48.16 -12.25
C ASN E 75 62.92 46.72 -12.64
N VAL E 76 62.84 45.82 -11.65
CA VAL E 76 63.13 44.42 -11.86
C VAL E 76 62.17 43.76 -12.82
N VAL E 77 60.88 44.13 -12.82
CA VAL E 77 59.93 43.39 -13.69
C VAL E 77 60.10 43.76 -15.18
N GLN E 78 60.50 45.00 -15.46
CA GLN E 78 60.77 45.31 -16.86
C GLN E 78 62.15 44.79 -17.20
N TYR E 79 62.98 44.58 -16.18
CA TYR E 79 64.21 43.86 -16.38
C TYR E 79 63.86 42.44 -16.83
N VAL E 80 62.81 41.91 -16.23
CA VAL E 80 62.28 40.58 -16.55
C VAL E 80 61.91 40.53 -18.04
N ASP E 81 61.15 41.56 -18.48
CA ASP E 81 60.71 41.64 -19.87
C ASP E 81 61.88 41.58 -20.84
N GLU E 82 62.86 42.44 -20.57
CA GLU E 82 63.96 42.67 -21.50
C GLU E 82 65.03 41.58 -21.44
N ALA E 83 65.11 40.87 -20.32
CA ALA E 83 66.11 39.82 -20.13
C ALA E 83 65.80 38.56 -20.98
N TRP E 84 64.52 38.30 -21.19
CA TRP E 84 64.12 37.17 -22.05
C TRP E 84 62.99 37.59 -23.00
N PRO E 85 63.31 38.36 -24.06
CA PRO E 85 62.31 38.97 -24.94
C PRO E 85 61.85 38.08 -26.11
N GLU E 86 61.49 36.82 -25.85
CA GLU E 86 61.04 35.93 -26.92
C GLU E 86 59.69 35.22 -26.69
N LYS E 87 59.26 35.12 -25.42
CA LYS E 87 58.08 34.33 -25.11
C LYS E 87 56.89 35.13 -24.58
N ASN E 88 56.98 35.56 -23.32
CA ASN E 88 55.88 36.20 -22.63
C ASN E 88 56.16 37.70 -22.46
N PRO E 89 55.62 38.53 -23.36
CA PRO E 89 55.76 39.99 -23.22
C PRO E 89 54.73 40.61 -22.25
N PHE E 90 55.14 41.51 -21.35
CA PHE E 90 54.10 42.07 -20.49
C PHE E 90 53.42 43.31 -21.07
N PHE E 91 54.12 44.02 -21.96
CA PHE E 91 53.61 45.19 -22.66
C PHE E 91 52.99 44.79 -23.99
N PRO E 92 52.09 45.62 -24.51
CA PRO E 92 51.63 45.44 -25.89
C PRO E 92 52.62 46.07 -26.87
N SER E 93 52.32 46.06 -28.17
CA SER E 93 53.33 46.47 -29.16
C SER E 93 53.53 47.98 -29.33
N ASP E 94 52.49 48.79 -29.14
CA ASP E 94 52.63 50.23 -29.36
C ASP E 94 53.36 50.96 -28.24
N PRO E 95 53.94 52.13 -28.50
CA PRO E 95 54.51 52.89 -27.39
C PRO E 95 53.50 53.49 -26.42
N TYR E 96 52.32 53.87 -26.89
CA TYR E 96 51.32 54.53 -26.05
C TYR E 96 50.74 53.68 -24.92
N GLY E 97 50.34 52.44 -25.23
CA GLY E 97 49.84 51.58 -24.16
C GLY E 97 50.96 51.16 -23.24
N ARG E 98 52.21 51.23 -23.73
CA ARG E 98 53.38 51.03 -22.86
C ARG E 98 53.38 52.12 -21.80
N ALA E 99 53.16 53.34 -22.29
CA ALA E 99 53.11 54.53 -21.46
C ALA E 99 51.90 54.50 -20.55
N GLN E 100 50.82 53.91 -21.04
CA GLN E 100 49.61 53.74 -20.23
C GLN E 100 49.89 52.83 -19.04
N ALA E 101 50.49 51.66 -19.33
CA ALA E 101 50.73 50.66 -18.32
C ALA E 101 51.72 51.15 -17.29
N ARG E 102 52.74 51.87 -17.75
CA ARG E 102 53.72 52.43 -16.83
C ARG E 102 53.05 53.49 -16.00
N PHE E 103 52.18 54.25 -16.67
CA PHE E 103 51.40 55.28 -16.04
C PHE E 103 50.66 54.67 -14.86
N TRP E 104 49.89 53.62 -15.12
CA TRP E 104 49.15 52.94 -14.07
C TRP E 104 50.07 52.26 -13.05
N ALA E 105 51.23 51.73 -13.45
CA ALA E 105 52.17 51.18 -12.44
C ALA E 105 52.66 52.26 -11.46
N ASP E 106 52.86 53.48 -11.97
CA ASP E 106 53.20 54.59 -11.12
C ASP E 106 52.06 54.90 -10.14
N PHE E 107 50.83 54.63 -10.57
CA PHE E 107 49.67 54.76 -9.68
C PHE E 107 49.68 53.74 -8.56
N VAL E 108 49.96 52.51 -8.95
CA VAL E 108 50.04 51.42 -8.01
C VAL E 108 50.99 51.85 -6.92
N ASP E 109 52.08 52.49 -7.35
CA ASP E 109 53.14 52.86 -6.40
C ASP E 109 52.96 54.08 -5.44
N LYS E 110 52.09 55.04 -5.76
CA LYS E 110 52.01 56.25 -4.92
C LYS E 110 50.88 56.15 -3.88
N LYS E 111 49.74 56.77 -4.15
CA LYS E 111 48.71 57.00 -3.15
C LYS E 111 48.08 55.67 -2.74
N PHE E 112 48.12 54.74 -3.66
CA PHE E 112 47.64 53.40 -3.42
C PHE E 112 48.44 52.71 -2.33
N THR E 113 49.75 52.60 -2.53
CA THR E 113 50.58 51.87 -1.58
C THR E 113 50.53 52.56 -0.23
N ASP E 114 50.63 53.90 -0.23
CA ASP E 114 50.62 54.68 1.01
C ASP E 114 49.32 54.49 1.78
N ALA E 115 48.17 54.45 1.08
CA ALA E 115 46.86 54.29 1.72
C ALA E 115 46.77 52.95 2.45
N GLN E 116 47.20 51.87 1.79
CA GLN E 116 47.21 50.54 2.44
C GLN E 116 48.18 50.58 3.59
N PHE E 117 49.30 51.21 3.34
CA PHE E 117 50.25 51.45 4.42
C PHE E 117 49.53 52.11 5.62
N LYS E 118 48.73 53.14 5.34
CA LYS E 118 47.88 53.76 6.37
C LYS E 118 46.84 52.77 6.94
N VAL E 119 46.30 51.89 6.11
CA VAL E 119 45.16 51.12 6.56
C VAL E 119 45.55 49.99 7.54
N TRP E 120 46.72 49.35 7.37
CA TRP E 120 47.10 48.29 8.33
C TRP E 120 48.25 48.73 9.24
N GLY E 121 48.85 49.89 8.95
CA GLY E 121 50.00 50.41 9.71
C GLY E 121 49.72 51.46 10.77
N LYS E 122 48.61 52.18 10.64
CA LYS E 122 48.29 53.27 11.56
C LYS E 122 46.84 53.20 11.99
N LYS E 123 46.43 54.14 12.86
CA LYS E 123 45.04 54.12 13.38
C LYS E 123 44.48 55.51 13.69
N GLY E 124 43.16 55.56 13.92
CA GLY E 124 42.47 56.77 14.34
C GLY E 124 42.37 57.77 13.20
N GLU E 125 42.75 59.01 13.52
CA GLU E 125 42.76 60.10 12.55
C GLU E 125 43.53 59.69 11.29
N GLU E 126 44.63 59.00 11.48
CA GLU E 126 45.43 58.51 10.36
C GLU E 126 44.68 57.48 9.53
N GLN E 127 43.99 56.57 10.22
CA GLN E 127 43.38 55.39 9.62
C GLN E 127 42.33 55.73 8.60
N GLU E 128 41.32 56.47 9.06
CA GLU E 128 40.16 56.76 8.20
C GLU E 128 40.58 57.50 6.93
N ALA E 129 41.56 58.40 7.06
CA ALA E 129 42.06 59.13 5.88
C ALA E 129 42.65 58.11 4.91
N GLY E 130 43.48 57.22 5.44
CA GLY E 130 44.00 56.10 4.68
C GLY E 130 42.89 55.22 4.15
N LYS E 131 41.80 55.12 4.89
CA LYS E 131 40.69 54.25 4.46
C LYS E 131 39.90 54.83 3.29
N LYS E 132 39.58 56.11 3.32
CA LYS E 132 38.89 56.73 2.18
C LYS E 132 39.85 56.82 0.98
N GLU E 133 41.15 57.01 1.24
CA GLU E 133 42.13 56.96 0.14
C GLU E 133 42.18 55.63 -0.59
N PHE E 134 42.07 54.52 0.13
CA PHE E 134 42.18 53.24 -0.57
C PHE E 134 40.86 52.86 -1.27
N ILE E 135 39.72 53.29 -0.74
CA ILE E 135 38.44 52.99 -1.42
C ILE E 135 38.44 53.84 -2.68
N GLU E 136 38.98 55.06 -2.59
CA GLU E 136 39.06 55.89 -3.78
C GLU E 136 39.98 55.21 -4.77
N ALA E 137 41.15 54.75 -4.29
CA ALA E 137 42.10 54.08 -5.18
C ALA E 137 41.50 52.84 -5.87
N VAL E 138 40.90 51.94 -5.09
CA VAL E 138 40.28 50.76 -5.67
C VAL E 138 39.15 51.19 -6.65
N LYS E 139 38.55 52.36 -6.41
CA LYS E 139 37.44 52.81 -7.24
C LYS E 139 37.91 53.32 -8.62
N ILE E 140 38.88 54.24 -8.65
CA ILE E 140 39.55 54.63 -9.90
C ILE E 140 40.06 53.38 -10.60
N LEU E 141 40.58 52.45 -9.80
CA LEU E 141 41.11 51.19 -10.30
C LEU E 141 40.12 50.34 -11.04
N GLU E 142 38.95 50.23 -10.42
CA GLU E 142 37.83 49.48 -10.96
C GLU E 142 37.28 50.12 -12.20
N SER E 143 37.39 51.45 -12.25
CA SER E 143 36.97 52.22 -13.43
C SER E 143 37.83 51.81 -14.63
N GLU E 144 39.16 51.86 -14.46
CA GLU E 144 40.06 51.54 -15.57
C GLU E 144 40.20 50.04 -15.86
N LEU E 145 39.94 49.18 -14.86
CA LEU E 145 39.90 47.76 -15.17
C LEU E 145 38.81 47.51 -16.23
N GLY E 146 37.67 48.18 -16.05
CA GLY E 146 36.61 48.22 -17.03
C GLY E 146 36.02 46.87 -17.41
N ASP E 147 36.78 46.10 -18.17
CA ASP E 147 36.31 44.89 -18.82
C ASP E 147 37.43 43.91 -18.91
N LYS E 148 38.63 44.47 -19.07
CA LYS E 148 39.85 43.75 -19.40
C LYS E 148 40.15 42.60 -18.42
N PRO E 149 40.62 41.47 -18.97
CA PRO E 149 41.08 40.34 -18.17
C PRO E 149 42.20 40.77 -17.25
N TYR E 150 42.98 41.73 -17.74
CA TYR E 150 44.18 42.14 -17.05
C TYR E 150 44.35 43.65 -17.19
N PHE E 151 45.56 44.14 -17.42
CA PHE E 151 45.74 45.58 -17.38
C PHE E 151 46.63 46.17 -18.44
N GLY E 152 47.79 45.55 -18.65
CA GLY E 152 48.76 46.13 -19.55
C GLY E 152 48.78 45.56 -20.94
N GLY E 153 47.79 44.76 -21.29
CA GLY E 153 47.71 44.23 -22.64
C GLY E 153 46.48 43.37 -22.70
N ASP E 154 46.39 42.54 -23.73
CA ASP E 154 45.20 41.71 -23.91
C ASP E 154 45.28 40.46 -23.01
N SER E 155 46.45 40.25 -22.40
CA SER E 155 46.70 39.13 -21.48
C SER E 155 47.42 39.60 -20.21
N PHE E 156 47.96 38.66 -19.43
CA PHE E 156 48.72 38.97 -18.21
C PHE E 156 49.81 39.99 -18.56
N GLY E 157 49.74 41.16 -17.92
CA GLY E 157 50.64 42.26 -18.25
C GLY E 157 51.63 42.82 -17.25
N TYR E 158 52.12 44.01 -17.56
CA TYR E 158 53.16 44.62 -16.74
C TYR E 158 52.71 44.99 -15.35
N VAL E 159 51.56 45.67 -15.29
CA VAL E 159 51.08 46.17 -14.03
C VAL E 159 50.16 45.13 -13.34
N ASP E 160 49.74 44.10 -14.07
CA ASP E 160 49.06 42.99 -13.44
C ASP E 160 49.96 42.43 -12.38
N ILE E 161 51.22 42.29 -12.73
CA ILE E 161 52.25 41.91 -11.77
C ILE E 161 52.34 42.94 -10.66
N SER E 162 52.24 44.23 -11.02
CA SER E 162 52.46 45.33 -10.07
C SER E 162 51.43 45.35 -8.94
N LEU E 163 50.16 45.17 -9.25
CA LEU E 163 49.16 45.31 -8.21
C LEU E 163 48.49 44.00 -7.77
N ILE E 164 48.74 42.89 -8.47
CA ILE E 164 48.18 41.60 -8.03
C ILE E 164 48.71 41.22 -6.68
N THR E 165 49.95 41.61 -6.42
CA THR E 165 50.68 41.17 -5.23
C THR E 165 50.13 41.80 -3.94
N PHE E 166 49.33 42.86 -4.06
CA PHE E 166 48.70 43.49 -2.90
C PHE E 166 47.46 42.68 -2.42
N SER E 167 47.03 41.70 -3.21
CA SER E 167 45.77 41.01 -2.94
C SER E 167 45.84 39.95 -1.83
N SER E 168 47.05 39.63 -1.33
CA SER E 168 47.17 38.78 -0.17
C SER E 168 47.17 39.64 1.08
N TRP E 169 47.26 40.95 0.86
CA TRP E 169 47.11 41.92 1.97
C TRP E 169 45.69 42.41 2.13
N PHE E 170 44.84 42.01 1.20
CA PHE E 170 43.44 42.44 1.24
C PHE E 170 42.75 41.97 2.48
N GLN E 171 43.22 40.84 3.00
CA GLN E 171 42.70 40.27 4.23
C GLN E 171 43.02 41.12 5.47
N ALA E 172 44.25 41.60 5.62
CA ALA E 172 44.53 42.45 6.79
C ALA E 172 43.86 43.81 6.66
N TYR E 173 43.65 44.22 5.42
CA TYR E 173 42.98 45.48 5.12
C TYR E 173 41.53 45.37 5.56
N GLU E 174 40.94 44.22 5.27
CA GLU E 174 39.56 43.98 5.61
C GLU E 174 39.37 43.89 7.12
N LYS E 175 40.30 43.25 7.81
CA LYS E 175 40.15 43.04 9.24
C LYS E 175 40.46 44.27 10.09
N PHE E 176 41.65 44.86 9.89
CA PHE E 176 42.05 45.99 10.71
C PHE E 176 41.17 47.16 10.31
N GLY E 177 40.90 47.25 9.01
CA GLY E 177 39.99 48.24 8.50
C GLY E 177 38.60 47.98 9.07
N ASN E 178 38.38 46.73 9.51
CA ASN E 178 37.05 46.15 9.78
C ASN E 178 36.10 46.53 8.66
N PHE E 179 36.66 46.53 7.46
CA PHE E 179 35.98 46.91 6.23
C PHE E 179 35.55 45.70 5.42
N SER E 180 35.17 45.97 4.19
CA SER E 180 34.92 44.98 3.18
C SER E 180 35.09 45.72 1.85
N ILE E 181 36.27 45.64 1.27
CA ILE E 181 36.60 46.50 0.13
C ILE E 181 35.98 45.96 -1.13
N GLU E 182 35.00 45.07 -0.99
CA GLU E 182 34.50 44.38 -2.16
C GLU E 182 33.06 44.80 -2.52
N SER E 183 32.21 45.12 -1.55
CA SER E 183 30.87 45.55 -1.93
C SER E 183 30.92 46.98 -2.44
N GLU E 184 32.06 47.61 -2.19
CA GLU E 184 32.34 48.95 -2.69
C GLU E 184 33.02 48.93 -4.05
N SER E 185 33.87 47.92 -4.28
CA SER E 185 34.56 47.73 -5.54
C SER E 185 34.95 46.25 -5.67
N PRO E 186 34.01 45.44 -6.15
CA PRO E 186 34.07 43.98 -6.24
C PRO E 186 34.92 43.45 -7.36
N LYS E 187 34.91 44.13 -8.52
CA LYS E 187 35.58 43.61 -9.68
C LYS E 187 37.11 43.61 -9.55
N LEU E 188 37.64 44.41 -8.63
CA LEU E 188 39.09 44.42 -8.38
C LEU E 188 39.56 43.13 -7.71
N ILE E 189 39.03 42.83 -6.52
CA ILE E 189 39.35 41.59 -5.80
C ILE E 189 38.98 40.43 -6.70
N ALA E 190 37.85 40.59 -7.37
CA ALA E 190 37.40 39.71 -8.41
C ALA E 190 38.53 39.32 -9.37
N TRP E 191 39.11 40.31 -10.02
CA TRP E 191 40.23 40.11 -10.95
C TRP E 191 41.46 39.48 -10.26
N ALA E 192 41.64 39.73 -8.97
CA ALA E 192 42.82 39.26 -8.26
C ALA E 192 42.79 37.75 -8.04
N LYS E 193 41.63 37.25 -7.64
CA LYS E 193 41.46 35.82 -7.51
C LYS E 193 41.46 35.21 -8.91
N ARG E 194 41.24 36.07 -9.90
CA ARG E 194 41.39 35.59 -11.27
C ARG E 194 42.86 35.45 -11.52
N CYS E 195 43.61 36.50 -11.21
CA CYS E 195 45.05 36.52 -11.48
C CYS E 195 45.83 35.54 -10.65
N MET E 196 45.20 34.92 -9.66
CA MET E 196 45.90 33.95 -8.82
C MET E 196 46.12 32.61 -9.53
N GLU E 197 45.36 32.37 -10.59
CA GLU E 197 45.44 31.08 -11.29
C GLU E 197 46.76 30.94 -12.06
N LYS E 198 47.44 32.06 -12.32
CA LYS E 198 48.76 32.00 -12.95
C LYS E 198 49.79 31.48 -11.96
N GLU E 199 50.58 30.50 -12.38
CA GLU E 199 51.55 29.84 -11.50
C GLU E 199 52.61 30.81 -10.99
N SER E 200 52.68 31.99 -11.62
CA SER E 200 53.61 33.05 -11.26
C SER E 200 53.32 33.67 -9.89
N VAL E 201 52.06 33.73 -9.52
CA VAL E 201 51.69 34.34 -8.26
C VAL E 201 51.17 33.24 -7.31
N SER E 202 50.74 32.12 -7.89
CA SER E 202 50.22 30.98 -7.09
C SER E 202 51.33 30.22 -6.34
N LYS E 203 52.59 30.62 -6.54
CA LYS E 203 53.68 29.92 -5.86
C LYS E 203 54.69 30.92 -5.27
N SER E 204 54.57 32.17 -5.67
CA SER E 204 55.47 33.21 -5.22
C SER E 204 54.94 33.89 -3.96
N LEU E 205 53.62 33.82 -3.76
CA LEU E 205 52.98 34.66 -2.73
C LEU E 205 52.61 33.82 -1.51
N PRO E 206 53.20 34.14 -0.34
CA PRO E 206 52.89 33.57 0.97
C PRO E 206 51.42 33.63 1.35
N ASP E 207 51.09 32.92 2.42
CA ASP E 207 49.71 32.92 2.92
C ASP E 207 49.29 34.24 3.61
N SER E 208 47.99 34.54 3.54
CA SER E 208 47.44 35.79 4.05
C SER E 208 47.24 35.87 5.55
N GLU E 209 46.92 34.74 6.20
CA GLU E 209 46.80 34.73 7.65
C GLU E 209 48.13 35.12 8.28
N LYS E 210 49.23 34.70 7.66
CA LYS E 210 50.57 35.08 8.09
C LYS E 210 50.86 36.54 7.82
N ILE E 211 50.47 36.99 6.62
CA ILE E 211 50.67 38.37 6.21
C ILE E 211 49.84 39.27 7.10
N VAL E 212 48.63 38.81 7.37
CA VAL E 212 47.74 39.42 8.34
C VAL E 212 48.43 39.42 9.72
N ALA E 213 49.11 38.31 10.04
CA ALA E 213 49.76 38.11 11.32
C ALA E 213 50.94 39.05 11.47
N TYR E 214 51.67 39.25 10.37
CA TYR E 214 52.77 40.18 10.35
C TYR E 214 52.26 41.61 10.57
N ALA E 215 51.15 41.95 9.92
CA ALA E 215 50.55 43.26 10.12
C ALA E 215 50.17 43.41 11.58
N ALA E 216 49.71 42.32 12.18
CA ALA E 216 49.29 42.31 13.58
C ALA E 216 50.51 42.48 14.50
N GLU E 217 51.62 41.90 14.10
CA GLU E 217 52.84 42.02 14.89
C GLU E 217 53.37 43.43 14.78
N TYR E 218 53.14 44.04 13.62
CA TYR E 218 53.54 45.43 13.38
C TYR E 218 52.72 46.34 14.27
N ARG E 219 51.42 46.14 14.23
CA ARG E 219 50.46 46.88 15.01
C ARG E 219 50.66 46.76 16.50
N LYS E 220 50.85 45.52 16.95
CA LYS E 220 51.07 45.27 18.34
C LYS E 220 52.34 45.96 18.79
N ASN E 221 53.34 46.02 17.91
CA ASN E 221 54.59 46.68 18.28
C ASN E 221 54.40 48.18 18.50
N ASN E 222 53.67 48.84 17.61
CA ASN E 222 53.62 50.30 17.62
C ASN E 222 52.22 50.84 17.92
N LEU E 223 51.79 50.71 19.17
CA LEU E 223 50.50 51.25 19.56
C LEU E 223 50.60 52.53 20.40
N LEU F 10 50.66 67.43 -35.29
CA LEU F 10 51.76 67.77 -34.38
C LEU F 10 51.37 67.50 -32.93
N PRO F 11 52.23 66.79 -32.17
CA PRO F 11 51.91 66.45 -30.77
C PRO F 11 51.57 67.66 -29.90
N ILE F 12 50.69 67.47 -28.91
CA ILE F 12 50.18 68.55 -28.09
C ILE F 12 50.68 68.33 -26.70
N LEU F 13 51.49 69.29 -26.22
CA LEU F 13 52.09 69.18 -24.88
C LEU F 13 51.32 70.00 -23.84
N LEU F 14 50.68 69.30 -22.91
CA LEU F 14 50.07 69.97 -21.77
C LEU F 14 51.13 70.12 -20.68
N ASP F 15 51.46 71.36 -20.31
CA ASP F 15 52.66 71.58 -19.51
C ASP F 15 52.57 72.82 -18.59
N TYR F 16 53.67 73.06 -17.89
CA TYR F 16 53.78 74.10 -16.89
C TYR F 16 55.20 74.70 -17.02
N TRP F 17 55.30 76.03 -17.14
CA TRP F 17 56.57 76.65 -17.49
C TRP F 17 57.68 76.56 -16.42
N PRO F 18 57.35 76.44 -15.10
CA PRO F 18 58.47 76.25 -14.17
C PRO F 18 58.66 74.78 -13.77
N SER F 19 57.84 73.90 -14.33
CA SER F 19 57.94 72.47 -14.05
C SER F 19 59.16 71.83 -14.69
N MET F 20 60.11 71.38 -13.87
CA MET F 20 61.30 70.68 -14.36
C MET F 20 60.89 69.42 -15.10
N PHE F 21 59.77 68.82 -14.67
CA PHE F 21 59.32 67.58 -15.25
C PHE F 21 58.80 67.80 -16.65
N GLY F 22 58.07 68.91 -16.83
CA GLY F 22 57.59 69.28 -18.14
C GLY F 22 58.81 69.52 -19.02
N MET F 23 59.86 70.10 -18.43
CA MET F 23 61.09 70.40 -19.14
C MET F 23 61.82 69.17 -19.63
N ARG F 24 61.56 68.05 -18.97
CA ARG F 24 62.12 66.78 -19.38
C ARG F 24 61.52 66.45 -20.73
N ALA F 25 60.19 66.53 -20.80
CA ALA F 25 59.44 66.29 -22.04
C ALA F 25 59.89 67.27 -23.11
N ARG F 26 59.95 68.56 -22.74
CA ARG F 26 60.43 69.61 -23.64
C ARG F 26 61.81 69.29 -24.21
N VAL F 27 62.71 68.80 -23.36
CA VAL F 27 64.05 68.49 -23.80
C VAL F 27 64.09 67.26 -24.70
N ALA F 28 63.30 66.23 -24.37
CA ALA F 28 63.32 64.99 -25.17
C ALA F 28 62.83 65.23 -26.60
N LEU F 29 61.63 65.77 -26.73
CA LEU F 29 61.08 66.21 -28.02
C LEU F 29 62.05 67.10 -28.82
N ARG F 30 62.70 68.04 -28.15
CA ARG F 30 63.64 68.92 -28.83
C ARG F 30 64.95 68.23 -29.18
N GLU F 31 65.37 67.29 -28.34
CA GLU F 31 66.62 66.57 -28.57
C GLU F 31 66.51 65.81 -29.88
N LYS F 32 65.28 65.48 -30.25
CA LYS F 32 65.01 64.64 -31.41
C LYS F 32 65.05 65.43 -32.72
N GLY F 33 63.95 66.07 -33.08
CA GLY F 33 63.89 66.91 -34.27
C GLY F 33 62.42 67.06 -34.53
N VAL F 34 61.63 66.84 -33.48
CA VAL F 34 60.18 66.82 -33.56
C VAL F 34 59.59 68.20 -33.36
N GLU F 35 58.76 68.62 -34.31
CA GLU F 35 57.99 69.85 -34.16
C GLU F 35 56.70 69.51 -33.43
N PHE F 36 56.37 70.33 -32.45
CA PHE F 36 55.17 70.12 -31.66
C PHE F 36 54.63 71.42 -31.11
N GLU F 37 53.41 71.40 -30.57
CA GLU F 37 52.78 72.59 -30.05
C GLU F 37 52.78 72.52 -28.54
N TYR F 38 53.24 73.59 -27.93
CA TYR F 38 53.30 73.70 -26.48
C TYR F 38 51.99 74.26 -25.91
N ARG F 39 51.61 73.79 -24.72
CA ARG F 39 50.44 74.37 -24.04
C ARG F 39 50.69 74.66 -22.57
N GLU F 40 50.30 75.85 -22.13
CA GLU F 40 50.43 76.30 -20.75
C GLU F 40 49.17 75.96 -19.96
N GLU F 41 49.33 75.34 -18.80
CA GLU F 41 48.16 74.98 -18.01
C GLU F 41 47.92 75.95 -16.88
N ASP F 42 46.64 76.29 -16.71
CA ASP F 42 46.21 77.04 -15.55
C ASP F 42 45.71 76.00 -14.55
N PHE F 43 46.38 75.89 -13.41
CA PHE F 43 45.98 74.85 -12.45
C PHE F 43 44.80 75.32 -11.60
N SER F 44 44.36 76.54 -11.87
CA SER F 44 43.13 77.08 -11.31
C SER F 44 42.07 77.06 -12.41
N ASN F 45 42.48 76.84 -13.65
CA ASN F 45 41.55 76.73 -14.75
C ASN F 45 42.06 75.73 -15.76
N LYS F 46 42.11 74.48 -15.33
CA LYS F 46 42.67 73.41 -16.14
C LYS F 46 41.85 73.19 -17.41
N SER F 47 42.55 73.18 -18.54
CA SER F 47 41.94 73.08 -19.86
C SER F 47 41.06 71.81 -19.97
N PRO F 48 40.06 71.85 -20.86
CA PRO F 48 39.24 70.68 -21.16
C PRO F 48 40.06 69.47 -21.61
N LEU F 49 41.18 69.73 -22.29
CA LEU F 49 42.04 68.66 -22.77
C LEU F 49 42.82 68.03 -21.62
N LEU F 50 43.26 68.88 -20.69
CA LEU F 50 44.03 68.38 -19.55
C LEU F 50 43.14 67.54 -18.64
N LEU F 51 41.87 67.94 -18.53
CA LEU F 51 40.95 67.20 -17.67
C LEU F 51 40.57 65.92 -18.40
N GLN F 52 40.42 65.99 -19.72
CA GLN F 52 39.96 64.82 -20.48
C GLN F 52 41.08 63.83 -20.80
N SER F 53 42.32 64.24 -20.60
CA SER F 53 43.44 63.32 -20.78
C SER F 53 43.79 62.69 -19.45
N ASN F 54 43.99 63.51 -18.42
CA ASN F 54 44.26 62.93 -17.12
C ASN F 54 43.29 63.40 -16.06
N PRO F 55 42.16 62.72 -15.96
CA PRO F 55 41.07 63.01 -15.04
C PRO F 55 41.34 62.65 -13.59
N ILE F 56 42.42 61.95 -13.23
CA ILE F 56 42.61 61.59 -11.83
C ILE F 56 43.68 62.44 -11.17
N HIS F 57 44.88 62.43 -11.72
CA HIS F 57 45.95 63.26 -11.18
C HIS F 57 45.82 64.70 -11.67
N LYS F 58 45.28 64.87 -12.87
CA LYS F 58 45.09 66.16 -13.53
C LYS F 58 46.43 66.83 -13.69
N LYS F 59 47.44 66.04 -14.08
CA LYS F 59 48.81 66.55 -14.05
C LYS F 59 49.60 66.53 -15.35
N ILE F 60 50.64 67.36 -15.36
CA ILE F 60 51.50 67.59 -16.48
C ILE F 60 52.80 66.84 -16.20
N PRO F 61 53.62 66.59 -17.24
CA PRO F 61 53.32 66.81 -18.66
C PRO F 61 52.35 65.78 -19.24
N VAL F 62 51.74 66.14 -20.37
CA VAL F 62 50.77 65.31 -21.11
C VAL F 62 50.99 65.52 -22.63
N LEU F 63 51.53 64.51 -23.33
CA LEU F 63 51.70 64.61 -24.78
C LEU F 63 50.63 63.86 -25.59
N VAL F 64 49.89 64.58 -26.42
CA VAL F 64 48.89 63.90 -27.22
C VAL F 64 49.48 63.61 -28.59
N HIS F 65 49.56 62.34 -28.92
CA HIS F 65 50.09 61.93 -30.19
C HIS F 65 49.20 60.83 -30.76
N ASN F 66 48.88 60.96 -32.05
CA ASN F 66 47.88 60.11 -32.73
C ASN F 66 46.56 60.03 -31.97
N GLY F 67 46.14 61.12 -31.33
CA GLY F 67 44.94 61.11 -30.52
C GLY F 67 45.09 60.24 -29.29
N LYS F 68 46.34 60.01 -28.90
CA LYS F 68 46.59 59.21 -27.72
C LYS F 68 47.47 59.99 -26.73
N PRO F 69 47.02 60.12 -25.47
CA PRO F 69 47.73 60.95 -24.48
C PRO F 69 48.66 60.22 -23.49
N VAL F 70 49.87 60.78 -23.36
CA VAL F 70 50.92 60.21 -22.49
C VAL F 70 51.11 61.07 -21.23
N CYS F 71 51.00 60.47 -20.07
CA CYS F 71 51.13 61.28 -18.84
C CYS F 71 52.30 60.79 -17.99
N GLU F 72 52.93 61.75 -17.29
CA GLU F 72 54.16 61.60 -16.50
C GLU F 72 55.42 61.95 -17.29
N SER F 73 56.30 62.69 -16.62
CA SER F 73 57.56 63.19 -17.19
C SER F 73 58.41 62.08 -17.75
N LEU F 74 58.71 61.09 -16.89
CA LEU F 74 59.57 59.99 -17.22
C LEU F 74 58.87 59.14 -18.26
N ASN F 75 57.57 58.98 -18.09
CA ASN F 75 56.82 58.16 -19.03
C ASN F 75 56.75 58.76 -20.43
N VAL F 76 56.69 60.09 -20.51
CA VAL F 76 56.61 60.79 -21.80
C VAL F 76 57.91 60.61 -22.54
N VAL F 77 59.00 60.64 -21.78
CA VAL F 77 60.34 60.49 -22.31
C VAL F 77 60.61 59.06 -22.84
N GLN F 78 60.13 58.03 -22.14
CA GLN F 78 60.25 56.67 -22.69
C GLN F 78 59.40 56.52 -23.96
N TYR F 79 58.22 57.12 -23.91
CA TYR F 79 57.32 57.12 -25.06
C TYR F 79 58.00 57.73 -26.27
N VAL F 80 58.74 58.81 -26.04
CA VAL F 80 59.42 59.53 -27.08
C VAL F 80 60.56 58.70 -27.69
N ASP F 81 61.32 57.99 -26.86
CA ASP F 81 62.40 57.18 -27.41
C ASP F 81 61.87 56.03 -28.26
N GLU F 82 60.73 55.45 -27.87
CA GLU F 82 60.20 54.26 -28.54
C GLU F 82 59.36 54.61 -29.76
N ALA F 83 58.76 55.79 -29.72
CA ALA F 83 57.96 56.25 -30.86
C ALA F 83 58.86 56.77 -31.98
N TRP F 84 60.02 57.29 -31.61
CA TRP F 84 61.01 57.73 -32.61
C TRP F 84 62.39 57.13 -32.37
N PRO F 85 62.54 55.81 -32.62
CA PRO F 85 63.79 55.08 -32.41
C PRO F 85 64.67 55.02 -33.64
N GLU F 86 65.01 56.17 -34.23
CA GLU F 86 65.77 56.17 -35.48
C GLU F 86 67.04 57.01 -35.46
N LYS F 87 67.11 58.06 -34.65
CA LYS F 87 68.27 58.94 -34.82
C LYS F 87 69.21 58.94 -33.62
N ASN F 88 68.88 59.77 -32.62
CA ASN F 88 69.67 59.89 -31.39
C ASN F 88 69.01 59.17 -30.20
N PRO F 89 69.34 57.88 -30.01
CA PRO F 89 68.64 57.09 -28.98
C PRO F 89 68.94 57.62 -27.57
N PHE F 90 68.00 57.43 -26.65
CA PHE F 90 68.14 57.92 -25.29
C PHE F 90 68.65 56.87 -24.33
N PHE F 91 68.57 55.61 -24.74
CA PHE F 91 68.97 54.45 -23.94
C PHE F 91 70.12 53.76 -24.67
N PRO F 92 70.89 52.93 -23.96
CA PRO F 92 71.92 52.11 -24.58
C PRO F 92 71.32 50.85 -25.23
N SER F 93 72.14 50.07 -25.91
CA SER F 93 71.60 48.95 -26.67
C SER F 93 71.26 47.79 -25.74
N ASP F 94 72.08 47.61 -24.70
CA ASP F 94 71.90 46.50 -23.76
C ASP F 94 70.84 46.76 -22.67
N PRO F 95 70.10 45.70 -22.28
CA PRO F 95 69.10 45.77 -21.21
C PRO F 95 69.71 46.20 -19.86
N TYR F 96 70.93 45.74 -19.55
CA TYR F 96 71.54 46.12 -18.28
C TYR F 96 71.82 47.62 -18.23
N GLY F 97 72.25 48.18 -19.36
CA GLY F 97 72.55 49.60 -19.44
C GLY F 97 71.27 50.41 -19.29
N ARG F 98 70.21 49.89 -19.90
CA ARG F 98 68.89 50.50 -19.77
C ARG F 98 68.39 50.32 -18.36
N ALA F 99 68.83 49.25 -17.70
CA ALA F 99 68.53 49.06 -16.28
C ALA F 99 69.16 50.17 -15.44
N GLN F 100 70.41 50.48 -15.75
CA GLN F 100 71.14 51.51 -15.00
C GLN F 100 70.50 52.87 -15.22
N ALA F 101 70.03 53.12 -16.44
CA ALA F 101 69.41 54.39 -16.78
C ALA F 101 68.15 54.59 -15.95
N ARG F 102 67.38 53.51 -15.81
CA ARG F 102 66.11 53.54 -15.09
C ARG F 102 66.31 53.59 -13.58
N PHE F 103 67.32 52.86 -13.11
CA PHE F 103 67.72 52.90 -11.72
C PHE F 103 68.04 54.35 -11.34
N TRP F 104 68.75 55.05 -12.23
CA TRP F 104 69.11 56.44 -11.97
C TRP F 104 68.00 57.42 -12.29
N ALA F 105 67.04 56.99 -13.11
CA ALA F 105 65.85 57.79 -13.30
C ALA F 105 65.01 57.78 -12.02
N ASP F 106 65.05 56.65 -11.33
CA ASP F 106 64.26 56.49 -10.10
C ASP F 106 64.90 57.28 -8.96
N PHE F 107 66.24 57.30 -8.94
CA PHE F 107 66.91 58.08 -7.91
C PHE F 107 66.65 59.58 -8.08
N VAL F 108 66.85 60.07 -9.30
CA VAL F 108 66.78 61.49 -9.58
C VAL F 108 65.37 62.00 -9.33
N ASP F 109 64.40 61.22 -9.78
CA ASP F 109 63.01 61.58 -9.61
C ASP F 109 62.49 61.48 -8.18
N LYS F 110 63.07 60.60 -7.36
CA LYS F 110 62.48 60.32 -6.06
C LYS F 110 63.23 60.95 -4.88
N LYS F 111 64.27 60.29 -4.36
CA LYS F 111 65.02 60.77 -3.21
C LYS F 111 65.64 62.11 -3.50
N PHE F 112 66.08 62.28 -4.75
CA PHE F 112 66.75 63.51 -5.16
C PHE F 112 65.77 64.67 -5.26
N THR F 113 64.60 64.41 -5.85
CA THR F 113 63.57 65.42 -6.01
C THR F 113 63.00 65.83 -4.65
N ASP F 114 63.01 64.90 -3.69
CA ASP F 114 62.49 65.18 -2.36
C ASP F 114 63.42 66.13 -1.63
N ALA F 115 64.72 65.83 -1.66
CA ALA F 115 65.74 66.66 -1.04
C ALA F 115 65.80 68.10 -1.60
N GLN F 116 65.67 68.26 -2.92
CA GLN F 116 65.58 69.60 -3.54
C GLN F 116 64.23 70.27 -3.22
N PHE F 117 63.19 69.47 -3.11
CA PHE F 117 61.88 70.00 -2.80
C PHE F 117 61.92 70.74 -1.47
N LYS F 118 62.61 70.14 -0.51
CA LYS F 118 62.76 70.75 0.79
C LYS F 118 63.75 71.92 0.70
N VAL F 119 64.69 71.87 -0.26
CA VAL F 119 65.62 72.97 -0.47
C VAL F 119 64.90 74.25 -0.87
N TRP F 120 63.98 74.15 -1.83
CA TRP F 120 63.34 75.36 -2.35
C TRP F 120 62.00 75.72 -1.66
N GLY F 121 61.35 74.74 -1.03
CA GLY F 121 60.02 75.02 -0.51
C GLY F 121 59.85 74.86 0.99
N LYS F 122 60.95 74.72 1.72
CA LYS F 122 60.86 74.54 3.17
C LYS F 122 61.79 75.45 3.95
N LYS F 123 61.45 75.63 5.24
CA LYS F 123 62.25 76.41 6.18
C LYS F 123 62.66 75.61 7.39
N GLY F 124 63.58 76.13 8.20
CA GLY F 124 64.04 75.45 9.40
C GLY F 124 64.79 74.17 9.17
N GLU F 125 64.44 73.15 9.95
CA GLU F 125 65.10 71.83 9.88
C GLU F 125 65.05 71.14 8.52
N GLU F 126 63.86 71.05 7.94
CA GLU F 126 63.69 70.32 6.70
C GLU F 126 64.60 70.93 5.64
N GLN F 127 64.66 72.26 5.63
CA GLN F 127 65.52 72.96 4.69
C GLN F 127 66.96 72.59 4.99
N GLU F 128 67.28 72.57 6.28
CA GLU F 128 68.64 72.25 6.73
C GLU F 128 68.99 70.76 6.53
N ALA F 129 68.07 69.85 6.88
CA ALA F 129 68.32 68.43 6.68
C ALA F 129 68.43 68.10 5.18
N GLY F 130 67.56 68.76 4.42
CA GLY F 130 67.52 68.60 2.97
C GLY F 130 68.78 69.13 2.32
N LYS F 131 69.41 70.13 2.94
CA LYS F 131 70.68 70.63 2.46
C LYS F 131 71.74 69.56 2.59
N LYS F 132 71.72 68.83 3.71
CA LYS F 132 72.61 67.69 3.91
C LYS F 132 72.33 66.64 2.86
N GLU F 133 71.03 66.42 2.60
CA GLU F 133 70.58 65.41 1.67
C GLU F 133 70.90 65.78 0.26
N PHE F 134 70.66 67.04 -0.09
CA PHE F 134 70.87 67.50 -1.44
C PHE F 134 72.34 67.36 -1.85
N ILE F 135 73.24 67.79 -0.99
CA ILE F 135 74.66 67.63 -1.24
C ILE F 135 75.03 66.15 -1.32
N GLU F 136 74.45 65.33 -0.45
CA GLU F 136 74.83 63.92 -0.37
C GLU F 136 74.46 63.14 -1.62
N ALA F 137 73.22 63.33 -2.07
CA ALA F 137 72.70 62.70 -3.26
C ALA F 137 73.42 63.21 -4.52
N VAL F 138 73.63 64.52 -4.59
CA VAL F 138 74.36 65.12 -5.69
C VAL F 138 75.78 64.59 -5.67
N LYS F 139 76.26 64.27 -4.47
CA LYS F 139 77.59 63.68 -4.32
C LYS F 139 77.52 62.20 -4.77
N ILE F 140 76.39 61.56 -4.47
CA ILE F 140 76.13 60.19 -4.87
C ILE F 140 76.08 60.15 -6.37
N LEU F 141 75.34 61.08 -6.98
CA LEU F 141 75.24 61.19 -8.43
C LEU F 141 76.62 61.38 -9.05
N GLU F 142 77.45 62.17 -8.36
CA GLU F 142 78.80 62.47 -8.76
C GLU F 142 79.68 61.21 -8.83
N SER F 143 79.43 60.27 -7.91
CA SER F 143 80.20 59.03 -7.86
C SER F 143 79.86 58.03 -8.96
N GLU F 144 78.57 57.94 -9.29
CA GLU F 144 78.14 57.02 -10.33
C GLU F 144 78.67 57.52 -11.67
N LEU F 145 78.82 58.84 -11.83
CA LEU F 145 79.33 59.29 -13.12
C LEU F 145 80.69 58.64 -13.35
N GLY F 146 81.34 58.22 -12.28
CA GLY F 146 82.66 57.62 -12.37
C GLY F 146 83.51 58.80 -12.74
N ASP F 147 83.40 59.14 -14.02
CA ASP F 147 83.40 60.52 -14.48
C ASP F 147 83.05 60.51 -15.96
N LYS F 148 81.78 60.83 -16.19
CA LYS F 148 81.06 60.55 -17.43
C LYS F 148 80.45 61.84 -17.98
N PRO F 149 80.57 62.10 -19.29
CA PRO F 149 80.10 63.43 -19.72
C PRO F 149 78.61 63.53 -19.70
N TYR F 150 77.95 62.44 -20.04
CA TYR F 150 76.51 62.33 -19.95
C TYR F 150 76.16 61.21 -19.00
N PHE F 151 75.04 60.55 -19.26
CA PHE F 151 74.47 59.57 -18.35
C PHE F 151 73.92 58.36 -19.11
N GLY F 152 73.03 58.63 -20.06
CA GLY F 152 72.17 57.60 -20.63
C GLY F 152 72.71 56.79 -21.81
N GLY F 153 73.85 57.20 -22.36
CA GLY F 153 74.45 56.51 -23.50
C GLY F 153 75.65 57.36 -23.81
N ASP F 154 76.27 57.21 -24.99
CA ASP F 154 77.48 57.99 -25.28
C ASP F 154 77.16 59.44 -25.57
N SER F 155 75.88 59.73 -25.81
CA SER F 155 75.47 61.10 -26.05
C SER F 155 74.40 61.57 -25.06
N PHE F 156 73.49 62.42 -25.50
CA PHE F 156 72.45 62.89 -24.59
C PHE F 156 71.53 61.72 -24.19
N GLY F 157 71.40 61.51 -22.88
CA GLY F 157 70.81 60.29 -22.33
C GLY F 157 69.56 60.39 -21.47
N TYR F 158 69.05 59.23 -21.08
CA TYR F 158 67.79 59.08 -20.38
C TYR F 158 67.70 59.80 -19.03
N VAL F 159 68.77 59.69 -18.23
CA VAL F 159 68.75 60.27 -16.89
C VAL F 159 69.47 61.64 -16.90
N ASP F 160 70.20 61.95 -17.98
CA ASP F 160 70.62 63.33 -18.20
C ASP F 160 69.40 64.20 -18.38
N ILE F 161 68.48 63.68 -19.20
CA ILE F 161 67.22 64.32 -19.51
C ILE F 161 66.48 64.57 -18.21
N SER F 162 66.43 63.55 -17.36
CA SER F 162 65.75 63.64 -16.09
C SER F 162 66.45 64.66 -15.19
N LEU F 163 67.78 64.61 -15.12
CA LEU F 163 68.51 65.44 -14.18
C LEU F 163 68.79 66.87 -14.66
N ILE F 164 68.76 67.11 -15.96
CA ILE F 164 69.14 68.42 -16.48
C ILE F 164 68.11 69.47 -16.21
N THR F 165 66.85 69.06 -16.10
CA THR F 165 65.78 70.02 -15.85
C THR F 165 65.90 70.61 -14.44
N PHE F 166 66.76 69.97 -13.64
CA PHE F 166 67.11 70.44 -12.31
C PHE F 166 68.27 71.43 -12.39
N SER F 167 68.94 71.47 -13.54
CA SER F 167 69.99 72.46 -13.79
C SER F 167 69.45 73.89 -13.71
N SER F 168 68.17 74.06 -14.04
CA SER F 168 67.60 75.40 -14.08
C SER F 168 67.21 75.85 -12.68
N TRP F 169 67.00 74.86 -11.81
CA TRP F 169 66.67 75.11 -10.41
C TRP F 169 67.93 75.09 -9.57
N PHE F 170 69.07 74.81 -10.20
CA PHE F 170 70.35 74.84 -9.49
C PHE F 170 70.61 76.21 -8.88
N GLN F 171 70.15 77.25 -9.56
CA GLN F 171 70.31 78.63 -9.09
C GLN F 171 69.51 78.85 -7.81
N ALA F 172 68.28 78.31 -7.77
CA ALA F 172 67.39 78.40 -6.60
C ALA F 172 67.95 77.67 -5.38
N TYR F 173 68.69 76.59 -5.63
CA TYR F 173 69.22 75.77 -4.56
C TYR F 173 70.51 76.42 -4.09
N GLU F 174 71.14 77.15 -4.99
CA GLU F 174 72.33 77.92 -4.69
C GLU F 174 71.97 79.03 -3.70
N LYS F 175 70.77 79.59 -3.86
CA LYS F 175 70.33 80.73 -3.04
C LYS F 175 69.51 80.35 -1.80
N PHE F 176 68.50 79.52 -1.97
CA PHE F 176 67.64 79.16 -0.83
C PHE F 176 68.35 78.13 0.01
N GLY F 177 69.09 77.24 -0.65
CA GLY F 177 69.86 76.24 0.07
C GLY F 177 71.21 76.80 0.51
N ASN F 178 71.44 78.07 0.17
CA ASN F 178 72.64 78.79 0.58
C ASN F 178 73.91 77.97 0.40
N PHE F 179 73.97 77.27 -0.73
CA PHE F 179 75.06 76.35 -1.01
C PHE F 179 75.70 76.54 -2.38
N SER F 180 76.94 76.06 -2.50
CA SER F 180 77.55 75.96 -3.83
C SER F 180 77.65 74.49 -4.16
N ILE F 181 76.71 74.01 -4.97
CA ILE F 181 76.76 72.63 -5.42
C ILE F 181 77.85 72.54 -6.46
N GLU F 182 78.45 73.67 -6.80
CA GLU F 182 79.56 73.70 -7.75
C GLU F 182 80.91 73.58 -7.09
N SER F 183 81.17 74.39 -6.07
CA SER F 183 82.43 74.26 -5.37
C SER F 183 82.54 72.89 -4.71
N GLU F 184 81.40 72.30 -4.35
CA GLU F 184 81.39 71.03 -3.65
C GLU F 184 81.21 69.84 -4.61
N SER F 185 80.85 70.19 -5.85
CA SER F 185 80.62 69.23 -6.94
C SER F 185 80.68 69.94 -8.29
N PRO F 186 81.90 70.33 -8.75
CA PRO F 186 82.01 71.21 -9.92
C PRO F 186 81.58 70.48 -11.16
N LYS F 187 81.83 69.18 -11.14
CA LYS F 187 81.56 68.29 -12.25
C LYS F 187 80.10 68.26 -12.68
N LEU F 188 79.19 68.27 -11.71
CA LEU F 188 77.74 68.12 -11.96
C LEU F 188 77.14 69.42 -12.55
N ILE F 189 77.46 70.56 -11.95
CA ILE F 189 76.98 71.85 -12.44
C ILE F 189 77.56 72.01 -13.81
N ALA F 190 78.82 71.61 -13.91
CA ALA F 190 79.52 71.71 -15.18
C ALA F 190 79.10 70.65 -16.21
N TRP F 191 78.52 69.55 -15.71
CA TRP F 191 77.81 68.57 -16.53
C TRP F 191 76.61 69.23 -17.16
N ALA F 192 75.92 70.01 -16.35
CA ALA F 192 74.79 70.82 -16.81
C ALA F 192 75.21 71.84 -17.84
N LYS F 193 76.41 72.41 -17.67
CA LYS F 193 76.85 73.51 -18.50
C LYS F 193 77.40 73.05 -19.84
N ARG F 194 77.84 71.79 -19.91
CA ARG F 194 78.12 71.17 -21.19
C ARG F 194 76.79 70.96 -21.88
N CYS F 195 75.86 70.34 -21.15
CA CYS F 195 74.57 69.96 -21.69
C CYS F 195 73.75 71.16 -22.11
N MET F 196 74.20 72.36 -21.76
CA MET F 196 73.48 73.60 -22.09
C MET F 196 73.87 74.11 -23.46
N GLU F 197 74.96 73.57 -24.01
CA GLU F 197 75.41 73.97 -25.35
C GLU F 197 74.39 73.42 -26.33
N LYS F 198 73.68 72.39 -25.88
CA LYS F 198 72.63 71.75 -26.67
C LYS F 198 71.34 72.56 -26.65
N GLU F 199 70.68 72.62 -27.81
CA GLU F 199 69.53 73.50 -27.98
C GLU F 199 68.27 72.95 -27.32
N SER F 200 68.30 71.68 -26.94
CA SER F 200 67.12 71.14 -26.27
C SER F 200 66.92 71.82 -24.94
N VAL F 201 68.01 71.98 -24.19
CA VAL F 201 67.96 72.62 -22.88
C VAL F 201 68.20 74.13 -23.00
N SER F 202 68.77 74.54 -24.12
CA SER F 202 68.99 75.95 -24.42
C SER F 202 67.68 76.63 -24.81
N LYS F 203 66.69 75.86 -25.23
CA LYS F 203 65.39 76.43 -25.59
C LYS F 203 64.21 75.88 -24.78
N SER F 204 64.45 74.82 -24.00
CA SER F 204 63.35 74.22 -23.24
C SER F 204 63.31 74.78 -21.84
N LEU F 205 64.47 74.89 -21.21
CA LEU F 205 64.48 75.30 -19.81
C LEU F 205 64.38 76.81 -19.73
N PRO F 206 63.47 77.30 -18.87
CA PRO F 206 63.33 78.74 -18.76
C PRO F 206 64.56 79.36 -18.12
N ASP F 207 64.60 80.68 -18.11
CA ASP F 207 65.64 81.42 -17.43
C ASP F 207 65.62 81.03 -15.98
N SER F 208 66.80 80.85 -15.38
CA SER F 208 66.86 80.37 -14.00
C SER F 208 66.46 81.48 -13.05
N GLU F 209 66.62 82.71 -13.51
CA GLU F 209 66.17 83.90 -12.78
C GLU F 209 64.66 83.86 -12.55
N LYS F 210 63.92 83.45 -13.58
CA LYS F 210 62.47 83.34 -13.44
C LYS F 210 62.10 82.17 -12.52
N ILE F 211 62.89 81.10 -12.56
CA ILE F 211 62.65 79.92 -11.73
C ILE F 211 62.97 80.27 -10.31
N VAL F 212 64.00 81.11 -10.15
CA VAL F 212 64.43 81.53 -8.83
C VAL F 212 63.36 82.42 -8.20
N ALA F 213 62.70 83.25 -9.01
CA ALA F 213 61.67 84.14 -8.50
C ALA F 213 60.33 83.41 -8.28
N TYR F 214 60.03 82.41 -9.11
CA TYR F 214 58.78 81.68 -8.93
C TYR F 214 58.83 80.91 -7.60
N ALA F 215 59.99 80.35 -7.26
CA ALA F 215 60.07 79.58 -6.03
C ALA F 215 60.00 80.49 -4.81
N ALA F 216 60.56 81.69 -4.92
CA ALA F 216 60.51 82.63 -3.83
C ALA F 216 59.07 83.06 -3.66
N GLU F 217 58.44 83.30 -4.80
CA GLU F 217 57.04 83.71 -4.81
C GLU F 217 56.12 82.61 -4.31
N TYR F 218 56.49 81.36 -4.59
CA TYR F 218 55.79 80.22 -4.01
C TYR F 218 55.85 80.28 -2.52
N ARG F 219 56.97 80.83 -2.02
CA ARG F 219 57.25 80.90 -0.59
C ARG F 219 56.44 82.02 0.06
N LYS F 220 55.98 82.98 -0.75
CA LYS F 220 55.17 84.11 -0.27
C LYS F 220 53.71 83.71 0.01
N ASN F 221 53.22 82.75 -0.78
CA ASN F 221 51.81 82.37 -0.80
C ASN F 221 51.40 81.33 0.25
N ASN F 222 52.24 80.33 0.49
CA ASN F 222 51.94 79.31 1.51
C ASN F 222 52.92 79.46 2.70
N LEU F 223 52.40 79.65 3.91
CA LEU F 223 53.28 79.73 5.09
C LEU F 223 53.38 78.36 5.73
#